data_9NQT
# 
_entry.id   9NQT 
# 
_audit_conform.dict_name       mmcif_pdbx.dic 
_audit_conform.dict_version    5.403 
_audit_conform.dict_location   http://mmcif.pdb.org/dictionaries/ascii/mmcif_pdbx.dic 
# 
loop_
_database_2.database_id 
_database_2.database_code 
_database_2.pdbx_database_accession 
_database_2.pdbx_DOI 
PDB   9NQT         pdb_00009nqt 10.2210/pdb9nqt/pdb 
WWPDB D_1000294009 ?            ?                   
# 
_pdbx_audit_revision_history.ordinal             1 
_pdbx_audit_revision_history.data_content_type   'Structure model' 
_pdbx_audit_revision_history.major_revision      1 
_pdbx_audit_revision_history.minor_revision      0 
_pdbx_audit_revision_history.revision_date       2025-04-30 
_pdbx_audit_revision_history.part_number         ? 
# 
_pdbx_audit_revision_details.ordinal             1 
_pdbx_audit_revision_details.revision_ordinal    1 
_pdbx_audit_revision_details.data_content_type   'Structure model' 
_pdbx_audit_revision_details.provider            repository 
_pdbx_audit_revision_details.type                'Initial release' 
_pdbx_audit_revision_details.description         ? 
_pdbx_audit_revision_details.details             ? 
# 
_pdbx_database_status.status_code                     REL 
_pdbx_database_status.status_code_sf                  REL 
_pdbx_database_status.status_code_mr                  ? 
_pdbx_database_status.entry_id                        9NQT 
_pdbx_database_status.recvd_initial_deposition_date   2025-03-13 
_pdbx_database_status.SG_entry                        N 
_pdbx_database_status.deposit_site                    RCSB 
_pdbx_database_status.process_site                    RCSB 
_pdbx_database_status.status_code_cs                  ? 
_pdbx_database_status.status_code_nmr_data            ? 
_pdbx_database_status.methods_development_category    ? 
_pdbx_database_status.pdb_format_compatible           Y 
# 
_pdbx_contact_author.id                 4 
_pdbx_contact_author.email              rs17@nyu.edu 
_pdbx_contact_author.name_first         Ruojie 
_pdbx_contact_author.name_last          Sha 
_pdbx_contact_author.name_mi            ? 
_pdbx_contact_author.role               'principal investigator/group leader' 
_pdbx_contact_author.identifier_ORCID   0000-0002-0807-734X 
# 
loop_
_audit_author.name 
_audit_author.pdbx_ordinal 
_audit_author.identifier_ORCID 
'Horvath, A.'   1 0009-0008-5770-8014 
'Vecchioni, S.' 2 0000-0001-8243-650X 
'Woloszyn, K.'  3 0000-0003-1200-583X 
'Ohayon, Y.P.'  4 0000-0001-7500-4282 
'Sha, R.'       5 0000-0002-0807-734X 
# 
_citation.abstract                  ? 
_citation.abstract_id_CAS           ? 
_citation.book_id_ISBN              ? 
_citation.book_publisher            ? 
_citation.book_publisher_city       ? 
_citation.book_title                ? 
_citation.coordinate_linkage        ? 
_citation.country                   ? 
_citation.database_id_Medline       ? 
_citation.details                   ? 
_citation.id                        primary 
_citation.journal_abbrev            'To Be Published' 
_citation.journal_id_ASTM           ? 
_citation.journal_id_CSD            0353 
_citation.journal_id_ISSN           ? 
_citation.journal_full              ? 
_citation.journal_issue             ? 
_citation.journal_volume            ? 
_citation.language                  ? 
_citation.page_first                ? 
_citation.page_last                 ? 
_citation.title                     'Shifted tensegrity triangles' 
_citation.year                      ? 
_citation.database_id_CSD           ? 
_citation.pdbx_database_id_DOI      ? 
_citation.pdbx_database_id_PubMed   ? 
_citation.pdbx_database_id_patent   ? 
_citation.unpublished_flag          ? 
# 
loop_
_citation_author.citation_id 
_citation_author.name 
_citation_author.ordinal 
_citation_author.identifier_ORCID 
primary 'Horvath, A.'   1 0009-0008-5770-8014 
primary 'Vecchioni, S.' 2 0000-0001-8243-650X 
primary 'Woloszyn, K.'  3 0000-0003-1200-583X 
primary 'Ohayon, Y.P.'  4 0000-0001-7500-4282 
primary 'Sha, R.'       5 0000-0002-0807-734X 
# 
loop_
_entity.id 
_entity.type 
_entity.src_method 
_entity.pdbx_description 
_entity.formula_weight 
_entity.pdbx_number_of_molecules 
_entity.pdbx_ec 
_entity.pdbx_mutation 
_entity.pdbx_fragment 
_entity.details 
1 polymer syn 
;DNA (5'-D(*GP*AP*GP*CP*CP*TP*G)-3')
;
2138.423 1 ? ? ? ? 
2 polymer syn 
;DNA (5'-D(P*AP*GP*GP*AP*CP*AP*CP*AP*GP*CP*TP*AP*CP*A)-3')
;
4282.820 1 ? ? ? ? 
3 polymer syn 
;DNA (5'-D(P*CP*AP*CP*CP*T)-3')
;
1439.988 1 ? ? ? ? 
4 polymer syn 
;DNA (5'-D(*TP*CP*TP*GP*TP*AP*GP*CP*TP*GP*TP*GP*TP*GP*GP*C)-3')
;
4936.187 1 ? ? ? ? 
# 
loop_
_entity_poly.entity_id 
_entity_poly.type 
_entity_poly.nstd_linkage 
_entity_poly.nstd_monomer 
_entity_poly.pdbx_seq_one_letter_code 
_entity_poly.pdbx_seq_one_letter_code_can 
_entity_poly.pdbx_strand_id 
_entity_poly.pdbx_target_identifier 
1 polydeoxyribonucleotide no no '(DG)(DA)(DG)(DC)(DC)(DT)(DG)'                                     GAGCCTG          A ? 
2 polydeoxyribonucleotide no no '(DA)(DG)(DG)(DA)(DC)(DA)(DC)(DA)(DG)(DC)(DT)(DA)(DC)(DA)'         AGGACACAGCTACA   B ? 
3 polydeoxyribonucleotide no no '(DC)(DA)(DC)(DC)(DT)'                                             CACCT            C ? 
4 polydeoxyribonucleotide no no '(DT)(DC)(DT)(DG)(DT)(DA)(DG)(DC)(DT)(DG)(DT)(DG)(DT)(DG)(DG)(DC)' TCTGTAGCTGTGTGGC D ? 
# 
loop_
_entity_poly_seq.entity_id 
_entity_poly_seq.num 
_entity_poly_seq.mon_id 
_entity_poly_seq.hetero 
1 1  DG n 
1 2  DA n 
1 3  DG n 
1 4  DC n 
1 5  DC n 
1 6  DT n 
1 7  DG n 
2 1  DA n 
2 2  DG n 
2 3  DG n 
2 4  DA n 
2 5  DC n 
2 6  DA n 
2 7  DC n 
2 8  DA n 
2 9  DG n 
2 10 DC n 
2 11 DT n 
2 12 DA n 
2 13 DC n 
2 14 DA n 
3 1  DC n 
3 2  DA n 
3 3  DC n 
3 4  DC n 
3 5  DT n 
4 1  DT n 
4 2  DC n 
4 3  DT n 
4 4  DG n 
4 5  DT n 
4 6  DA n 
4 7  DG n 
4 8  DC n 
4 9  DT n 
4 10 DG n 
4 11 DT n 
4 12 DG n 
4 13 DT n 
4 14 DG n 
4 15 DG n 
4 16 DC n 
# 
loop_
_pdbx_entity_src_syn.entity_id 
_pdbx_entity_src_syn.pdbx_src_id 
_pdbx_entity_src_syn.pdbx_alt_source_flag 
_pdbx_entity_src_syn.pdbx_beg_seq_num 
_pdbx_entity_src_syn.pdbx_end_seq_num 
_pdbx_entity_src_syn.organism_scientific 
_pdbx_entity_src_syn.organism_common_name 
_pdbx_entity_src_syn.ncbi_taxonomy_id 
_pdbx_entity_src_syn.details 
1 1 sample 1 7  'synthetic construct' ? 32630 ? 
2 1 sample 1 14 'synthetic construct' ? 32630 ? 
3 1 sample 1 5  'synthetic construct' ? 32630 ? 
4 1 sample 1 16 'synthetic construct' ? 32630 ? 
# 
loop_
_chem_comp.id 
_chem_comp.type 
_chem_comp.mon_nstd_flag 
_chem_comp.name 
_chem_comp.pdbx_synonyms 
_chem_comp.formula 
_chem_comp.formula_weight 
DA 'DNA linking' y "2'-DEOXYADENOSINE-5'-MONOPHOSPHATE" ? 'C10 H14 N5 O6 P' 331.222 
DC 'DNA linking' y "2'-DEOXYCYTIDINE-5'-MONOPHOSPHATE"  ? 'C9 H14 N3 O7 P'  307.197 
DG 'DNA linking' y "2'-DEOXYGUANOSINE-5'-MONOPHOSPHATE" ? 'C10 H14 N5 O7 P' 347.221 
DT 'DNA linking' y "THYMIDINE-5'-MONOPHOSPHATE"         ? 'C10 H15 N2 O8 P' 322.208 
# 
loop_
_pdbx_poly_seq_scheme.asym_id 
_pdbx_poly_seq_scheme.entity_id 
_pdbx_poly_seq_scheme.seq_id 
_pdbx_poly_seq_scheme.mon_id 
_pdbx_poly_seq_scheme.ndb_seq_num 
_pdbx_poly_seq_scheme.pdb_seq_num 
_pdbx_poly_seq_scheme.auth_seq_num 
_pdbx_poly_seq_scheme.pdb_mon_id 
_pdbx_poly_seq_scheme.auth_mon_id 
_pdbx_poly_seq_scheme.pdb_strand_id 
_pdbx_poly_seq_scheme.pdb_ins_code 
_pdbx_poly_seq_scheme.hetero 
A 1 1  DG 1  5  5  DG DG A . n 
A 1 2  DA 2  6  6  DA DA A . n 
A 1 3  DG 3  7  7  DG DG A . n 
A 1 4  DC 4  8  8  DC DC A . n 
A 1 5  DC 5  9  9  DC DC A . n 
A 1 6  DT 6  10 10 DT DT A . n 
A 1 7  DG 7  11 11 DG DG A . n 
B 2 1  DA 1  1  1  DA DA B . n 
B 2 2  DG 2  2  2  DG DG B . n 
B 2 3  DG 3  3  3  DG DG B . n 
B 2 4  DA 4  4  4  DA DA B . n 
B 2 5  DC 5  5  5  DC DC B . n 
B 2 6  DA 6  6  6  DA DA B . n 
B 2 7  DC 7  7  7  DC DC B . n 
B 2 8  DA 8  8  8  DA DA B . n 
B 2 9  DG 9  9  9  DG DG B . n 
B 2 10 DC 10 10 10 DC DC B . n 
B 2 11 DT 11 11 11 DT DT B . n 
B 2 12 DA 12 12 12 DA DA B . n 
B 2 13 DC 13 13 13 DC DC B . n 
B 2 14 DA 14 14 14 DA DA B . n 
C 3 1  DC 1  1  1  DC DC C . n 
C 3 2  DA 2  2  2  DA DA C . n 
C 3 3  DC 3  3  3  DC DC C . n 
C 3 4  DC 4  4  4  DC DC C . n 
C 3 5  DT 5  5  5  DT DT C . n 
D 4 1  DT 1  -4 -4 DT DT D . n 
D 4 2  DC 2  -3 -3 DC DC D . n 
D 4 3  DT 3  -2 -2 DT DT D . n 
D 4 4  DG 4  -1 -1 DG DG D . n 
D 4 5  DT 5  0  0  DT DT D . n 
D 4 6  DA 6  1  1  DA DA D . n 
D 4 7  DG 7  2  2  DG DG D . n 
D 4 8  DC 8  3  3  DC DC D . n 
D 4 9  DT 9  4  4  DT DT D . n 
D 4 10 DG 10 5  5  DG DG D . n 
D 4 11 DT 11 6  6  DT DT D . n 
D 4 12 DG 12 7  7  DG DG D . n 
D 4 13 DT 13 8  8  DT DT D . n 
D 4 14 DG 14 9  9  DG DG D . n 
D 4 15 DG 15 10 10 DG DG D . n 
D 4 16 DC 16 11 11 DC DC D . n 
# 
loop_
_software.citation_id 
_software.classification 
_software.compiler_name 
_software.compiler_version 
_software.contact_author 
_software.contact_author_email 
_software.date 
_software.description 
_software.dependencies 
_software.hardware 
_software.language 
_software.location 
_software.mods 
_software.name 
_software.os 
_software.os_version 
_software.type 
_software.version 
_software.pdbx_ordinal 
? refinement       ? ? ? ? ? ? ? ? ? ? ? PHENIX    ? ? ? 1.20.1_4487 1 
? 'data reduction' ? ? ? ? ? ? ? ? ? ? ? autoPROC  ? ? ? .           2 
? 'data scaling'   ? ? ? ? ? ? ? ? ? ? ? STARANISO ? ? ? .           3 
? phasing          ? ? ? ? ? ? ? ? ? ? ? PHASER    ? ? ? .           4 
# 
_cell.angle_alpha                  90.000 
_cell.angle_alpha_esd              ? 
_cell.angle_beta                   90.000 
_cell.angle_beta_esd               ? 
_cell.angle_gamma                  120.000 
_cell.angle_gamma_esd              ? 
_cell.entry_id                     9NQT 
_cell.details                      ? 
_cell.formula_units_Z              ? 
_cell.length_a                     68.521 
_cell.length_a_esd                 ? 
_cell.length_b                     68.521 
_cell.length_b_esd                 ? 
_cell.length_c                     59.634 
_cell.length_c_esd                 ? 
_cell.volume                       242477.786 
_cell.volume_esd                   ? 
_cell.Z_PDB                        3 
_cell.reciprocal_angle_alpha       ? 
_cell.reciprocal_angle_beta        ? 
_cell.reciprocal_angle_gamma       ? 
_cell.reciprocal_angle_alpha_esd   ? 
_cell.reciprocal_angle_beta_esd    ? 
_cell.reciprocal_angle_gamma_esd   ? 
_cell.reciprocal_length_a          ? 
_cell.reciprocal_length_b          ? 
_cell.reciprocal_length_c          ? 
_cell.reciprocal_length_a_esd      ? 
_cell.reciprocal_length_b_esd      ? 
_cell.reciprocal_length_c_esd      ? 
_cell.pdbx_unique_axis             ? 
_cell.pdbx_esd_method              ? 
# 
_symmetry.entry_id                         9NQT 
_symmetry.cell_setting                     ? 
_symmetry.Int_Tables_number                145 
_symmetry.space_group_name_Hall            'P 32' 
_symmetry.space_group_name_H-M             'P 32' 
_symmetry.pdbx_full_space_group_name_H-M   ? 
# 
_exptl.absorpt_coefficient_mu     ? 
_exptl.absorpt_correction_T_max   ? 
_exptl.absorpt_correction_T_min   ? 
_exptl.absorpt_correction_type    ? 
_exptl.absorpt_process_details    ? 
_exptl.entry_id                   9NQT 
_exptl.crystals_number            1 
_exptl.details                    ? 
_exptl.method                     'X-RAY DIFFRACTION' 
_exptl.method_details             ? 
# 
_exptl_crystal.colour                       ? 
_exptl_crystal.density_diffrn               ? 
_exptl_crystal.density_Matthews             6.32 
_exptl_crystal.density_method               ? 
_exptl_crystal.density_percent_sol          80.53 
_exptl_crystal.description                  ? 
_exptl_crystal.F_000                        ? 
_exptl_crystal.id                           1 
_exptl_crystal.preparation                  ? 
_exptl_crystal.size_max                     ? 
_exptl_crystal.size_mid                     ? 
_exptl_crystal.size_min                     ? 
_exptl_crystal.size_rad                     ? 
_exptl_crystal.colour_lustre                ? 
_exptl_crystal.colour_modifier              ? 
_exptl_crystal.colour_primary               ? 
_exptl_crystal.density_meas                 ? 
_exptl_crystal.density_meas_esd             ? 
_exptl_crystal.density_meas_gt              ? 
_exptl_crystal.density_meas_lt              ? 
_exptl_crystal.density_meas_temp            ? 
_exptl_crystal.density_meas_temp_esd        ? 
_exptl_crystal.density_meas_temp_gt         ? 
_exptl_crystal.density_meas_temp_lt         ? 
_exptl_crystal.pdbx_crystal_image_url       ? 
_exptl_crystal.pdbx_crystal_image_format    ? 
_exptl_crystal.pdbx_mosaicity               ? 
_exptl_crystal.pdbx_mosaicity_esd           ? 
_exptl_crystal.pdbx_mosaic_method           ? 
_exptl_crystal.pdbx_mosaic_block_size       ? 
_exptl_crystal.pdbx_mosaic_block_size_esd   ? 
# 
_exptl_crystal_grow.apparatus       ? 
_exptl_crystal_grow.atmosphere      ? 
_exptl_crystal_grow.crystal_id      1 
_exptl_crystal_grow.details         ? 
_exptl_crystal_grow.method          'VAPOR DIFFUSION, HANGING DROP' 
_exptl_crystal_grow.method_ref      ? 
_exptl_crystal_grow.pH              ? 
_exptl_crystal_grow.pressure        ? 
_exptl_crystal_grow.pressure_esd    ? 
_exptl_crystal_grow.seeding         ? 
_exptl_crystal_grow.seeding_ref     ? 
_exptl_crystal_grow.temp_details    '338-293 at 0.4/hr' 
_exptl_crystal_grow.temp_esd        ? 
_exptl_crystal_grow.time            ? 
_exptl_crystal_grow.pdbx_details    '100 mM MOPS, 1.25 M magnesium sulfate' 
_exptl_crystal_grow.pdbx_pH_range   ? 
_exptl_crystal_grow.temp            293 
# 
_diffrn.ambient_environment              ? 
_diffrn.ambient_temp                     100 
_diffrn.ambient_temp_details             ? 
_diffrn.ambient_temp_esd                 ? 
_diffrn.crystal_id                       1 
_diffrn.crystal_support                  ? 
_diffrn.crystal_treatment                ? 
_diffrn.details                          ? 
_diffrn.id                               1 
_diffrn.ambient_pressure                 ? 
_diffrn.ambient_pressure_esd             ? 
_diffrn.ambient_pressure_gt              ? 
_diffrn.ambient_pressure_lt              ? 
_diffrn.ambient_temp_gt                  ? 
_diffrn.ambient_temp_lt                  ? 
_diffrn.pdbx_serial_crystal_experiment   N 
# 
_diffrn_detector.details                      ? 
_diffrn_detector.detector                     PIXEL 
_diffrn_detector.diffrn_id                    1 
_diffrn_detector.type                         'DECTRIS EIGER X 9M' 
_diffrn_detector.area_resol_mean              ? 
_diffrn_detector.dtime                        ? 
_diffrn_detector.pdbx_frames_total            ? 
_diffrn_detector.pdbx_collection_time_total   ? 
_diffrn_detector.pdbx_collection_date         2022-10-16 
_diffrn_detector.pdbx_frequency               ? 
_diffrn_detector.id                           ? 
_diffrn_detector.number_of_axes               ? 
# 
_diffrn_radiation.collimation                      ? 
_diffrn_radiation.diffrn_id                        1 
_diffrn_radiation.filter_edge                      ? 
_diffrn_radiation.inhomogeneity                    ? 
_diffrn_radiation.monochromator                    ? 
_diffrn_radiation.polarisn_norm                    ? 
_diffrn_radiation.polarisn_ratio                   ? 
_diffrn_radiation.probe                            ? 
_diffrn_radiation.type                             ? 
_diffrn_radiation.xray_symbol                      ? 
_diffrn_radiation.wavelength_id                    1 
_diffrn_radiation.pdbx_monochromatic_or_laue_m_l   M 
_diffrn_radiation.pdbx_wavelength_list             ? 
_diffrn_radiation.pdbx_wavelength                  ? 
_diffrn_radiation.pdbx_diffrn_protocol             'SINGLE WAVELENGTH' 
_diffrn_radiation.pdbx_analyzer                    ? 
_diffrn_radiation.pdbx_scattering_type             x-ray 
# 
_diffrn_radiation_wavelength.id           1 
_diffrn_radiation_wavelength.wavelength   1.00001 
_diffrn_radiation_wavelength.wt           1.0 
# 
_diffrn_source.current                     ? 
_diffrn_source.details                     ? 
_diffrn_source.diffrn_id                   1 
_diffrn_source.power                       ? 
_diffrn_source.size                        ? 
_diffrn_source.source                      SYNCHROTRON 
_diffrn_source.target                      ? 
_diffrn_source.type                        'APS BEAMLINE 17-ID' 
_diffrn_source.voltage                     ? 
_diffrn_source.take-off_angle              ? 
_diffrn_source.pdbx_wavelength_list        1.00001 
_diffrn_source.pdbx_wavelength             ? 
_diffrn_source.pdbx_synchrotron_beamline   17-ID 
_diffrn_source.pdbx_synchrotron_site       APS 
# 
_reflns.B_iso_Wilson_estimate                          333.41 
_reflns.entry_id                                       9NQT 
_reflns.data_reduction_details                         ? 
_reflns.data_reduction_method                          ? 
_reflns.d_resolution_high                              6.090 
_reflns.d_resolution_low                               59.341 
_reflns.details                                        ? 
_reflns.limit_h_max                                    ? 
_reflns.limit_h_min                                    ? 
_reflns.limit_k_max                                    ? 
_reflns.limit_k_min                                    ? 
_reflns.limit_l_max                                    ? 
_reflns.limit_l_min                                    ? 
_reflns.number_all                                     ? 
_reflns.number_obs                                     612 
_reflns.observed_criterion                             ? 
_reflns.observed_criterion_F_max                       ? 
_reflns.observed_criterion_F_min                       ? 
_reflns.observed_criterion_I_max                       ? 
_reflns.observed_criterion_I_min                       ? 
_reflns.observed_criterion_sigma_F                     ? 
_reflns.observed_criterion_sigma_I                     ? 
_reflns.percent_possible_obs                           86.7 
_reflns.R_free_details                                 ? 
_reflns.Rmerge_F_all                                   ? 
_reflns.Rmerge_F_obs                                   ? 
_reflns.Friedel_coverage                               ? 
_reflns.number_gt                                      ? 
_reflns.threshold_expression                           ? 
_reflns.pdbx_redundancy                                10.4 
_reflns.pdbx_netI_over_av_sigmaI                       ? 
_reflns.pdbx_netI_over_sigmaI                          7.0 
_reflns.pdbx_res_netI_over_av_sigmaI_2                 ? 
_reflns.pdbx_res_netI_over_sigmaI_2                    ? 
_reflns.pdbx_chi_squared                               ? 
_reflns.pdbx_scaling_rejects                           ? 
_reflns.pdbx_d_res_high_opt                            ? 
_reflns.pdbx_d_res_low_opt                             ? 
_reflns.pdbx_d_res_opt_method                          ? 
_reflns.phase_calculation_details                      ? 
_reflns.pdbx_Rrim_I_all                                ? 
_reflns.pdbx_Rpim_I_all                                ? 
_reflns.pdbx_d_opt                                     ? 
_reflns.pdbx_number_measured_all                       ? 
_reflns.pdbx_diffrn_id                                 1 
_reflns.pdbx_ordinal                                   1 
_reflns.pdbx_CC_half                                   0.996 
_reflns.pdbx_CC_star                                   ? 
_reflns.pdbx_R_split                                   ? 
_reflns.pdbx_Rmerge_I_obs                              ? 
_reflns.pdbx_Rmerge_I_all                              ? 
_reflns.pdbx_Rsym_value                                ? 
_reflns.pdbx_CC_split_method                           ? 
_reflns.pdbx_aniso_diffraction_limit_axis_1_ortho[1]   ? 
_reflns.pdbx_aniso_diffraction_limit_axis_1_ortho[2]   ? 
_reflns.pdbx_aniso_diffraction_limit_axis_1_ortho[3]   ? 
_reflns.pdbx_aniso_diffraction_limit_axis_2_ortho[1]   ? 
_reflns.pdbx_aniso_diffraction_limit_axis_2_ortho[2]   ? 
_reflns.pdbx_aniso_diffraction_limit_axis_2_ortho[3]   ? 
_reflns.pdbx_aniso_diffraction_limit_axis_3_ortho[1]   ? 
_reflns.pdbx_aniso_diffraction_limit_axis_3_ortho[2]   ? 
_reflns.pdbx_aniso_diffraction_limit_axis_3_ortho[3]   ? 
_reflns.pdbx_aniso_diffraction_limit_1                 ? 
_reflns.pdbx_aniso_diffraction_limit_2                 ? 
_reflns.pdbx_aniso_diffraction_limit_3                 ? 
_reflns.pdbx_aniso_B_tensor_eigenvector_1_ortho[1]     ? 
_reflns.pdbx_aniso_B_tensor_eigenvector_1_ortho[2]     ? 
_reflns.pdbx_aniso_B_tensor_eigenvector_1_ortho[3]     ? 
_reflns.pdbx_aniso_B_tensor_eigenvector_2_ortho[1]     ? 
_reflns.pdbx_aniso_B_tensor_eigenvector_2_ortho[2]     ? 
_reflns.pdbx_aniso_B_tensor_eigenvector_2_ortho[3]     ? 
_reflns.pdbx_aniso_B_tensor_eigenvector_3_ortho[1]     ? 
_reflns.pdbx_aniso_B_tensor_eigenvector_3_ortho[2]     ? 
_reflns.pdbx_aniso_B_tensor_eigenvector_3_ortho[3]     ? 
_reflns.pdbx_aniso_B_tensor_eigenvalue_1               ? 
_reflns.pdbx_aniso_B_tensor_eigenvalue_2               ? 
_reflns.pdbx_aniso_B_tensor_eigenvalue_3               ? 
_reflns.pdbx_orthogonalization_convention              ? 
_reflns.pdbx_percent_possible_ellipsoidal              ? 
_reflns.pdbx_percent_possible_spherical                ? 
_reflns.pdbx_percent_possible_ellipsoidal_anomalous    ? 
_reflns.pdbx_percent_possible_spherical_anomalous      ? 
_reflns.pdbx_redundancy_anomalous                      ? 
_reflns.pdbx_CC_half_anomalous                         ? 
_reflns.pdbx_absDiff_over_sigma_anomalous              ? 
_reflns.pdbx_percent_possible_anomalous                ? 
_reflns.pdbx_observed_signal_threshold                 ? 
_reflns.pdbx_signal_type                               ? 
_reflns.pdbx_signal_details                            ? 
_reflns.pdbx_signal_software_id                        ? 
# 
loop_
_reflns_shell.d_res_high 
_reflns_shell.d_res_low 
_reflns_shell.meanI_over_sigI_all 
_reflns_shell.meanI_over_sigI_obs 
_reflns_shell.number_measured_all 
_reflns_shell.number_measured_obs 
_reflns_shell.number_possible 
_reflns_shell.number_unique_all 
_reflns_shell.number_unique_obs 
_reflns_shell.percent_possible_obs 
_reflns_shell.Rmerge_F_all 
_reflns_shell.Rmerge_F_obs 
_reflns_shell.meanI_over_sigI_gt 
_reflns_shell.meanI_over_uI_all 
_reflns_shell.meanI_over_uI_gt 
_reflns_shell.number_measured_gt 
_reflns_shell.number_unique_gt 
_reflns_shell.percent_possible_gt 
_reflns_shell.Rmerge_F_gt 
_reflns_shell.Rmerge_I_gt 
_reflns_shell.pdbx_redundancy 
_reflns_shell.pdbx_chi_squared 
_reflns_shell.pdbx_netI_over_sigmaI_all 
_reflns_shell.pdbx_netI_over_sigmaI_obs 
_reflns_shell.pdbx_Rrim_I_all 
_reflns_shell.pdbx_Rpim_I_all 
_reflns_shell.pdbx_rejects 
_reflns_shell.pdbx_ordinal 
_reflns_shell.pdbx_diffrn_id 
_reflns_shell.pdbx_CC_half 
_reflns_shell.pdbx_CC_star 
_reflns_shell.pdbx_R_split 
_reflns_shell.percent_possible_all 
_reflns_shell.Rmerge_I_all 
_reflns_shell.Rmerge_I_obs 
_reflns_shell.pdbx_Rsym_value 
_reflns_shell.pdbx_percent_possible_ellipsoidal 
_reflns_shell.pdbx_percent_possible_spherical 
_reflns_shell.pdbx_percent_possible_ellipsoidal_anomalous 
_reflns_shell.pdbx_percent_possible_spherical_anomalous 
_reflns_shell.pdbx_redundancy_anomalous 
_reflns_shell.pdbx_CC_half_anomalous 
_reflns_shell.pdbx_absDiff_over_sigma_anomalous 
_reflns_shell.pdbx_percent_possible_anomalous 
6.09  7.432  ? ? ? ? ? ? 204 ? ? ? ? ? ? ? ? ? ? ? ? ? ? ? ? ? ? 1 1 0.105 ? ? ? ? ? ? ? ? ? ? ? ? ? ? 
9.393 59.341 ? ? ? ? ? ? 204 ? ? ? ? ? ? ? ? ? ? ? ? ? ? ? ? ? ? 2 1 0.996 ? ? ? ? ? ? ? ? ? ? ? ? ? ? 
# 
_refine.aniso_B[1][1]                            ? 
_refine.aniso_B[1][2]                            ? 
_refine.aniso_B[1][3]                            ? 
_refine.aniso_B[2][2]                            ? 
_refine.aniso_B[2][3]                            ? 
_refine.aniso_B[3][3]                            ? 
_refine.B_iso_max                                ? 
_refine.B_iso_mean                               372.85 
_refine.B_iso_min                                ? 
_refine.correlation_coeff_Fo_to_Fc               ? 
_refine.correlation_coeff_Fo_to_Fc_free          ? 
_refine.details                                  ? 
_refine.diff_density_max                         ? 
_refine.diff_density_max_esd                     ? 
_refine.diff_density_min                         ? 
_refine.diff_density_min_esd                     ? 
_refine.diff_density_rms                         ? 
_refine.diff_density_rms_esd                     ? 
_refine.entry_id                                 9NQT 
_refine.pdbx_refine_id                           'X-RAY DIFFRACTION' 
_refine.ls_abs_structure_details                 ? 
_refine.ls_abs_structure_Flack                   ? 
_refine.ls_abs_structure_Flack_esd               ? 
_refine.ls_abs_structure_Rogers                  ? 
_refine.ls_abs_structure_Rogers_esd              ? 
_refine.ls_d_res_high                            6.09 
_refine.ls_d_res_low                             34.26 
_refine.ls_extinction_coef                       ? 
_refine.ls_extinction_coef_esd                   ? 
_refine.ls_extinction_expression                 ? 
_refine.ls_extinction_method                     ? 
_refine.ls_goodness_of_fit_all                   ? 
_refine.ls_goodness_of_fit_all_esd               ? 
_refine.ls_goodness_of_fit_obs                   ? 
_refine.ls_goodness_of_fit_obs_esd               ? 
_refine.ls_hydrogen_treatment                    ? 
_refine.ls_matrix_type                           ? 
_refine.ls_number_constraints                    ? 
_refine.ls_number_parameters                     ? 
_refine.ls_number_reflns_all                     ? 
_refine.ls_number_reflns_obs                     600 
_refine.ls_number_reflns_R_free                  31 
_refine.ls_number_reflns_R_work                  569 
_refine.ls_number_restraints                     ? 
_refine.ls_percent_reflns_obs                    79.58 
_refine.ls_percent_reflns_R_free                 5.17 
_refine.ls_R_factor_all                          ? 
_refine.ls_R_factor_obs                          0.1393 
_refine.ls_R_factor_R_free                       0.1556 
_refine.ls_R_factor_R_free_error                 ? 
_refine.ls_R_factor_R_free_error_details         ? 
_refine.ls_R_factor_R_work                       0.1381 
_refine.ls_R_Fsqd_factor_obs                     ? 
_refine.ls_R_I_factor_obs                        ? 
_refine.ls_redundancy_reflns_all                 ? 
_refine.ls_redundancy_reflns_obs                 ? 
_refine.ls_restrained_S_all                      ? 
_refine.ls_restrained_S_obs                      ? 
_refine.ls_shift_over_esd_max                    ? 
_refine.ls_shift_over_esd_mean                   ? 
_refine.ls_structure_factor_coef                 ? 
_refine.ls_weighting_details                     ? 
_refine.ls_weighting_scheme                      ? 
_refine.ls_wR_factor_all                         ? 
_refine.ls_wR_factor_obs                         ? 
_refine.ls_wR_factor_R_free                      ? 
_refine.ls_wR_factor_R_work                      ? 
_refine.occupancy_max                            ? 
_refine.occupancy_min                            ? 
_refine.solvent_model_details                    'FLAT BULK SOLVENT MODEL' 
_refine.solvent_model_param_bsol                 ? 
_refine.solvent_model_param_ksol                 ? 
_refine.correlation_coeff_I_to_Fcsqd_work        ? 
_refine.correlation_coeff_I_to_Fcsqd_free        ? 
_refine.pdbx_R_complete                          ? 
_refine.ls_R_factor_gt                           ? 
_refine.ls_goodness_of_fit_gt                    ? 
_refine.ls_goodness_of_fit_ref                   ? 
_refine.ls_shift_over_su_max                     ? 
_refine.ls_shift_over_su_max_lt                  ? 
_refine.ls_shift_over_su_mean                    ? 
_refine.ls_shift_over_su_mean_lt                 ? 
_refine.pdbx_ls_sigma_I                          ? 
_refine.pdbx_ls_sigma_F                          1.96 
_refine.pdbx_ls_sigma_Fsqd                       ? 
_refine.pdbx_data_cutoff_high_absF               ? 
_refine.pdbx_data_cutoff_high_rms_absF           ? 
_refine.pdbx_data_cutoff_low_absF                ? 
_refine.pdbx_isotropic_thermal_model             ? 
_refine.pdbx_ls_cross_valid_method               'FREE R-VALUE' 
_refine.pdbx_method_to_determine_struct          'MOLECULAR REPLACEMENT' 
_refine.pdbx_starting_model                      ? 
_refine.pdbx_stereochemistry_target_values       'GeoStd + Monomer Library + CDL v1.2' 
_refine.pdbx_R_Free_selection_details            ? 
_refine.pdbx_stereochem_target_val_spec_case     ? 
_refine.pdbx_overall_ESU_R                       ? 
_refine.pdbx_overall_ESU_R_Free                  ? 
_refine.pdbx_solvent_vdw_probe_radii             1.1000 
_refine.pdbx_solvent_ion_probe_radii             ? 
_refine.pdbx_solvent_shrinkage_radii             0.9000 
_refine.pdbx_real_space_R                        ? 
_refine.pdbx_density_correlation                 ? 
_refine.pdbx_pd_number_of_powder_patterns        ? 
_refine.pdbx_pd_number_of_points                 ? 
_refine.pdbx_pd_meas_number_of_points            ? 
_refine.pdbx_pd_proc_ls_prof_R_factor            ? 
_refine.pdbx_pd_proc_ls_prof_wR_factor           ? 
_refine.pdbx_pd_Marquardt_correlation_coeff      ? 
_refine.pdbx_pd_Fsqrd_R_factor                   ? 
_refine.pdbx_pd_ls_matrix_band_width             ? 
_refine.pdbx_overall_phase_error                 19.4052 
_refine.pdbx_overall_SU_R_free_Cruickshank_DPI   ? 
_refine.pdbx_overall_SU_R_free_Blow_DPI          ? 
_refine.pdbx_overall_SU_R_Blow_DPI               ? 
_refine.pdbx_TLS_residual_ADP_flag               ? 
_refine.pdbx_diffrn_id                           1 
_refine.overall_SU_B                             ? 
_refine.overall_SU_ML                            0.6699 
_refine.overall_SU_R_Cruickshank_DPI             ? 
_refine.overall_SU_R_free                        ? 
_refine.overall_FOM_free_R_set                   ? 
_refine.overall_FOM_work_R_set                   ? 
_refine.pdbx_average_fsc_overall                 ? 
_refine.pdbx_average_fsc_work                    ? 
_refine.pdbx_average_fsc_free                    ? 
# 
_refine_hist.pdbx_refine_id                   'X-RAY DIFFRACTION' 
_refine_hist.cycle_id                         LAST 
_refine_hist.details                          ? 
_refine_hist.d_res_high                       6.09 
_refine_hist.d_res_low                        34.26 
_refine_hist.number_atoms_solvent             0 
_refine_hist.number_atoms_total               855 
_refine_hist.number_reflns_all                ? 
_refine_hist.number_reflns_obs                ? 
_refine_hist.number_reflns_R_free             ? 
_refine_hist.number_reflns_R_work             ? 
_refine_hist.R_factor_all                     ? 
_refine_hist.R_factor_obs                     ? 
_refine_hist.R_factor_R_free                  ? 
_refine_hist.R_factor_R_work                  ? 
_refine_hist.pdbx_number_residues_total       ? 
_refine_hist.pdbx_B_iso_mean_ligand           ? 
_refine_hist.pdbx_B_iso_mean_solvent          ? 
_refine_hist.pdbx_number_atoms_protein        0 
_refine_hist.pdbx_number_atoms_nucleic_acid   855 
_refine_hist.pdbx_number_atoms_ligand         0 
_refine_hist.pdbx_number_atoms_lipid          ? 
_refine_hist.pdbx_number_atoms_carb           ? 
_refine_hist.pdbx_pseudo_atom_details         ? 
# 
loop_
_refine_ls_restr.pdbx_refine_id 
_refine_ls_restr.criterion 
_refine_ls_restr.dev_ideal 
_refine_ls_restr.dev_ideal_target 
_refine_ls_restr.number 
_refine_ls_restr.rejects 
_refine_ls_restr.type 
_refine_ls_restr.weight 
_refine_ls_restr.pdbx_restraint_function 
'X-RAY DIFFRACTION' ? 0.0037  ? 956  ? f_bond_d           ? ? 
'X-RAY DIFFRACTION' ? 0.5697  ? 1467 ? f_angle_d          ? ? 
'X-RAY DIFFRACTION' ? 0.0281  ? 166  ? f_chiral_restr     ? ? 
'X-RAY DIFFRACTION' ? 0.0027  ? 42   ? f_plane_restr      ? ? 
'X-RAY DIFFRACTION' ? 34.4072 ? 406  ? f_dihedral_angle_d ? ? 
# 
_refine_ls_shell.pdbx_refine_id                      'X-RAY DIFFRACTION' 
_refine_ls_shell.d_res_high                          6.09 
_refine_ls_shell.d_res_low                           34.26 
_refine_ls_shell.number_reflns_all                   ? 
_refine_ls_shell.number_reflns_obs                   ? 
_refine_ls_shell.number_reflns_R_free                31 
_refine_ls_shell.number_reflns_R_work                569 
_refine_ls_shell.percent_reflns_obs                  79.58 
_refine_ls_shell.percent_reflns_R_free               ? 
_refine_ls_shell.R_factor_all                        ? 
_refine_ls_shell.R_factor_obs                        ? 
_refine_ls_shell.R_factor_R_free_error               ? 
_refine_ls_shell.R_factor_R_work                     0.1381 
_refine_ls_shell.redundancy_reflns_all               ? 
_refine_ls_shell.redundancy_reflns_obs               ? 
_refine_ls_shell.wR_factor_all                       ? 
_refine_ls_shell.wR_factor_obs                       ? 
_refine_ls_shell.wR_factor_R_free                    ? 
_refine_ls_shell.wR_factor_R_work                    ? 
_refine_ls_shell.pdbx_R_complete                     ? 
_refine_ls_shell.correlation_coeff_Fo_to_Fc          ? 
_refine_ls_shell.correlation_coeff_Fo_to_Fc_free     ? 
_refine_ls_shell.correlation_coeff_I_to_Fcsqd_work   ? 
_refine_ls_shell.correlation_coeff_I_to_Fcsqd_free   ? 
_refine_ls_shell.pdbx_total_number_of_bins_used      ? 
_refine_ls_shell.pdbx_phase_error                    ? 
_refine_ls_shell.pdbx_fsc_work                       ? 
_refine_ls_shell.pdbx_fsc_free                       ? 
_refine_ls_shell.R_factor_R_free                     0.1556 
# 
_struct.entry_id                     9NQT 
_struct.title                        
'[3,5,11-2] Shifted DNA assembly with an aspect ratio of (3,5,11) base pairs and 2 nt sticky ends' 
_struct.pdbx_model_details           ? 
_struct.pdbx_formula_weight          ? 
_struct.pdbx_formula_weight_method   ? 
_struct.pdbx_model_type_details      ? 
_struct.pdbx_CASP_flag               N 
# 
_struct_keywords.entry_id        9NQT 
_struct_keywords.text            'tensegrity triangle, DNA' 
_struct_keywords.pdbx_keywords   DNA 
# 
loop_
_struct_asym.id 
_struct_asym.pdbx_blank_PDB_chainid_flag 
_struct_asym.pdbx_modified 
_struct_asym.entity_id 
_struct_asym.details 
A N N 1 ? 
B N N 2 ? 
C N N 3 ? 
D N N 4 ? 
# 
loop_
_struct_ref.id 
_struct_ref.db_name 
_struct_ref.db_code 
_struct_ref.pdbx_db_accession 
_struct_ref.pdbx_db_isoform 
_struct_ref.entity_id 
_struct_ref.pdbx_seq_one_letter_code 
_struct_ref.pdbx_align_begin 
1 PDB 9NQT 9NQT ? 1 ? 1 
2 PDB 9NQT 9NQT ? 2 ? 1 
3 PDB 9NQT 9NQT ? 3 ? 1 
4 PDB 9NQT 9NQT ? 4 ? 1 
# 
loop_
_struct_ref_seq.align_id 
_struct_ref_seq.ref_id 
_struct_ref_seq.pdbx_PDB_id_code 
_struct_ref_seq.pdbx_strand_id 
_struct_ref_seq.seq_align_beg 
_struct_ref_seq.pdbx_seq_align_beg_ins_code 
_struct_ref_seq.seq_align_end 
_struct_ref_seq.pdbx_seq_align_end_ins_code 
_struct_ref_seq.pdbx_db_accession 
_struct_ref_seq.db_align_beg 
_struct_ref_seq.pdbx_db_align_beg_ins_code 
_struct_ref_seq.db_align_end 
_struct_ref_seq.pdbx_db_align_end_ins_code 
_struct_ref_seq.pdbx_auth_seq_align_beg 
_struct_ref_seq.pdbx_auth_seq_align_end 
1 1 9NQT A 1 ? 7  ? 9NQT 5  ? 11 ? 5  11 
2 2 9NQT B 1 ? 14 ? 9NQT 1  ? 14 ? 1  14 
3 3 9NQT C 1 ? 5  ? 9NQT 1  ? 5  ? 1  5  
4 4 9NQT D 1 ? 16 ? 9NQT -4 ? 11 ? -4 11 
# 
_pdbx_struct_assembly.id                   1 
_pdbx_struct_assembly.details              author_defined_assembly 
_pdbx_struct_assembly.method_details       ? 
_pdbx_struct_assembly.oligomeric_details   dodecameric 
_pdbx_struct_assembly.oligomeric_count     12 
# 
loop_
_pdbx_struct_assembly_gen.assembly_id 
_pdbx_struct_assembly_gen.oper_expression 
_pdbx_struct_assembly_gen.asym_id_list 
1 1 A,B,C,D 
1 2 A,B,C,D 
1 3 A,B,C,D 
# 
_pdbx_struct_assembly_auth_evidence.id                     1 
_pdbx_struct_assembly_auth_evidence.assembly_id            1 
_pdbx_struct_assembly_auth_evidence.experimental_support   'native gel electrophoresis' 
_pdbx_struct_assembly_auth_evidence.details                ? 
# 
loop_
_pdbx_struct_oper_list.id 
_pdbx_struct_oper_list.type 
_pdbx_struct_oper_list.name 
_pdbx_struct_oper_list.symmetry_operation 
_pdbx_struct_oper_list.matrix[1][1] 
_pdbx_struct_oper_list.matrix[1][2] 
_pdbx_struct_oper_list.matrix[1][3] 
_pdbx_struct_oper_list.vector[1] 
_pdbx_struct_oper_list.matrix[2][1] 
_pdbx_struct_oper_list.matrix[2][2] 
_pdbx_struct_oper_list.matrix[2][3] 
_pdbx_struct_oper_list.vector[2] 
_pdbx_struct_oper_list.matrix[3][1] 
_pdbx_struct_oper_list.matrix[3][2] 
_pdbx_struct_oper_list.matrix[3][3] 
_pdbx_struct_oper_list.vector[3] 
1 'identity operation'         1_555 x,y,z            1.0000000000  0.0000000000  0.0000000000  0.0000000000   0.0000000000  1.0000000000 0.0000000000  0.0000000000   0.0000000000  0.0000000000  1.0000000000 0.0000000000  
2 'crystal symmetry operation' 2_664 -y+1,x-y+1,z-1/3 -0.3304227363 0.2391218873  0.9130397244  -24.1208685723 -0.9121247969 0.1677382724 -0.3740216930 -28.8992537053 -0.2425884792 -0.9563914444 0.1626844639 13.0989975913 
3 'crystal symmetry operation' 3_565 -x+y,-x+1,z+1/3  -0.3304227363 -0.9121247969 -0.2425884792 -31.1521434088 0.2391218873  0.1677382724 -0.9563914444 23.1431077334  0.9130397244  -0.3740216930 0.1626844639 9.0833599933  
# 
loop_
_struct_conn.id 
_struct_conn.conn_type_id 
_struct_conn.pdbx_leaving_atom_flag 
_struct_conn.pdbx_PDB_id 
_struct_conn.ptnr1_label_asym_id 
_struct_conn.ptnr1_label_comp_id 
_struct_conn.ptnr1_label_seq_id 
_struct_conn.ptnr1_label_atom_id 
_struct_conn.pdbx_ptnr1_label_alt_id 
_struct_conn.pdbx_ptnr1_PDB_ins_code 
_struct_conn.pdbx_ptnr1_standard_comp_id 
_struct_conn.ptnr1_symmetry 
_struct_conn.ptnr2_label_asym_id 
_struct_conn.ptnr2_label_comp_id 
_struct_conn.ptnr2_label_seq_id 
_struct_conn.ptnr2_label_atom_id 
_struct_conn.pdbx_ptnr2_label_alt_id 
_struct_conn.pdbx_ptnr2_PDB_ins_code 
_struct_conn.ptnr1_auth_asym_id 
_struct_conn.ptnr1_auth_comp_id 
_struct_conn.ptnr1_auth_seq_id 
_struct_conn.ptnr2_auth_asym_id 
_struct_conn.ptnr2_auth_comp_id 
_struct_conn.ptnr2_auth_seq_id 
_struct_conn.ptnr2_symmetry 
_struct_conn.pdbx_ptnr3_label_atom_id 
_struct_conn.pdbx_ptnr3_label_seq_id 
_struct_conn.pdbx_ptnr3_label_comp_id 
_struct_conn.pdbx_ptnr3_label_asym_id 
_struct_conn.pdbx_ptnr3_label_alt_id 
_struct_conn.pdbx_ptnr3_PDB_ins_code 
_struct_conn.details 
_struct_conn.pdbx_dist_value 
_struct_conn.pdbx_value_order 
_struct_conn.pdbx_role 
hydrog1  hydrog ? ? A DG 3  N1 ? ? ? 1_555 D DC 16 N3 ? ? A DG 7  D DC 11 1_555 ? ? ? ? ? ? WATSON-CRICK ? ? ? 
hydrog2  hydrog ? ? A DG 3  N2 ? ? ? 1_555 D DC 16 O2 ? ? A DG 7  D DC 11 1_555 ? ? ? ? ? ? WATSON-CRICK ? ? ? 
hydrog3  hydrog ? ? A DG 3  O6 ? ? ? 1_555 D DC 16 N4 ? ? A DG 7  D DC 11 1_555 ? ? ? ? ? ? WATSON-CRICK ? ? ? 
hydrog4  hydrog ? ? A DC 4  N3 ? ? ? 1_555 D DG 15 N1 ? ? A DC 8  D DG 10 1_555 ? ? ? ? ? ? WATSON-CRICK ? ? ? 
hydrog5  hydrog ? ? A DC 4  N4 ? ? ? 1_555 D DG 15 O6 ? ? A DC 8  D DG 10 1_555 ? ? ? ? ? ? WATSON-CRICK ? ? ? 
hydrog6  hydrog ? ? A DC 4  O2 ? ? ? 1_555 D DG 15 N2 ? ? A DC 8  D DG 10 1_555 ? ? ? ? ? ? WATSON-CRICK ? ? ? 
hydrog7  hydrog ? ? A DC 5  N3 ? ? ? 1_555 D DG 14 N1 ? ? A DC 9  D DG 9  1_555 ? ? ? ? ? ? WATSON-CRICK ? ? ? 
hydrog8  hydrog ? ? A DC 5  N4 ? ? ? 1_555 D DG 14 O6 ? ? A DC 9  D DG 9  1_555 ? ? ? ? ? ? WATSON-CRICK ? ? ? 
hydrog9  hydrog ? ? A DC 5  O2 ? ? ? 1_555 D DG 14 N2 ? ? A DC 9  D DG 9  1_555 ? ? ? ? ? ? WATSON-CRICK ? ? ? 
hydrog10 hydrog ? ? A DT 6  N3 ? ? ? 1_555 C DA 2  N1 ? ? A DT 10 C DA 2  1_555 ? ? ? ? ? ? WATSON-CRICK ? ? ? 
hydrog11 hydrog ? ? A DT 6  O4 ? ? ? 1_555 C DA 2  N6 ? ? A DT 10 C DA 2  1_555 ? ? ? ? ? ? WATSON-CRICK ? ? ? 
hydrog12 hydrog ? ? A DG 7  N1 ? ? ? 1_555 C DC 1  N3 ? ? A DG 11 C DC 1  1_555 ? ? ? ? ? ? WATSON-CRICK ? ? ? 
hydrog13 hydrog ? ? A DG 7  N2 ? ? ? 1_555 C DC 1  O2 ? ? A DG 11 C DC 1  1_555 ? ? ? ? ? ? WATSON-CRICK ? ? ? 
hydrog14 hydrog ? ? A DG 7  O6 ? ? ? 1_555 C DC 1  N4 ? ? A DG 11 C DC 1  1_555 ? ? ? ? ? ? WATSON-CRICK ? ? ? 
hydrog15 hydrog ? ? B DA 1  N1 ? ? ? 1_555 C DT 5  N3 ? ? B DA 1  C DT 5  1_555 ? ? ? ? ? ? WATSON-CRICK ? ? ? 
hydrog16 hydrog ? ? B DA 1  N6 ? ? ? 1_555 C DT 5  O4 ? ? B DA 1  C DT 5  1_555 ? ? ? ? ? ? WATSON-CRICK ? ? ? 
hydrog17 hydrog ? ? B DG 2  N1 ? ? ? 1_555 C DC 4  N3 ? ? B DG 2  C DC 4  1_555 ? ? ? ? ? ? WATSON-CRICK ? ? ? 
hydrog18 hydrog ? ? B DG 2  N2 ? ? ? 1_555 C DC 4  O2 ? ? B DG 2  C DC 4  1_555 ? ? ? ? ? ? WATSON-CRICK ? ? ? 
hydrog19 hydrog ? ? B DG 2  O6 ? ? ? 1_555 C DC 4  N4 ? ? B DG 2  C DC 4  1_555 ? ? ? ? ? ? WATSON-CRICK ? ? ? 
hydrog20 hydrog ? ? B DG 3  N1 ? ? ? 1_555 C DC 3  N3 ? ? B DG 3  C DC 3  1_555 ? ? ? ? ? ? WATSON-CRICK ? ? ? 
hydrog21 hydrog ? ? B DG 3  N2 ? ? ? 1_555 C DC 3  O2 ? ? B DG 3  C DC 3  1_555 ? ? ? ? ? ? WATSON-CRICK ? ? ? 
hydrog22 hydrog ? ? B DG 3  O6 ? ? ? 1_555 C DC 3  N4 ? ? B DG 3  C DC 3  1_555 ? ? ? ? ? ? WATSON-CRICK ? ? ? 
hydrog23 hydrog ? ? B DA 4  N1 ? ? ? 1_555 D DT 13 N3 ? ? B DA 4  D DT 8  1_555 ? ? ? ? ? ? WATSON-CRICK ? ? ? 
hydrog24 hydrog ? ? B DA 4  N6 ? ? ? 1_555 D DT 13 O4 ? ? B DA 4  D DT 8  1_555 ? ? ? ? ? ? WATSON-CRICK ? ? ? 
hydrog25 hydrog ? ? B DC 5  N3 ? ? ? 1_555 D DG 12 N1 ? ? B DC 5  D DG 7  1_555 ? ? ? ? ? ? WATSON-CRICK ? ? ? 
hydrog26 hydrog ? ? B DC 5  N4 ? ? ? 1_555 D DG 12 O6 ? ? B DC 5  D DG 7  1_555 ? ? ? ? ? ? WATSON-CRICK ? ? ? 
hydrog27 hydrog ? ? B DC 5  O2 ? ? ? 1_555 D DG 12 N2 ? ? B DC 5  D DG 7  1_555 ? ? ? ? ? ? WATSON-CRICK ? ? ? 
hydrog28 hydrog ? ? B DA 6  N1 ? ? ? 1_555 D DT 11 N3 ? ? B DA 6  D DT 6  1_555 ? ? ? ? ? ? WATSON-CRICK ? ? ? 
hydrog29 hydrog ? ? B DA 6  N6 ? ? ? 1_555 D DT 11 O4 ? ? B DA 6  D DT 6  1_555 ? ? ? ? ? ? WATSON-CRICK ? ? ? 
hydrog30 hydrog ? ? B DC 7  N3 ? ? ? 1_555 D DG 10 N1 ? ? B DC 7  D DG 5  1_555 ? ? ? ? ? ? WATSON-CRICK ? ? ? 
hydrog31 hydrog ? ? B DC 7  N4 ? ? ? 1_555 D DG 10 O6 ? ? B DC 7  D DG 5  1_555 ? ? ? ? ? ? WATSON-CRICK ? ? ? 
hydrog32 hydrog ? ? B DC 7  O2 ? ? ? 1_555 D DG 10 N2 ? ? B DC 7  D DG 5  1_555 ? ? ? ? ? ? WATSON-CRICK ? ? ? 
hydrog33 hydrog ? ? B DA 8  N1 ? ? ? 1_555 D DT 9  N3 ? ? B DA 8  D DT 4  1_555 ? ? ? ? ? ? WATSON-CRICK ? ? ? 
hydrog34 hydrog ? ? B DA 8  N6 ? ? ? 1_555 D DT 9  O4 ? ? B DA 8  D DT 4  1_555 ? ? ? ? ? ? WATSON-CRICK ? ? ? 
hydrog35 hydrog ? ? B DG 9  N1 ? ? ? 1_555 D DC 8  N3 ? ? B DG 9  D DC 3  1_555 ? ? ? ? ? ? WATSON-CRICK ? ? ? 
hydrog36 hydrog ? ? B DG 9  N2 ? ? ? 1_555 D DC 8  O2 ? ? B DG 9  D DC 3  1_555 ? ? ? ? ? ? WATSON-CRICK ? ? ? 
hydrog37 hydrog ? ? B DG 9  O6 ? ? ? 1_555 D DC 8  N4 ? ? B DG 9  D DC 3  1_555 ? ? ? ? ? ? WATSON-CRICK ? ? ? 
hydrog38 hydrog ? ? B DC 10 N3 ? ? ? 1_555 D DG 7  N1 ? ? B DC 10 D DG 2  1_555 ? ? ? ? ? ? WATSON-CRICK ? ? ? 
hydrog39 hydrog ? ? B DC 10 N4 ? ? ? 1_555 D DG 7  O6 ? ? B DC 10 D DG 2  1_555 ? ? ? ? ? ? WATSON-CRICK ? ? ? 
hydrog40 hydrog ? ? B DC 10 O2 ? ? ? 1_555 D DG 7  N2 ? ? B DC 10 D DG 2  1_555 ? ? ? ? ? ? WATSON-CRICK ? ? ? 
hydrog41 hydrog ? ? B DT 11 N3 ? ? ? 1_555 D DA 6  N1 ? ? B DT 11 D DA 1  1_555 ? ? ? ? ? ? WATSON-CRICK ? ? ? 
hydrog42 hydrog ? ? B DT 11 O4 ? ? ? 1_555 D DA 6  N6 ? ? B DT 11 D DA 1  1_555 ? ? ? ? ? ? WATSON-CRICK ? ? ? 
hydrog43 hydrog ? ? B DA 12 N1 ? ? ? 1_555 D DT 5  N3 ? ? B DA 12 D DT 0  1_555 ? ? ? ? ? ? WATSON-CRICK ? ? ? 
hydrog44 hydrog ? ? B DA 12 N6 ? ? ? 1_555 D DT 5  O4 ? ? B DA 12 D DT 0  1_555 ? ? ? ? ? ? WATSON-CRICK ? ? ? 
hydrog45 hydrog ? ? B DC 13 N3 ? ? ? 1_555 D DG 4  N1 ? ? B DC 13 D DG -1 1_555 ? ? ? ? ? ? WATSON-CRICK ? ? ? 
hydrog46 hydrog ? ? B DC 13 N4 ? ? ? 1_555 D DG 4  O6 ? ? B DC 13 D DG -1 1_555 ? ? ? ? ? ? WATSON-CRICK ? ? ? 
hydrog47 hydrog ? ? B DC 13 O2 ? ? ? 1_555 D DG 4  N2 ? ? B DC 13 D DG -1 1_555 ? ? ? ? ? ? WATSON-CRICK ? ? ? 
hydrog48 hydrog ? ? B DA 14 N1 ? ? ? 1_555 D DT 3  N3 ? ? B DA 14 D DT -2 1_555 ? ? ? ? ? ? WATSON-CRICK ? ? ? 
hydrog49 hydrog ? ? B DA 14 N6 ? ? ? 1_555 D DT 3  O4 ? ? B DA 14 D DT -2 1_555 ? ? ? ? ? ? WATSON-CRICK ? ? ? 
# 
_struct_conn_type.id          hydrog 
_struct_conn_type.criteria    ? 
_struct_conn_type.reference   ? 
# 
_pdbx_entry_details.entry_id                   9NQT 
_pdbx_entry_details.compound_details           ? 
_pdbx_entry_details.source_details             ? 
_pdbx_entry_details.nonpolymer_details         ? 
_pdbx_entry_details.sequence_details           ? 
_pdbx_entry_details.has_ligand_of_interest     ? 
_pdbx_entry_details.has_protein_modification   N 
# 
loop_
_space_group_symop.id 
_space_group_symop.operation_xyz 
1 x,y,z         
2 -y,x-y,z+2/3  
3 -x+y,-x,z+1/3 
# 
loop_
_pdbx_refine_tls.id 
_pdbx_refine_tls.pdbx_refine_id 
_pdbx_refine_tls.details 
_pdbx_refine_tls.method 
_pdbx_refine_tls.origin_x 
_pdbx_refine_tls.origin_y 
_pdbx_refine_tls.origin_z 
_pdbx_refine_tls.T[1][1] 
_pdbx_refine_tls.T[1][1]_esd 
_pdbx_refine_tls.T[1][2] 
_pdbx_refine_tls.T[1][2]_esd 
_pdbx_refine_tls.T[1][3] 
_pdbx_refine_tls.T[1][3]_esd 
_pdbx_refine_tls.T[2][2] 
_pdbx_refine_tls.T[2][2]_esd 
_pdbx_refine_tls.T[2][3] 
_pdbx_refine_tls.T[2][3]_esd 
_pdbx_refine_tls.T[3][3] 
_pdbx_refine_tls.T[3][3]_esd 
_pdbx_refine_tls.L[1][1] 
_pdbx_refine_tls.L[1][1]_esd 
_pdbx_refine_tls.L[1][2] 
_pdbx_refine_tls.L[1][2]_esd 
_pdbx_refine_tls.L[1][3] 
_pdbx_refine_tls.L[1][3]_esd 
_pdbx_refine_tls.L[2][2] 
_pdbx_refine_tls.L[2][2]_esd 
_pdbx_refine_tls.L[2][3] 
_pdbx_refine_tls.L[2][3]_esd 
_pdbx_refine_tls.L[3][3] 
_pdbx_refine_tls.L[3][3]_esd 
_pdbx_refine_tls.S[1][1] 
_pdbx_refine_tls.S[1][1]_esd 
_pdbx_refine_tls.S[1][2] 
_pdbx_refine_tls.S[1][2]_esd 
_pdbx_refine_tls.S[1][3] 
_pdbx_refine_tls.S[1][3]_esd 
_pdbx_refine_tls.S[2][1] 
_pdbx_refine_tls.S[2][1]_esd 
_pdbx_refine_tls.S[2][2] 
_pdbx_refine_tls.S[2][2]_esd 
_pdbx_refine_tls.S[2][3] 
_pdbx_refine_tls.S[2][3]_esd 
_pdbx_refine_tls.S[3][1] 
_pdbx_refine_tls.S[3][1]_esd 
_pdbx_refine_tls.S[3][2] 
_pdbx_refine_tls.S[3][2]_esd 
_pdbx_refine_tls.S[3][3] 
_pdbx_refine_tls.S[3][3]_esd 
1 'X-RAY DIFFRACTION' ? refined 0.19426089843   -8.1173492204   15.5506934653   4.92414889181 ? 0.651028405635  ? -0.926107217589 ? 3.1956825459  ? 0.417091426537 ? 3.8094308932  ? 0.14914366652 ? 1.11974254002   ? 0.27658750551  ? 17.53176215104 ? -0.4568071155   ? 0.45642546850 ? -0.28176164542  ? 0.162938818255 ? 4.02043041206   ? 1.42137307588   ? -1.750903024411 ? -6.56997515940  ? -2.04791397159 ? 0.52694577395   ? -0.17746981562 ? 
2 'X-RAY DIFFRACTION' ? refined -1.34537732830  2.8169245295    -6.17430306484  4.5796961985  ? -0.051697723348 ? 0.079308870371  ? 2.6605032298  ? 0.855349054285 ? 4.06024343192 ? 6.74696150239 ? -3.64930871815  ? -3.52946027844 ? 2.21203976011  ? 2.58134104380   ? 9.93060581754 ? -0.94110585366  ? 1.98119538304  ? -2.78548851643  ? 0.88456530385   ? -1.96798793101  ? -2.61847436880  ? -3.99027587185 ? -2.19787099514  ? 2.729748002817 ? 
3 'X-RAY DIFFRACTION' ? refined -12.60619172497 1.8716773581    7.69937657215   2.2676990112  ? -0.170785765471 ? 1.807865225325  ? 3.70580113546 ? 0.099903841673 ? 4.95802411168 ? 0.7460621226  ? 0.74917644401   ? 1.897471646982 ? 6.7333203189   ? -0.88297914955  ? 6.05395636412 ? -1.37784273328  ? -1.28081003191 ? -5.976357118228 ? -1.24174688045  ? 0.55577768680   ? -0.03433750245  ? -0.52045940889 ? -1.885699538698 ? -0.73102329069 ? 
4 'X-RAY DIFFRACTION' ? refined 19.3156590124   -0.754248021762 -12.84969584178 6.28115301472 ? -0.32918290395  ? 1.19822719386   ? 5.98746832171 ? 1.94661377729  ? 3.14768428483 ? 1.91643961723 ? 0.77471641818   ? 0.606148827159 ? 2.13380854920  ? -0.040398841407 ? 0.22222614920 ? 0.12458337070   ? 1.278452401923 ? 0.64695518415   ? -0.390314976911 ? 0.89759673268   ? -0.896251197534 ? -0.78839936328 ? 1.97457790023   ? 1.625541243712 ? 
5 'X-RAY DIFFRACTION' ? refined 2.63532856020   4.1006765941    -10.77585464539 4.72117936146 ? 0.42379073789   ? -0.038528184818 ? 5.86334078983 ? -2.28486578964 ? 4.70853639307 ? 7.64940961233 ? 1.93228306409   ? 7.43435505855  ? 3.15925232568  ? 1.78565791277   ? 7.23844126335 ? -5.82097971989  ? -2.35246218011 ? -0.05882936765  ? 2.43844664265   ? 5.00392852350   ? -4.24945901699  ? 0.873371560001 ? 3.4747613290    ? 0.43906943668  ? 
6 'X-RAY DIFFRACTION' ? refined -4.63094259081  -1.7150208309   9.48573631277   4.2977449919  ? -1.36671205616  ? -0.99858682719  ? 0.90042913968 ? 1.077377578290 ? 5.33583801498 ? 6.06919210420 ? -0.581756267297 ? 0.001866626503 ? 0.22064938839  ? 0.57012533783   ? 2.47561348348 ? -1.370864576494 ? 2.17917869009  ? -1.224619975874 ? 3.516085154098  ? 1.55123117668   ? -0.75533988881  ? 0.993273504887 ? -0.58613392605  ? 0.029010039553 ? 
# 
loop_
_pdbx_refine_tls_group.id 
_pdbx_refine_tls_group.pdbx_refine_id 
_pdbx_refine_tls_group.refine_tls_id 
_pdbx_refine_tls_group.beg_label_asym_id 
_pdbx_refine_tls_group.beg_label_seq_id 
_pdbx_refine_tls_group.beg_auth_asym_id 
_pdbx_refine_tls_group.beg_auth_seq_id 
_pdbx_refine_tls_group.beg_PDB_ins_code 
_pdbx_refine_tls_group.end_label_asym_id 
_pdbx_refine_tls_group.end_label_seq_id 
_pdbx_refine_tls_group.end_auth_asym_id 
_pdbx_refine_tls_group.end_auth_seq_id 
_pdbx_refine_tls_group.end_PDB_ins_code 
_pdbx_refine_tls_group.selection 
_pdbx_refine_tls_group.selection_details 
1 'X-RAY DIFFRACTION' 1 A ? A 5  ? A ? A 11 ? ? 
;chain 'A' and (resid 5 through 11 )
;
2 'X-RAY DIFFRACTION' 2 B ? B 1  ? B ? B 14 ? ? 
;chain 'B' and (resid 1 through 14 )
;
3 'X-RAY DIFFRACTION' 3 C ? C 1  ? C ? C 5  ? ? 
;chain 'C' and (resid 1 through 5 )
;
4 'X-RAY DIFFRACTION' 4 D ? D -4 ? D ? D 0  ? ? 
;chain 'D' and (resid -4 through 0 )
;
5 'X-RAY DIFFRACTION' 5 D ? D 1  ? D ? D 5  ? ? 
;chain 'D' and (resid 1 through 5 )
;
6 'X-RAY DIFFRACTION' 6 D ? D 6  ? D ? D 11 ? ? 
;chain 'D' and (resid 6 through 11 )
;
# 
loop_
_chem_comp_atom.comp_id 
_chem_comp_atom.atom_id 
_chem_comp_atom.type_symbol 
_chem_comp_atom.pdbx_aromatic_flag 
_chem_comp_atom.pdbx_stereo_config 
_chem_comp_atom.pdbx_ordinal 
DA OP3    O N N 1   
DA P      P N N 2   
DA OP1    O N N 3   
DA OP2    O N N 4   
DA "O5'"  O N N 5   
DA "C5'"  C N N 6   
DA "C4'"  C N R 7   
DA "O4'"  O N N 8   
DA "C3'"  C N S 9   
DA "O3'"  O N N 10  
DA "C2'"  C N N 11  
DA "C1'"  C N R 12  
DA N9     N Y N 13  
DA C8     C Y N 14  
DA N7     N Y N 15  
DA C5     C Y N 16  
DA C6     C Y N 17  
DA N6     N N N 18  
DA N1     N Y N 19  
DA C2     C Y N 20  
DA N3     N Y N 21  
DA C4     C Y N 22  
DA HOP3   H N N 23  
DA HOP2   H N N 24  
DA "H5'"  H N N 25  
DA "H5''" H N N 26  
DA "H4'"  H N N 27  
DA "H3'"  H N N 28  
DA "HO3'" H N N 29  
DA "H2'"  H N N 30  
DA "H2''" H N N 31  
DA "H1'"  H N N 32  
DA H8     H N N 33  
DA H61    H N N 34  
DA H62    H N N 35  
DA H2     H N N 36  
DC OP3    O N N 37  
DC P      P N N 38  
DC OP1    O N N 39  
DC OP2    O N N 40  
DC "O5'"  O N N 41  
DC "C5'"  C N N 42  
DC "C4'"  C N R 43  
DC "O4'"  O N N 44  
DC "C3'"  C N S 45  
DC "O3'"  O N N 46  
DC "C2'"  C N N 47  
DC "C1'"  C N R 48  
DC N1     N N N 49  
DC C2     C N N 50  
DC O2     O N N 51  
DC N3     N N N 52  
DC C4     C N N 53  
DC N4     N N N 54  
DC C5     C N N 55  
DC C6     C N N 56  
DC HOP3   H N N 57  
DC HOP2   H N N 58  
DC "H5'"  H N N 59  
DC "H5''" H N N 60  
DC "H4'"  H N N 61  
DC "H3'"  H N N 62  
DC "HO3'" H N N 63  
DC "H2'"  H N N 64  
DC "H2''" H N N 65  
DC "H1'"  H N N 66  
DC H41    H N N 67  
DC H42    H N N 68  
DC H5     H N N 69  
DC H6     H N N 70  
DG OP3    O N N 71  
DG P      P N N 72  
DG OP1    O N N 73  
DG OP2    O N N 74  
DG "O5'"  O N N 75  
DG "C5'"  C N N 76  
DG "C4'"  C N R 77  
DG "O4'"  O N N 78  
DG "C3'"  C N S 79  
DG "O3'"  O N N 80  
DG "C2'"  C N N 81  
DG "C1'"  C N R 82  
DG N9     N Y N 83  
DG C8     C Y N 84  
DG N7     N Y N 85  
DG C5     C Y N 86  
DG C6     C N N 87  
DG O6     O N N 88  
DG N1     N N N 89  
DG C2     C N N 90  
DG N2     N N N 91  
DG N3     N N N 92  
DG C4     C Y N 93  
DG HOP3   H N N 94  
DG HOP2   H N N 95  
DG "H5'"  H N N 96  
DG "H5''" H N N 97  
DG "H4'"  H N N 98  
DG "H3'"  H N N 99  
DG "HO3'" H N N 100 
DG "H2'"  H N N 101 
DG "H2''" H N N 102 
DG "H1'"  H N N 103 
DG H8     H N N 104 
DG H1     H N N 105 
DG H21    H N N 106 
DG H22    H N N 107 
DT OP3    O N N 108 
DT P      P N N 109 
DT OP1    O N N 110 
DT OP2    O N N 111 
DT "O5'"  O N N 112 
DT "C5'"  C N N 113 
DT "C4'"  C N R 114 
DT "O4'"  O N N 115 
DT "C3'"  C N S 116 
DT "O3'"  O N N 117 
DT "C2'"  C N N 118 
DT "C1'"  C N R 119 
DT N1     N N N 120 
DT C2     C N N 121 
DT O2     O N N 122 
DT N3     N N N 123 
DT C4     C N N 124 
DT O4     O N N 125 
DT C5     C N N 126 
DT C7     C N N 127 
DT C6     C N N 128 
DT HOP3   H N N 129 
DT HOP2   H N N 130 
DT "H5'"  H N N 131 
DT "H5''" H N N 132 
DT "H4'"  H N N 133 
DT "H3'"  H N N 134 
DT "HO3'" H N N 135 
DT "H2'"  H N N 136 
DT "H2''" H N N 137 
DT "H1'"  H N N 138 
DT H3     H N N 139 
DT H71    H N N 140 
DT H72    H N N 141 
DT H73    H N N 142 
DT H6     H N N 143 
# 
loop_
_chem_comp_bond.comp_id 
_chem_comp_bond.atom_id_1 
_chem_comp_bond.atom_id_2 
_chem_comp_bond.value_order 
_chem_comp_bond.pdbx_aromatic_flag 
_chem_comp_bond.pdbx_stereo_config 
_chem_comp_bond.pdbx_ordinal 
DA OP3   P      sing N N 1   
DA OP3   HOP3   sing N N 2   
DA P     OP1    doub N N 3   
DA P     OP2    sing N N 4   
DA P     "O5'"  sing N N 5   
DA OP2   HOP2   sing N N 6   
DA "O5'" "C5'"  sing N N 7   
DA "C5'" "C4'"  sing N N 8   
DA "C5'" "H5'"  sing N N 9   
DA "C5'" "H5''" sing N N 10  
DA "C4'" "O4'"  sing N N 11  
DA "C4'" "C3'"  sing N N 12  
DA "C4'" "H4'"  sing N N 13  
DA "O4'" "C1'"  sing N N 14  
DA "C3'" "O3'"  sing N N 15  
DA "C3'" "C2'"  sing N N 16  
DA "C3'" "H3'"  sing N N 17  
DA "O3'" "HO3'" sing N N 18  
DA "C2'" "C1'"  sing N N 19  
DA "C2'" "H2'"  sing N N 20  
DA "C2'" "H2''" sing N N 21  
DA "C1'" N9     sing N N 22  
DA "C1'" "H1'"  sing N N 23  
DA N9    C8     sing Y N 24  
DA N9    C4     sing Y N 25  
DA C8    N7     doub Y N 26  
DA C8    H8     sing N N 27  
DA N7    C5     sing Y N 28  
DA C5    C6     sing Y N 29  
DA C5    C4     doub Y N 30  
DA C6    N6     sing N N 31  
DA C6    N1     doub Y N 32  
DA N6    H61    sing N N 33  
DA N6    H62    sing N N 34  
DA N1    C2     sing Y N 35  
DA C2    N3     doub Y N 36  
DA C2    H2     sing N N 37  
DA N3    C4     sing Y N 38  
DC OP3   P      sing N N 39  
DC OP3   HOP3   sing N N 40  
DC P     OP1    doub N N 41  
DC P     OP2    sing N N 42  
DC P     "O5'"  sing N N 43  
DC OP2   HOP2   sing N N 44  
DC "O5'" "C5'"  sing N N 45  
DC "C5'" "C4'"  sing N N 46  
DC "C5'" "H5'"  sing N N 47  
DC "C5'" "H5''" sing N N 48  
DC "C4'" "O4'"  sing N N 49  
DC "C4'" "C3'"  sing N N 50  
DC "C4'" "H4'"  sing N N 51  
DC "O4'" "C1'"  sing N N 52  
DC "C3'" "O3'"  sing N N 53  
DC "C3'" "C2'"  sing N N 54  
DC "C3'" "H3'"  sing N N 55  
DC "O3'" "HO3'" sing N N 56  
DC "C2'" "C1'"  sing N N 57  
DC "C2'" "H2'"  sing N N 58  
DC "C2'" "H2''" sing N N 59  
DC "C1'" N1     sing N N 60  
DC "C1'" "H1'"  sing N N 61  
DC N1    C2     sing N N 62  
DC N1    C6     sing N N 63  
DC C2    O2     doub N N 64  
DC C2    N3     sing N N 65  
DC N3    C4     doub N N 66  
DC C4    N4     sing N N 67  
DC C4    C5     sing N N 68  
DC N4    H41    sing N N 69  
DC N4    H42    sing N N 70  
DC C5    C6     doub N N 71  
DC C5    H5     sing N N 72  
DC C6    H6     sing N N 73  
DG OP3   P      sing N N 74  
DG OP3   HOP3   sing N N 75  
DG P     OP1    doub N N 76  
DG P     OP2    sing N N 77  
DG P     "O5'"  sing N N 78  
DG OP2   HOP2   sing N N 79  
DG "O5'" "C5'"  sing N N 80  
DG "C5'" "C4'"  sing N N 81  
DG "C5'" "H5'"  sing N N 82  
DG "C5'" "H5''" sing N N 83  
DG "C4'" "O4'"  sing N N 84  
DG "C4'" "C3'"  sing N N 85  
DG "C4'" "H4'"  sing N N 86  
DG "O4'" "C1'"  sing N N 87  
DG "C3'" "O3'"  sing N N 88  
DG "C3'" "C2'"  sing N N 89  
DG "C3'" "H3'"  sing N N 90  
DG "O3'" "HO3'" sing N N 91  
DG "C2'" "C1'"  sing N N 92  
DG "C2'" "H2'"  sing N N 93  
DG "C2'" "H2''" sing N N 94  
DG "C1'" N9     sing N N 95  
DG "C1'" "H1'"  sing N N 96  
DG N9    C8     sing Y N 97  
DG N9    C4     sing Y N 98  
DG C8    N7     doub Y N 99  
DG C8    H8     sing N N 100 
DG N7    C5     sing Y N 101 
DG C5    C6     sing N N 102 
DG C5    C4     doub Y N 103 
DG C6    O6     doub N N 104 
DG C6    N1     sing N N 105 
DG N1    C2     sing N N 106 
DG N1    H1     sing N N 107 
DG C2    N2     sing N N 108 
DG C2    N3     doub N N 109 
DG N2    H21    sing N N 110 
DG N2    H22    sing N N 111 
DG N3    C4     sing N N 112 
DT OP3   P      sing N N 113 
DT OP3   HOP3   sing N N 114 
DT P     OP1    doub N N 115 
DT P     OP2    sing N N 116 
DT P     "O5'"  sing N N 117 
DT OP2   HOP2   sing N N 118 
DT "O5'" "C5'"  sing N N 119 
DT "C5'" "C4'"  sing N N 120 
DT "C5'" "H5'"  sing N N 121 
DT "C5'" "H5''" sing N N 122 
DT "C4'" "O4'"  sing N N 123 
DT "C4'" "C3'"  sing N N 124 
DT "C4'" "H4'"  sing N N 125 
DT "O4'" "C1'"  sing N N 126 
DT "C3'" "O3'"  sing N N 127 
DT "C3'" "C2'"  sing N N 128 
DT "C3'" "H3'"  sing N N 129 
DT "O3'" "HO3'" sing N N 130 
DT "C2'" "C1'"  sing N N 131 
DT "C2'" "H2'"  sing N N 132 
DT "C2'" "H2''" sing N N 133 
DT "C1'" N1     sing N N 134 
DT "C1'" "H1'"  sing N N 135 
DT N1    C2     sing N N 136 
DT N1    C6     sing N N 137 
DT C2    O2     doub N N 138 
DT C2    N3     sing N N 139 
DT N3    C4     sing N N 140 
DT N3    H3     sing N N 141 
DT C4    O4     doub N N 142 
DT C4    C5     sing N N 143 
DT C5    C7     sing N N 144 
DT C5    C6     doub N N 145 
DT C7    H71    sing N N 146 
DT C7    H72    sing N N 147 
DT C7    H73    sing N N 148 
DT C6    H6     sing N N 149 
# 
loop_
_ndb_struct_conf_na.entry_id 
_ndb_struct_conf_na.feature 
9NQT 'double helix'        
9NQT 'a-form double helix' 
9NQT 'b-form double helix' 
# 
loop_
_ndb_struct_na_base_pair.model_number 
_ndb_struct_na_base_pair.i_label_asym_id 
_ndb_struct_na_base_pair.i_label_comp_id 
_ndb_struct_na_base_pair.i_label_seq_id 
_ndb_struct_na_base_pair.i_symmetry 
_ndb_struct_na_base_pair.j_label_asym_id 
_ndb_struct_na_base_pair.j_label_comp_id 
_ndb_struct_na_base_pair.j_label_seq_id 
_ndb_struct_na_base_pair.j_symmetry 
_ndb_struct_na_base_pair.shear 
_ndb_struct_na_base_pair.stretch 
_ndb_struct_na_base_pair.stagger 
_ndb_struct_na_base_pair.buckle 
_ndb_struct_na_base_pair.propeller 
_ndb_struct_na_base_pair.opening 
_ndb_struct_na_base_pair.pair_number 
_ndb_struct_na_base_pair.pair_name 
_ndb_struct_na_base_pair.i_auth_asym_id 
_ndb_struct_na_base_pair.i_auth_seq_id 
_ndb_struct_na_base_pair.i_PDB_ins_code 
_ndb_struct_na_base_pair.j_auth_asym_id 
_ndb_struct_na_base_pair.j_auth_seq_id 
_ndb_struct_na_base_pair.j_PDB_ins_code 
_ndb_struct_na_base_pair.hbond_type_28 
_ndb_struct_na_base_pair.hbond_type_12 
1 A DG 3  1_555 D DC 16 1_555 -0.194 -0.145 -0.028 -0.730  -5.334  1.375  1  A_DG7:DC11_D  A 7  ? D 11 ? 19 1 
1 A DC 4  1_555 D DG 15 1_555 0.238  -0.114 0.054  -0.737  -5.401  0.690  2  A_DC8:DG10_D  A 8  ? D 10 ? 19 1 
1 A DC 5  1_555 D DG 14 1_555 0.191  -0.114 0.103  -3.089  -3.096  0.400  3  A_DC9:DG9_D   A 9  ? D 9  ? 19 1 
1 A DT 6  1_555 C DA 2  1_555 -1.111 -0.060 0.032  -15.202 -15.353 5.681  4  A_DT10:DA2_C  A 10 ? C 2  ? 20 1 
1 A DG 7  1_555 C DC 1  1_555 -0.236 -0.156 -0.678 -8.389  -5.056  -0.038 5  A_DG11:DC1_C  A 11 ? C 1  ? 19 1 
1 B DA 1  1_555 C DT 5  1_555 0.068  -0.170 0.051  1.046   -4.369  1.126  6  B_DA1:DT5_C   B 1  ? C 5  ? 20 1 
1 B DG 2  1_555 C DC 4  1_555 -0.169 -0.112 -0.113 -1.925  -6.790  1.333  7  B_DG2:DC4_C   B 2  ? C 4  ? 19 1 
1 B DG 3  1_555 C DC 3  1_555 -0.194 -0.138 -0.394 -6.299  -6.684  1.064  8  B_DG3:DC3_C   B 3  ? C 3  ? 19 1 
1 B DA 4  1_555 D DT 13 1_555 0.162  0.144  -0.480 -10.779 -7.963  -4.422 9  B_DA4:DT8_D   B 4  ? D 8  ? 20 1 
1 B DC 5  1_555 D DG 12 1_555 0.170  -0.120 -0.168 -2.306  -1.619  0.262  10 B_DC5:DG7_D   B 5  ? D 7  ? 19 1 
1 B DA 6  1_555 D DT 11 1_555 0.060  -0.142 0.032  0.510   -1.286  2.361  11 B_DA6:DT6_D   B 6  ? D 6  ? 20 1 
1 B DC 7  1_555 D DG 10 1_555 0.222  -0.126 0.027  -0.174  -1.416  1.124  12 B_DC7:DG5_D   B 7  ? D 5  ? 19 1 
1 B DA 8  1_555 D DT 9  1_555 0.105  -0.131 0.036  -1.728  -2.082  0.344  13 B_DA8:DT4_D   B 8  ? D 4  ? 20 1 
1 B DG 9  1_555 D DC 8  1_555 -0.191 -0.101 -0.081 -2.136  -2.425  0.618  14 B_DG9:DC3_D   B 9  ? D 3  ? 19 1 
1 B DC 10 1_555 D DG 7  1_555 0.167  -0.118 0.006  -0.616  -3.070  -0.222 15 B_DC10:DG2_D  B 10 ? D 2  ? 19 1 
1 B DT 11 1_555 D DA 6  1_555 -0.056 -0.147 0.041  -1.027  -4.827  0.796  16 B_DT11:DA1_D  B 11 ? D 1  ? 20 1 
1 B DA 12 1_555 D DT 5  1_555 0.119  -0.103 -0.130 -2.496  -3.065  -1.575 17 B_DA12:DT0_D  B 12 ? D 0  ? 20 1 
1 B DC 13 1_555 D DG 4  1_555 0.178  -0.088 0.017  -1.857  -2.352  -0.831 18 B_DC13:DG-1_D B 13 ? D -1 ? 19 1 
1 B DA 14 1_555 D DT 3  1_555 0.046  -0.154 0.050  0.520   -3.656  1.503  19 B_DA14:DT-2_D B 14 ? D -2 ? 20 1 
# 
loop_
_ndb_struct_na_base_pair_step.model_number 
_ndb_struct_na_base_pair_step.i_label_asym_id_1 
_ndb_struct_na_base_pair_step.i_label_comp_id_1 
_ndb_struct_na_base_pair_step.i_label_seq_id_1 
_ndb_struct_na_base_pair_step.i_symmetry_1 
_ndb_struct_na_base_pair_step.j_label_asym_id_1 
_ndb_struct_na_base_pair_step.j_label_comp_id_1 
_ndb_struct_na_base_pair_step.j_label_seq_id_1 
_ndb_struct_na_base_pair_step.j_symmetry_1 
_ndb_struct_na_base_pair_step.i_label_asym_id_2 
_ndb_struct_na_base_pair_step.i_label_comp_id_2 
_ndb_struct_na_base_pair_step.i_label_seq_id_2 
_ndb_struct_na_base_pair_step.i_symmetry_2 
_ndb_struct_na_base_pair_step.j_label_asym_id_2 
_ndb_struct_na_base_pair_step.j_label_comp_id_2 
_ndb_struct_na_base_pair_step.j_label_seq_id_2 
_ndb_struct_na_base_pair_step.j_symmetry_2 
_ndb_struct_na_base_pair_step.shift 
_ndb_struct_na_base_pair_step.slide 
_ndb_struct_na_base_pair_step.rise 
_ndb_struct_na_base_pair_step.tilt 
_ndb_struct_na_base_pair_step.roll 
_ndb_struct_na_base_pair_step.twist 
_ndb_struct_na_base_pair_step.x_displacement 
_ndb_struct_na_base_pair_step.y_displacement 
_ndb_struct_na_base_pair_step.helical_rise 
_ndb_struct_na_base_pair_step.inclination 
_ndb_struct_na_base_pair_step.tip 
_ndb_struct_na_base_pair_step.helical_twist 
_ndb_struct_na_base_pair_step.step_number 
_ndb_struct_na_base_pair_step.step_name 
_ndb_struct_na_base_pair_step.i_auth_asym_id_1 
_ndb_struct_na_base_pair_step.i_auth_seq_id_1 
_ndb_struct_na_base_pair_step.i_PDB_ins_code_1 
_ndb_struct_na_base_pair_step.j_auth_asym_id_1 
_ndb_struct_na_base_pair_step.j_auth_seq_id_1 
_ndb_struct_na_base_pair_step.j_PDB_ins_code_1 
_ndb_struct_na_base_pair_step.i_auth_asym_id_2 
_ndb_struct_na_base_pair_step.i_auth_seq_id_2 
_ndb_struct_na_base_pair_step.i_PDB_ins_code_2 
_ndb_struct_na_base_pair_step.j_auth_asym_id_2 
_ndb_struct_na_base_pair_step.j_auth_seq_id_2 
_ndb_struct_na_base_pair_step.j_PDB_ins_code_2 
1 A DG 3  1_555 D DC 16 1_555 A DC 4  1_555 D DG 15 1_555 -0.205 -0.594 3.317 -4.782 -2.386 40.982 -0.580 -0.234 3.347 -3.390 
6.796  41.314 1  AA_DG7DC8:DG10DC11_DD   A 7  ? D 11 ? A 8  ? D 10 ? 
1 A DC 4  1_555 D DG 15 1_555 A DC 5  1_555 D DG 14 1_555 -0.357 -1.472 3.242 -1.102 -2.131 34.950 -2.124 0.426  3.332 -3.543 
1.832  35.030 2  AA_DC8DC9:DG9DG10_DD    A 8  ? D 10 ? A 9  ? D 9  ? 
1 A DC 5  1_555 D DG 14 1_555 A DT 6  1_555 C DA 2  1_555 -0.989 -1.444 3.484 0.917  9.225  18.804 -7.729 3.095  2.457 26.266 
-2.612 20.947 3  AA_DC9DT10:DA2DG9_CD    A 9  ? D 9  ? A 10 ? C 2  ? 
1 A DT 6  1_555 C DA 2  1_555 A DG 7  1_555 C DC 1  1_555 -0.836 1.913  3.358 -3.586 1.588  41.063 2.537  0.783  3.484 2.257  
5.098  41.242 4  AA_DT10DG11:DC1DA2_CC   A 10 ? C 2  ? A 11 ? C 1  ? 
1 B DA 1  1_555 C DT 5  1_555 B DG 2  1_555 C DC 4  1_555 0.209  -0.741 3.414 -2.898 -0.903 28.828 -1.271 -1.085 3.398 -1.808 
5.801  28.984 5  BB_DA1DG2:DC4DT5_CC     B 1  ? C 5  ? B 2  ? C 4  ? 
1 B DG 2  1_555 C DC 4  1_555 B DG 3  1_555 C DC 3  1_555 -0.067 -0.554 3.477 -3.595 -1.850 42.458 -0.563 -0.293 3.491 -2.547 
4.950  42.642 6  BB_DG2DG3:DC3DC4_CC     B 2  ? C 4  ? B 3  ? C 3  ? 
1 B DG 3  1_555 C DC 3  1_555 B DA 4  1_555 D DT 13 1_555 -1.813 -0.772 3.263 -3.600 0.786  32.442 -1.514 2.585  3.420 1.402  
6.419  32.645 7  BB_DG3DA4:DT8DC3_DC     B 3  ? C 3  ? B 4  ? D 8  ? 
1 B DA 4  1_555 D DT 13 1_555 B DC 5  1_555 D DG 12 1_555 0.104  -0.462 3.089 -3.484 0.053  34.669 -0.779 -0.673 3.063 0.089  
5.828  34.839 8  BB_DA4DC5:DG7DT8_DD     B 4  ? D 8  ? B 5  ? D 7  ? 
1 B DC 5  1_555 D DG 12 1_555 B DA 6  1_555 D DT 11 1_555 -0.088 0.215  3.197 -0.690 2.586  38.407 0.012  0.049  3.205 3.925  
1.047  38.496 9  BB_DC5DA6:DT6DG7_DD     B 5  ? D 7  ? B 6  ? D 6  ? 
1 B DA 6  1_555 D DT 11 1_555 B DC 7  1_555 D DG 10 1_555 0.229  -0.789 3.317 -0.508 -0.934 29.238 -1.356 -0.565 3.336 -1.849 
1.005  29.257 10 BB_DA6DC7:DG5DT6_DD     B 6  ? D 6  ? B 7  ? D 5  ? 
1 B DC 7  1_555 D DG 10 1_555 B DA 8  1_555 D DT 9  1_555 -0.239 -0.330 3.178 -1.935 0.881  39.055 -0.596 0.131  3.178 1.317  
2.892  39.110 11 BB_DC7DA8:DT4DG5_DD     B 7  ? D 5  ? B 8  ? D 4  ? 
1 B DA 8  1_555 D DT 9  1_555 B DG 9  1_555 D DC 8  1_555 -0.269 -0.511 3.291 -2.269 -0.115 33.730 -0.860 0.092  3.303 -0.197 
3.904  33.804 12 BB_DA8DG9:DC3DT4_DD     B 8  ? D 4  ? B 9  ? D 3  ? 
1 B DG 9  1_555 D DC 8  1_555 B DC 10 1_555 D DG 7  1_555 -0.783 -0.291 3.117 -1.976 -0.264 36.868 -0.426 0.981  3.155 -0.417 
3.122  36.920 13 BB_DG9DC10:DG2DC3_DD    B 9  ? D 3  ? B 10 ? D 2  ? 
1 B DC 10 1_555 D DG 7  1_555 B DT 11 1_555 D DA 6  1_555 0.075  -0.717 3.171 1.536  0.501  33.499 -1.322 0.114  3.160 0.868  
-2.663 33.537 14 BB_DC10DT11:DA1DG2_DD   B 10 ? D 2  ? B 11 ? D 1  ? 
1 B DT 11 1_555 D DA 6  1_555 B DA 12 1_555 D DT 5  1_555 -0.861 0.450  3.201 -1.483 0.523  35.728 0.658  1.192  3.239 0.853  
2.416  35.761 15 BB_DT11DA12:DT0DA1_DD   B 11 ? D 1  ? B 12 ? D 0  ? 
1 B DA 12 1_555 D DT 5  1_555 B DC 13 1_555 D DG 4  1_555 0.131  -0.789 3.260 -2.549 -1.019 27.887 -1.389 -0.873 3.261 -2.109 
5.272  28.019 16 BB_DA12DC13:DG-1DT0_DD  B 12 ? D 0  ? B 13 ? D -1 ? 
1 B DC 13 1_555 D DG 4  1_555 B DA 14 1_555 D DT 3  1_555 0.183  0.115  3.512 -0.026 2.111  41.024 -0.082 -0.264 3.513 3.010  
0.037  41.076 17 BB_DC13DA14:DT-2DG-1_DD B 13 ? D -1 ? B 14 ? D -2 ? 
# 
loop_
_pdbx_audit_support.funding_organization 
_pdbx_audit_support.country 
_pdbx_audit_support.grant_number 
_pdbx_audit_support.ordinal 
'Office of Naval Research (ONR)'                   'United States' N000141912596 1 
'Department of Energy (DOE, United States)'        'United States' DE-SC0007991  2 
'National Science Foundation (NSF, United States)' 'United States' CCF-2106790   3 
'National Science Foundation (NSF, United States)' 'United States' GCR-2317843   4 
# 
_pdbx_initial_refinement_model.id               1 
_pdbx_initial_refinement_model.entity_id_list   ? 
_pdbx_initial_refinement_model.type             'experimental model' 
_pdbx_initial_refinement_model.source_name      PDB 
_pdbx_initial_refinement_model.accession_code   8D93 
_pdbx_initial_refinement_model.details          ? 
# 
_space_group.name_H-M_alt     'P 32' 
_space_group.name_Hall        'P 32' 
_space_group.IT_number        145 
_space_group.crystal_system   trigonal 
_space_group.id               1 
# 
_atom_sites.entry_id                    9NQT 
_atom_sites.Cartn_transf_matrix[1][1]   ? 
_atom_sites.Cartn_transf_matrix[1][2]   ? 
_atom_sites.Cartn_transf_matrix[1][3]   ? 
_atom_sites.Cartn_transf_matrix[2][1]   ? 
_atom_sites.Cartn_transf_matrix[2][2]   ? 
_atom_sites.Cartn_transf_matrix[2][3]   ? 
_atom_sites.Cartn_transf_matrix[3][1]   ? 
_atom_sites.Cartn_transf_matrix[3][2]   ? 
_atom_sites.Cartn_transf_matrix[3][3]   ? 
_atom_sites.Cartn_transf_vector[1]      ? 
_atom_sites.Cartn_transf_vector[2]      ? 
_atom_sites.Cartn_transf_vector[3]      ? 
_atom_sites.Cartn_transform_axes        ? 
_atom_sites.fract_transf_matrix[1][1]   -0.00774776 
_atom_sites.fract_transf_matrix[1][2]   -0.01233946 
_atom_sites.fract_transf_matrix[1][3]   -0.00846714 
_atom_sites.fract_transf_matrix[2][1]   -0.01586940 
_atom_sites.fract_transf_matrix[2][2]   -0.00417559 
_atom_sites.fract_transf_matrix[2][3]   0.00383622 
_atom_sites.fract_transf_matrix[3][1]   -0.00563826 
_atom_sites.fract_transf_matrix[3][2]   0.01118831 
_atom_sites.fract_transf_matrix[3][3]   -0.01114589 
_atom_sites.fract_transf_vector[1]      0.229522 
_atom_sites.fract_transf_vector[2]      0.337915 
_atom_sites.fract_transf_vector[3]      -0.059446 
_atom_sites.solution_primary            ? 
_atom_sites.solution_secondary          ? 
_atom_sites.solution_hydrogens          ? 
_atom_sites.special_details             ? 
# 
loop_
_atom_type.symbol 
_atom_type.scat_dispersion_real 
_atom_type.scat_dispersion_imag 
_atom_type.scat_Cromer_Mann_a1 
_atom_type.scat_Cromer_Mann_a2 
_atom_type.scat_Cromer_Mann_a3 
_atom_type.scat_Cromer_Mann_a4 
_atom_type.scat_Cromer_Mann_b1 
_atom_type.scat_Cromer_Mann_b2 
_atom_type.scat_Cromer_Mann_b3 
_atom_type.scat_Cromer_Mann_b4 
_atom_type.scat_Cromer_Mann_c 
_atom_type.scat_source 
_atom_type.scat_dispersion_source 
C ? ? 5.96793  ? ? ? 14.89577 ? ? ? 0.0 
;1-Gaussian fit: Grosse-Kunstleve RW, Sauter NK, Adams PD: Newsletter of the IUCr Commission on Crystallographic Computing 2004, 3, 22-31.
;
? 
N ? ? 6.96715  ? ? ? 11.43723 ? ? ? 0.0 
;1-Gaussian fit: Grosse-Kunstleve RW, Sauter NK, Adams PD: Newsletter of the IUCr Commission on Crystallographic Computing 2004, 3, 22-31.
;
? 
O ? ? 7.96527  ? ? ? 9.05267  ? ? ? 0.0 
;1-Gaussian fit: Grosse-Kunstleve RW, Sauter NK, Adams PD: Newsletter of the IUCr Commission on Crystallographic Computing 2004, 3, 22-31.
;
? 
P ? ? 14.90797 ? ? ? 11.91318 ? ? ? 0.0 
;1-Gaussian fit: Grosse-Kunstleve RW, Sauter NK, Adams PD: Newsletter of the IUCr Commission on Crystallographic Computing 2004, 3, 22-31.
;
? 
# 
loop_
_atom_site.group_PDB 
_atom_site.id 
_atom_site.type_symbol 
_atom_site.label_atom_id 
_atom_site.label_alt_id 
_atom_site.label_comp_id 
_atom_site.label_asym_id 
_atom_site.label_entity_id 
_atom_site.label_seq_id 
_atom_site.pdbx_PDB_ins_code 
_atom_site.Cartn_x 
_atom_site.Cartn_y 
_atom_site.Cartn_z 
_atom_site.occupancy 
_atom_site.B_iso_or_equiv 
_atom_site.pdbx_formal_charge 
_atom_site.auth_seq_id 
_atom_site.auth_comp_id 
_atom_site.auth_asym_id 
_atom_site.auth_atom_id 
_atom_site.pdbx_PDB_model_num 
ATOM 1   O "O5'" . DG A 1 1  ? 8.41863   0.93825   6.98185   1.000 456.35027 ? 5  DG A "O5'" 1 
ATOM 2   C "C5'" . DG A 1 1  ? 9.70187   0.32533   6.93598   1.000 465.56574 ? 5  DG A "C5'" 1 
ATOM 3   C "C4'" . DG A 1 1  ? 9.76369   -0.87469  7.86316   1.000 462.83782 ? 5  DG A "C4'" 1 
ATOM 4   O "O4'" . DG A 1 1  ? 9.54607   -0.44767  9.23489   1.000 466.44188 ? 5  DG A "O4'" 1 
ATOM 5   C "C3'" . DG A 1 1  ? 8.72174   -1.96327  7.58374   1.000 446.23265 ? 5  DG A "C3'" 1 
ATOM 6   O "O3'" . DG A 1 1  ? 9.34122   -3.24106  7.60696   1.000 445.75268 ? 5  DG A "O3'" 1 
ATOM 7   C "C2'" . DG A 1 1  ? 7.73070   -1.80302  8.73477   1.000 440.17043 ? 5  DG A "C2'" 1 
ATOM 8   C "C1'" . DG A 1 1  ? 8.64755   -1.33566  9.85040   1.000 454.34856 ? 5  DG A "C1'" 1 
ATOM 9   N N9    . DG A 1 1  ? 7.95344   -0.63851  10.92723  1.000 453.81909 ? 5  DG A N9    1 
ATOM 10  C C8    . DG A 1 1  ? 7.15725   0.47795   10.81470  1.000 451.64725 ? 5  DG A C8    1 
ATOM 11  N N7    . DG A 1 1  ? 6.66643   0.88303   11.95206  1.000 451.47568 ? 5  DG A N7    1 
ATOM 12  C C5    . DG A 1 1  ? 7.15599   -0.02622  12.87927  1.000 453.64489 ? 5  DG A C5    1 
ATOM 13  C C6    . DG A 1 1  ? 6.95742   -0.10056  14.27748  1.000 454.45639 ? 5  DG A C6    1 
ATOM 14  O O6    . DG A 1 1  ? 6.28427   0.65190   14.99811  1.000 453.46604 ? 5  DG A O6    1 
ATOM 15  N N1    . DG A 1 1  ? 7.63613   -1.17829  14.83976  1.000 456.25513 ? 5  DG A N1    1 
ATOM 16  C C2    . DG A 1 1  ? 8.41242   -2.06890  14.13731  1.000 456.99222 ? 5  DG A C2    1 
ATOM 17  N N2    . DG A 1 1  ? 8.98649   -3.04982  14.85209  1.000 457.23882 ? 5  DG A N2    1 
ATOM 18  N N3    . DG A 1 1  ? 8.60612   -2.01451  12.82486  1.000 456.68471 ? 5  DG A N3    1 
ATOM 19  C C4    . DG A 1 1  ? 7.94880   -0.96779  12.26463  1.000 454.98668 ? 5  DG A C4    1 
ATOM 20  P P     . DA A 1 2  ? 8.90316   -4.37802  6.55851   1.000 453.17676 ? 6  DA A P     1 
ATOM 21  O OP1   . DA A 1 2  ? 9.92241   -4.41718  5.48689   1.000 466.09630 ? 6  DA A OP1   1 
ATOM 22  O OP2   . DA A 1 2  ? 7.48228   -4.16300  6.20558   1.000 433.71942 ? 6  DA A OP2   1 
ATOM 23  O "O5'" . DA A 1 2  ? 8.99779   -5.72771  7.40902   1.000 446.83595 ? 6  DA A "O5'" 1 
ATOM 24  C "C5'" . DA A 1 2  ? 10.22277  -6.08809  8.03326   1.000 462.14990 ? 6  DA A "C5'" 1 
ATOM 25  C "C4'" . DA A 1 2  ? 9.96714   -6.88034  9.30166   1.000 453.11200 ? 6  DA A "C4'" 1 
ATOM 26  O "O4'" . DA A 1 2  ? 9.52957   -5.98342  10.35568  1.000 453.76355 ? 6  DA A "O4'" 1 
ATOM 27  C "C3'" . DA A 1 2  ? 8.88716   -7.95774  9.17780   1.000 429.46819 ? 6  DA A "C3'" 1 
ATOM 28  O "O3'" . DA A 1 2  ? 9.33555   -9.17487  9.76296   1.000 424.93171 ? 6  DA A "O3'" 1 
ATOM 29  C "C2'" . DA A 1 2  ? 7.70384   -7.36838  9.94061   1.000 418.81213 ? 6  DA A "C2'" 1 
ATOM 30  C "C1'" . DA A 1 2  ? 8.40120   -6.52766  10.99316  1.000 433.51293 ? 6  DA A "C1'" 1 
ATOM 31  N N9    . DA A 1 2  ? 7.57647   -5.43761  11.48390  1.000 432.84577 ? 6  DA A N9    1 
ATOM 32  C C8    . DA A 1 2  ? 7.09288   -4.37909  10.76609  1.000 433.55760 ? 6  DA A C8    1 
ATOM 33  N N7    . DA A 1 2  ? 6.36450   -3.54715  11.47045  1.000 432.94416 ? 6  DA A N7    1 
ATOM 34  C C5    . DA A 1 2  ? 6.36666   -4.10497  12.74012  1.000 431.54564 ? 6  DA A C5    1 
ATOM 35  C C6    . DA A 1 2  ? 5.77030   -3.69987  13.94980  1.000 429.79414 ? 6  DA A C6    1 
ATOM 36  N N6    . DA A 1 2  ? 5.03188   -2.59526  14.07580  1.000 429.61305 ? 6  DA A N6    1 
ATOM 37  N N1    . DA A 1 2  ? 5.97401   -4.47896  15.03394  1.000 427.66329 ? 6  DA A N1    1 
ATOM 38  C C2    . DA A 1 2  ? 6.71972   -5.58225  14.90432  1.000 427.11989 ? 6  DA A C2    1 
ATOM 39  N N3    . DA A 1 2  ? 7.32558   -6.06424  13.81977  1.000 428.95307 ? 6  DA A N3    1 
ATOM 40  C C4    . DA A 1 2  ? 7.10859   -5.26401  12.76300  1.000 431.26993 ? 6  DA A C4    1 
ATOM 41  P P     . DG A 1 3  ? 8.39048   -10.47535 9.73740   1.000 437.44755 ? 7  DG A P     1 
ATOM 42  O OP1   . DG A 1 3  ? 9.26118   -11.67167 9.78945   1.000 437.66755 ? 7  DG A OP1   1 
ATOM 43  O OP2   . DG A 1 3  ? 7.43297   -10.30996 8.62129   1.000 425.44379 ? 7  DG A OP2   1 
ATOM 44  O "O5'" . DG A 1 3  ? 7.56640   -10.37434 11.10463  1.000 427.82977 ? 7  DG A "O5'" 1 
ATOM 45  C "C5'" . DG A 1 3  ? 8.26037   -10.29343 12.34164  1.000 436.97999 ? 7  DG A "C5'" 1 
ATOM 46  C "C4'" . DG A 1 3  ? 7.30248   -10.40731 13.51451  1.000 421.75770 ? 7  DG A "C4'" 1 
ATOM 47  O "O4'" . DG A 1 3  ? 6.74924   -9.10259  13.83046  1.000 424.03535 ? 7  DG A "O4'" 1 
ATOM 48  C "C3'" . DG A 1 3  ? 6.10055   -11.33854 13.29529  1.000 402.68470 ? 7  DG A "C3'" 1 
ATOM 49  O "O3'" . DG A 1 3  ? 5.96899   -12.22501 14.40692  1.000 395.11340 ? 7  DG A "O3'" 1 
ATOM 50  C "C2'" . DG A 1 3  ? 4.91966   -10.36923 13.20833  1.000 399.20234 ? 7  DG A "C2'" 1 
ATOM 51  C "C1'" . DG A 1 3  ? 5.38940   -9.26562  14.13338  1.000 410.05793 ? 7  DG A "C1'" 1 
ATOM 52  N N9    . DG A 1 3  ? 4.69965   -7.99274  13.94087  1.000 412.22522 ? 7  DG A N9    1 
ATOM 53  C C8    . DG A 1 3  ? 4.63581   -7.24301  12.79328  1.000 417.33912 ? 7  DG A C8    1 
ATOM 54  N N7    . DG A 1 3  ? 3.94329   -6.14391  12.93151  1.000 417.70811 ? 7  DG A N7    1 
ATOM 55  C C5    . DG A 1 3  ? 3.51844   -6.17421  14.25251  1.000 412.51614 ? 7  DG A C5    1 
ATOM 56  C C6    . DG A 1 3  ? 2.73142   -5.25120  14.98578  1.000 410.70819 ? 7  DG A C6    1 
ATOM 57  O O6    . DG A 1 3  ? 2.23361   -4.18726  14.59275  1.000 413.12691 ? 7  DG A O6    1 
ATOM 58  N N1    . DG A 1 3  ? 2.53868   -5.66693  16.30040  1.000 405.24154 ? 7  DG A N1    1 
ATOM 59  C C2    . DG A 1 3  ? 3.04448   -6.82626  16.84024  1.000 400.87718 ? 7  DG A C2    1 
ATOM 60  N N2    . DG A 1 3  ? 2.75894   -7.06819  18.12682  1.000 393.93865 ? 7  DG A N2    1 
ATOM 61  N N3    . DG A 1 3  ? 3.78198   -7.69444  16.16558  1.000 402.56798 ? 7  DG A N3    1 
ATOM 62  C C4    . DG A 1 3  ? 3.97957   -7.30457  14.88833  1.000 408.84280 ? 7  DG A C4    1 
ATOM 63  P P     . DC A 1 4  ? 4.93196   -13.45349 14.36408  1.000 395.16862 ? 8  DC A P     1 
ATOM 64  O OP1   . DC A 1 4  ? 5.70001   -14.67938 14.67491  1.000 393.67108 ? 8  DC A OP1   1 
ATOM 65  O OP2   . DC A 1 4  ? 4.15080   -13.37751 13.11009  1.000 385.59077 ? 8  DC A OP2   1 
ATOM 66  O "O5'" . DC A 1 4  ? 3.93979   -13.15778 15.58302  1.000 383.67428 ? 8  DC A "O5'" 1 
ATOM 67  C "C5'" . DC A 1 4  ? 4.42211   -13.23478 16.91700  1.000 386.57797 ? 8  DC A "C5'" 1 
ATOM 68  C "C4'" . DC A 1 4  ? 3.46625   -12.55710 17.87933  1.000 378.27826 ? 8  DC A "C4'" 1 
ATOM 69  O "O4'" . DC A 1 4  ? 3.16966   -11.21639 17.40598  1.000 386.14971 ? 8  DC A "O4'" 1 
ATOM 70  C "C3'" . DC A 1 4  ? 2.11561   -13.25471 18.05186  1.000 356.34824 ? 8  DC A "C3'" 1 
ATOM 71  O "O3'" . DC A 1 4  ? 1.74484   -13.24323 19.42539  1.000 348.32221 ? 8  DC A "O3'" 1 
ATOM 72  C "C2'" . DC A 1 4  ? 1.17247   -12.39980 17.20492  1.000 353.17033 ? 8  DC A "C2'" 1 
ATOM 73  C "C1'" . DC A 1 4  ? 1.77428   -11.02115 17.40505  1.000 371.03744 ? 8  DC A "C1'" 1 
ATOM 74  N N1    . DC A 1 4  ? 1.42887   -10.03508 16.33290  1.000 376.59291 ? 8  DC A N1    1 
ATOM 75  C C2    . DC A 1 4  ? 0.59204   -8.95639  16.63808  1.000 375.08443 ? 8  DC A C2    1 
ATOM 76  O O2    . DC A 1 4  ? 0.14928   -8.85376  17.78791  1.000 368.60469 ? 8  DC A O2    1 
ATOM 77  N N3    . DC A 1 4  ? 0.28847   -8.06186  15.66402  1.000 380.05311 ? 8  DC A N3    1 
ATOM 78  C C4    . DC A 1 4  ? 0.79248   -8.21659  14.43748  1.000 385.37711 ? 8  DC A C4    1 
ATOM 79  N N4    . DC A 1 4  ? 0.46831   -7.31047  13.50852  1.000 388.86785 ? 8  DC A N4    1 
ATOM 80  C C5    . DC A 1 4  ? 1.64853   -9.31084  14.10741  1.000 387.04091 ? 8  DC A C5    1 
ATOM 81  C C6    . DC A 1 4  ? 1.94141   -10.18386 15.07822  1.000 382.99102 ? 8  DC A C6    1 
ATOM 82  P P     . DC A 1 5  ? 0.40752   -13.98689 19.91474  1.000 361.46403 ? 9  DC A P     1 
ATOM 83  O OP1   . DC A 1 5  ? 0.62415   -14.42132 21.31230  1.000 357.37873 ? 9  DC A OP1   1 
ATOM 84  O OP2   . DC A 1 5  ? 0.04803   -14.98746 18.88657  1.000 351.57019 ? 9  DC A OP2   1 
ATOM 85  O "O5'" . DC A 1 5  ? -0.69905  -12.83110 19.90776  1.000 355.08584 ? 9  DC A "O5'" 1 
ATOM 86  C "C5'" . DC A 1 5  ? -0.48559  -11.65003 20.66535  1.000 365.22126 ? 9  DC A "C5'" 1 
ATOM 87  C "C4'" . DC A 1 5  ? -1.79624  -10.94116 20.96203  1.000 353.47158 ? 9  DC A "C4'" 1 
ATOM 88  O "O4'" . DC A 1 5  ? -2.04751  -9.92739  19.95695  1.000 362.81374 ? 9  DC A "O4'" 1 
ATOM 89  C "C3'" . DC A 1 5  ? -3.03757  -11.82686 20.99210  1.000 328.62010 ? 9  DC A "C3'" 1 
ATOM 90  O "O3'" . DC A 1 5  ? -3.89434  -11.38407 22.04078  1.000 318.03312 ? 9  DC A "O3'" 1 
ATOM 91  C "C2'" . DC A 1 5  ? -3.65342  -11.60309 19.60782  1.000 325.89821 ? 9  DC A "C2'" 1 
ATOM 92  C "C1'" . DC A 1 5  ? -3.30210  -10.14673 19.34492  1.000 345.29041 ? 9  DC A "C1'" 1 
ATOM 93  N N1    . DC A 1 5  ? -3.16308  -9.80255  17.89838  1.000 353.94859 ? 9  DC A N1    1 
ATOM 94  C C2    . DC A 1 5  ? -3.81144  -8.66889  17.39078  1.000 356.69818 ? 9  DC A C2    1 
ATOM 95  O O2    . DC A 1 5  ? -4.50460  -7.98363  18.15326  1.000 351.93619 ? 9  DC A O2    1 
ATOM 96  N N3    . DC A 1 5  ? -3.65674  -8.35686  16.07676  1.000 364.20109 ? 9  DC A N3    1 
ATOM 97  C C4    . DC A 1 5  ? -2.89409  -9.12567  15.29354  1.000 368.10577 ? 9  DC A C4    1 
ATOM 98  N N4    . DC A 1 5  ? -2.77063  -8.78561  14.00450  1.000 373.48834 ? 9  DC A N4    1 
ATOM 99  C C5    . DC A 1 5  ? -2.22537  -10.28180 15.79549  1.000 366.04315 ? 9  DC A C5    1 
ATOM 100 C C6    . DC A 1 5  ? -2.38050  -10.57525 17.09113  1.000 359.38758 ? 9  DC A C6    1 
ATOM 101 P P     . DT A 1 6  ? -5.41599  -11.88904 22.14445  1.000 316.27014 ? 10 DT A P     1 
ATOM 102 O OP1   . DT A 1 6  ? -5.80353  -11.79930 23.56906  1.000 319.48557 ? 10 DT A OP1   1 
ATOM 103 O OP2   . DT A 1 6  ? -5.54384  -13.18851 21.44934  1.000 306.22904 ? 10 DT A OP2   1 
ATOM 104 O "O5'" . DT A 1 6  ? -6.23302  -10.78104 21.33318  1.000 316.28546 ? 10 DT A "O5'" 1 
ATOM 105 C "C5'" . DT A 1 6  ? -6.20817  -9.42435  21.76726  1.000 325.40119 ? 10 DT A "C5'" 1 
ATOM 106 C "C4'" . DT A 1 6  ? -7.53935  -8.73986  21.50525  1.000 322.61421 ? 10 DT A "C4'" 1 
ATOM 107 O "O4'" . DT A 1 6  ? -7.53849  -8.15672  20.17402  1.000 322.67598 ? 10 DT A "O4'" 1 
ATOM 108 C "C3'" . DT A 1 6  ? -8.75831  -9.65300  21.54884  1.000 312.47621 ? 10 DT A "C3'" 1 
ATOM 109 O "O3'" . DT A 1 6  ? -9.88648  -8.91350  21.97927  1.000 313.76941 ? 10 DT A "O3'" 1 
ATOM 110 C "C2'" . DT A 1 6  ? -8.89734  -10.05655 20.08722  1.000 305.69419 ? 10 DT A "C2'" 1 
ATOM 111 C "C1'" . DT A 1 6  ? -8.57208  -8.73771  19.40359  1.000 312.94271 ? 10 DT A "C1'" 1 
ATOM 112 N N1    . DT A 1 6  ? -8.08615  -8.87811  18.00020  1.000 313.42534 ? 10 DT A N1    1 
ATOM 113 C C2    . DT A 1 6  ? -8.53408  -7.99532  17.04385  1.000 319.49277 ? 10 DT A C2    1 
ATOM 114 O O2    . DT A 1 6  ? -9.32465  -7.09840  17.27899  1.000 319.81020 ? 10 DT A O2    1 
ATOM 115 N N3    . DT A 1 6  ? -8.02146  -8.20082  15.79139  1.000 325.71370 ? 10 DT A N3    1 
ATOM 116 C C4    . DT A 1 6  ? -7.12324  -9.17839  15.40533  1.000 327.06056 ? 10 DT A C4    1 
ATOM 117 O O4    . DT A 1 6  ? -6.72173  -9.28076  14.25033  1.000 332.73097 ? 10 DT A O4    1 
ATOM 118 C C5    . DT A 1 6  ? -6.69155  -10.07057 16.45618  1.000 321.52038 ? 10 DT A C5    1 
ATOM 119 C C7    . DT A 1 6  ? -5.71935  -11.17376 16.15699  1.000 323.84292 ? 10 DT A C7    1 
ATOM 120 C C6    . DT A 1 6  ? -7.18677  -9.87814  17.68927  1.000 314.72760 ? 10 DT A C6    1 
ATOM 121 P P     . DG A 1 7  ? -10.58011 -9.22751  23.39225  1.000 319.01097 ? 11 DG A P     1 
ATOM 122 O OP1   . DG A 1 7  ? -9.62944  -8.84336  24.45950  1.000 328.40871 ? 11 DG A OP1   1 
ATOM 123 O OP2   . DG A 1 7  ? -11.10105 -10.61121 23.33835  1.000 309.04815 ? 11 DG A OP2   1 
ATOM 124 O "O5'" . DG A 1 7  ? -11.83039 -8.23074  23.41799  1.000 320.89702 ? 11 DG A "O5'" 1 
ATOM 125 C "C5'" . DG A 1 7  ? -11.99195 -7.27515  22.37092  1.000 322.55630 ? 11 DG A "C5'" 1 
ATOM 126 C "C4'" . DG A 1 7  ? -13.23795 -7.57320  21.55510  1.000 314.86416 ? 11 DG A "C4'" 1 
ATOM 127 O "O4'" . DG A 1 7  ? -12.95366 -7.37833  20.14711  1.000 312.92830 ? 11 DG A "O4'" 1 
ATOM 128 C "C3'" . DG A 1 7  ? -13.73798 -9.00121  21.65736  1.000 305.51478 ? 11 DG A "C3'" 1 
ATOM 129 O "O3'" . DG A 1 7  ? -14.59985 -9.13688  22.78196  1.000 306.17047 ? 11 DG A "O3'" 1 
ATOM 130 C "C2'" . DG A 1 7  ? -14.49998 -9.17171  20.34816  1.000 299.08667 ? 11 DG A "C2'" 1 
ATOM 131 C "C1'" . DG A 1 7  ? -13.68957 -8.31211  19.37052  1.000 303.67295 ? 11 DG A "C1'" 1 
ATOM 132 N N9    . DG A 1 7  ? -12.74993 -9.07928  18.54992  1.000 299.90213 ? 11 DG A N9    1 
ATOM 133 C C8    . DG A 1 7  ? -11.99899 -10.15390 18.95455  1.000 296.69689 ? 11 DG A C8    1 
ATOM 134 N N7    . DG A 1 7  ? -11.23819 -10.64215 18.01695  1.000 294.36140 ? 11 DG A N7    1 
ATOM 135 C C5    . DG A 1 7  ? -11.49746 -9.84345  16.91361  1.000 296.22528 ? 11 DG A C5    1 
ATOM 136 C C6    . DG A 1 7  ? -10.95996 -9.90353  15.60694  1.000 295.80415 ? 11 DG A C6    1 
ATOM 137 O O6    . DG A 1 7  ? -10.12227 -10.69998 15.16246  1.000 293.62344 ? 11 DG A O6    1 
ATOM 138 N N1    . DG A 1 7  ? -11.48828 -8.91383  14.78424  1.000 298.89338 ? 11 DG A N1    1 
ATOM 139 C C2    . DG A 1 7  ? -12.42236 -7.98096  15.17569  1.000 301.87082 ? 11 DG A C2    1 
ATOM 140 N N2    . DG A 1 7  ? -12.81477 -7.10197  14.23966  1.000 304.95408 ? 11 DG A N2    1 
ATOM 141 N N3    . DG A 1 7  ? -12.93625 -7.91283  16.40389  1.000 302.40225 ? 11 DG A N3    1 
ATOM 142 C C4    . DG A 1 7  ? -12.42759 -8.87417  17.21839  1.000 299.52298 ? 11 DG A C4    1 
ATOM 143 P P     . DA B 2 1  ? -23.89924 -3.00696  -1.02884  1.000 341.40029 ? 1  DA B P     1 
ATOM 144 O OP1   . DA B 2 1  ? -24.95471 -3.72938  -0.28466  1.000 346.38268 ? 1  DA B OP1   1 
ATOM 145 O OP2   . DA B 2 1  ? -22.56988 -2.80417  -0.41232  1.000 335.06644 ? 1  DA B OP2   1 
ATOM 146 O "O5'" . DA B 2 1  ? -24.45693 -1.57609  -1.48011  1.000 341.72488 ? 1  DA B "O5'" 1 
ATOM 147 C "C5'" . DA B 2 1  ? -24.08683 -0.40695  -0.75855  1.000 337.50410 ? 1  DA B "C5'" 1 
ATOM 148 C "C4'" . DA B 2 1  ? -23.57539 0.66829   -1.69954  1.000 335.68066 ? 1  DA B "C4'" 1 
ATOM 149 O "O4'" . DA B 2 1  ? -23.08105 1.78882   -0.92399  1.000 331.78994 ? 1  DA B "O4'" 1 
ATOM 150 C "C3'" . DA B 2 1  ? -22.41557 0.24114   -2.58682  1.000 333.13407 ? 1  DA B "C3'" 1 
ATOM 151 O "O3'" . DA B 2 1  ? -22.44723 0.95377   -3.81724  1.000 334.71898 ? 1  DA B "O3'" 1 
ATOM 152 C "C2'" . DA B 2 1  ? -21.19650 0.61167   -1.75029  1.000 327.27548 ? 1  DA B "C2'" 1 
ATOM 153 C "C1'" . DA B 2 1  ? -21.66802 1.85362   -0.99660  1.000 326.94799 ? 1  DA B "C1'" 1 
ATOM 154 N N9    . DA B 2 1  ? -21.13723 1.91412   0.35994   1.000 323.48049 ? 1  DA B N9    1 
ATOM 155 C C8    . DA B 2 1  ? -20.97637 0.86823   1.21685   1.000 323.26900 ? 1  DA B C8    1 
ATOM 156 N N7    . DA B 2 1  ? -20.47028 1.20126   2.37719   1.000 323.89727 ? 1  DA B N7    1 
ATOM 157 C C5    . DA B 2 1  ? -20.26938 2.56370   2.26982   1.000 318.64874 ? 1  DA B C5    1 
ATOM 158 C C6    . DA B 2 1  ? -19.75130 3.51607   3.16401   1.000 316.24235 ? 1  DA B C6    1 
ATOM 159 N N6    . DA B 2 1  ? -19.32468 3.21155   4.39378   1.000 314.44344 ? 1  DA B N6    1 
ATOM 160 N N1    . DA B 2 1  ? -19.68661 4.79547   2.74603   1.000 316.42035 ? 1  DA B N1    1 
ATOM 161 C C2    . DA B 2 1  ? -20.11762 5.09554   1.51517   1.000 318.80145 ? 1  DA B C2    1 
ATOM 162 N N3    . DA B 2 1  ? -20.62178 4.28687   0.58384   1.000 321.10104 ? 1  DA B N3    1 
ATOM 163 C C4    . DA B 2 1  ? -20.67407 3.02409   1.03050   1.000 320.85897 ? 1  DA B C4    1 
ATOM 164 P P     . DG B 2 2  ? -21.28553 0.74196   -4.90971  1.000 332.65503 ? 2  DG B P     1 
ATOM 165 O OP1   . DG B 2 2  ? -21.91897 0.84306   -6.24367  1.000 337.54389 ? 2  DG B OP1   1 
ATOM 166 O OP2   . DG B 2 2  ? -20.52014 -0.47675  -4.56272  1.000 330.34811 ? 2  DG B OP2   1 
ATOM 167 O "O5'" . DG B 2 2  ? -20.33477 2.01061   -4.69497  1.000 328.41358 ? 2  DG B "O5'" 1 
ATOM 168 C "C5'" . DG B 2 2  ? -20.84061 3.31342   -4.95403  1.000 330.41873 ? 2  DG B "C5'" 1 
ATOM 169 C "C4'" . DG B 2 2  ? -20.04816 4.37814   -4.21352  1.000 326.69983 ? 2  DG B "C4'" 1 
ATOM 170 O "O4'" . DG B 2 2  ? -19.82880 3.97631   -2.83789  1.000 323.54365 ? 2  DG B "O4'" 1 
ATOM 171 C "C3'" . DG B 2 2  ? -18.65647 4.69449   -4.78806  1.000 323.83770 ? 2  DG B "C3'" 1 
ATOM 172 O "O3'" . DG B 2 2  ? -18.54927 6.09540   -5.01709  1.000 325.00778 ? 2  DG B "O3'" 1 
ATOM 173 C "C2'" . DG B 2 2  ? -17.69888 4.23580   -3.68076  1.000 319.10831 ? 2  DG B "C2'" 1 
ATOM 174 C "C1'" . DG B 2 2  ? -18.56600 4.45086   -2.45715  1.000 319.53778 ? 2  DG B "C1'" 1 
ATOM 175 N N9    . DG B 2 2  ? -18.12114 3.74936   -1.25328  1.000 316.49756 ? 2  DG B N9    1 
ATOM 176 C C8    . DG B 2 2  ? -18.24420 2.40996   -0.96906  1.000 316.48643 ? 2  DG B C8    1 
ATOM 177 N N7    . DG B 2 2  ? -17.75930 2.08235   0.19999   1.000 314.04932 ? 2  DG B N7    1 
ATOM 178 C C5    . DG B 2 2  ? -17.28783 3.28399   0.72133   1.000 312.23649 ? 2  DG B C5    1 
ATOM 179 C C6    . DG B 2 2  ? -16.65396 3.56219   1.95878   1.000 309.82093 ? 2  DG B C6    1 
ATOM 180 O O6    . DG B 2 2  ? -16.37403 2.77752   2.87142   1.000 308.68691 ? 2  DG B O6    1 
ATOM 181 N N1    . DG B 2 2  ? -16.33899 4.91505   2.08621   1.000 309.44405 ? 2  DG B N1    1 
ATOM 182 C C2    . DG B 2 2  ? -16.60616 5.87362   1.14009   1.000 311.33955 ? 2  DG B C2    1 
ATOM 183 N N2    . DG B 2 2  ? -16.23111 7.12838   1.42814   1.000 311.48268 ? 2  DG B N2    1 
ATOM 184 N N3    . DG B 2 2  ? -17.19444 5.62381   -0.01911  1.000 313.60091 ? 2  DG B N3    1 
ATOM 185 C C4    . DG B 2 2  ? -17.50461 4.31352   -0.16052  1.000 313.81403 ? 2  DG B C4    1 
ATOM 186 P P     . DG B 2 3  ? -17.41745 6.68263   -5.99475  1.000 337.51694 ? 3  DG B P     1 
ATOM 187 O OP1   . DG B 2 3  ? -18.08442 7.62224   -6.92456  1.000 342.47468 ? 3  DG B OP1   1 
ATOM 188 O OP2   . DG B 2 3  ? -16.63976 5.54210   -6.52599  1.000 335.44981 ? 3  DG B OP2   1 
ATOM 189 O "O5'" . DG B 2 3  ? -16.45995 7.51547   -5.01851  1.000 334.42416 ? 3  DG B "O5'" 1 
ATOM 190 C "C5'" . DG B 2 3  ? -16.96070 8.66522   -4.34125  1.000 336.04731 ? 3  DG B "C5'" 1 
ATOM 191 C "C4'" . DG B 2 3  ? -15.96812 9.16725   -3.30513  1.000 333.03480 ? 3  DG B "C4'" 1 
ATOM 192 O "O4'" . DG B 2 3  ? -15.85954 8.20490   -2.22454  1.000 329.49476 ? 3  DG B "O4'" 1 
ATOM 193 C "C3'" . DG B 2 3  ? -14.54306 9.39177   -3.81675  1.000 331.76807 ? 3  DG B "C3'" 1 
ATOM 194 O "O3'" . DG B 2 3  ? -14.01388 10.58163  -3.24599  1.000 332.56345 ? 3  DG B "O3'" 1 
ATOM 195 C "C2'" . DG B 2 3  ? -13.79936 8.15405   -3.31763  1.000 327.48714 ? 3  DG B "C2'" 1 
ATOM 196 C "C1'" . DG B 2 3  ? -14.50016 7.90976   -1.99437  1.000 326.30869 ? 3  DG B "C1'" 1 
ATOM 197 N N9    . DG B 2 3  ? -14.40569 6.53673   -1.51614  1.000 327.67233 ? 3  DG B N9    1 
ATOM 198 C C8    . DG B 2 3  ? -14.89537 5.40930   -2.12863  1.000 334.86260 ? 3  DG B C8    1 
ATOM 199 N N7    . DG B 2 3  ? -14.67282 4.31525   -1.45523  1.000 339.57579 ? 3  DG B N7    1 
ATOM 200 C C5    . DG B 2 3  ? -13.99508 4.74711   -0.32165  1.000 334.40830 ? 3  DG B C5    1 
ATOM 201 C C6    . DG B 2 3  ? -13.49433 4.01142   0.77723   1.000 335.62930 ? 3  DG B C6    1 
ATOM 202 O O6    . DG B 2 3  ? -13.55023 2.79127   0.97218   1.000 342.13710 ? 3  DG B O6    1 
ATOM 203 N N1    . DG B 2 3  ? -12.87426 4.83818   1.71110   1.000 328.60542 ? 3  DG B N1    1 
ATOM 204 C C2    . DG B 2 3  ? -12.75799 6.20346   1.59754   1.000 321.89223 ? 3  DG B C2    1 
ATOM 205 N N2    . DG B 2 3  ? -12.12525 6.83840   2.59454   1.000 317.41336 ? 3  DG B N2    1 
ATOM 206 N N3    . DG B 2 3  ? -13.22251 6.90199   0.57184   1.000 321.01145 ? 3  DG B N3    1 
ATOM 207 C C4    . DG B 2 3  ? -13.82567 6.11096   -0.34623  1.000 327.18212 ? 3  DG B C4    1 
ATOM 208 P P     . DA B 2 4  ? -12.75981 11.32405  -3.92320  1.000 343.08858 ? 4  DA B P     1 
ATOM 209 O OP1   . DA B 2 4  ? -13.20311 12.67827  -4.32010  1.000 348.11471 ? 4  DA B OP1   1 
ATOM 210 O OP2   . DA B 2 4  ? -12.19125 10.42290  -4.94758  1.000 348.04859 ? 4  DA B OP2   1 
ATOM 211 O "O5'" . DA B 2 4  ? -11.70192 11.44878  -2.72887  1.000 340.41202 ? 4  DA B "O5'" 1 
ATOM 212 C "C5'" . DA B 2 4  ? -12.04028 12.18121  -1.55617  1.000 341.08148 ? 4  DA B "C5'" 1 
ATOM 213 C "C4'" . DA B 2 4  ? -10.99249 11.99316  -0.47258  1.000 338.43553 ? 4  DA B "C4'" 1 
ATOM 214 O "O4'" . DA B 2 4  ? -11.10195 10.65854  0.08472   1.000 334.67171 ? 4  DA B "O4'" 1 
ATOM 215 C "C3'" . DA B 2 4  ? -9.54222  12.14777  -0.93257  1.000 338.65934 ? 4  DA B "C3'" 1 
ATOM 216 O "O3'" . DA B 2 4  ? -8.80667  12.88157  0.03617   1.000 339.68599 ? 4  DA B "O3'" 1 
ATOM 217 C "C2'" . DA B 2 4  ? -9.05027  10.70551  -1.03634  1.000 335.09235 ? 4  DA B "C2'" 1 
ATOM 218 C "C1'" . DA B 2 4  ? -9.83763  10.03490  0.07623   1.000 335.59805 ? 4  DA B "C1'" 1 
ATOM 219 N N9    . DA B 2 4  ? -10.03518 8.60422   -0.13057  1.000 341.12199 ? 4  DA B N9    1 
ATOM 220 C C8    . DA B 2 4  ? -10.68539 8.00441   -1.17257  1.000 346.72728 ? 4  DA B C8    1 
ATOM 221 N N7    . DA B 2 4  ? -10.71320 6.69523   -1.09508  1.000 351.66273 ? 4  DA B N7    1 
ATOM 222 C C5    . DA B 2 4  ? -10.03380 6.41712   0.07842   1.000 348.72896 ? 4  DA B C5    1 
ATOM 223 C C6    . DA B 2 4  ? -9.72194  5.20800   0.73051   1.000 351.38590 ? 4  DA B C6    1 
ATOM 224 N N6    . DA B 2 4  ? -10.06981 4.00714   0.25712   1.000 358.30830 ? 4  DA B N6    1 
ATOM 225 N N1    . DA B 2 4  ? -9.03531  5.28059   1.88905   1.000 346.92593 ? 4  DA B N1    1 
ATOM 226 C C2    . DA B 2 4  ? -8.68979  6.48528   2.35909   1.000 340.70142 ? 4  DA B C2    1 
ATOM 227 N N3    . DA B 2 4  ? -8.92812  7.68860   1.83821   1.000 338.12535 ? 4  DA B N3    1 
ATOM 228 C C4    . DA B 2 4  ? -9.61243  7.58300   0.68892   1.000 342.20679 ? 4  DA B C4    1 
ATOM 229 P P     . DC B 2 5  ? -7.35871  13.47592  -0.32485  1.000 360.74137 ? 5  DC B P     1 
ATOM 230 O OP1   . DC B 2 5  ? -7.25979  14.82071  0.28588   1.000 357.01448 ? 5  DC B OP1   1 
ATOM 231 O OP2   . DC B 2 5  ? -7.15788  13.31369  -1.78103  1.000 364.17663 ? 5  DC B OP2   1 
ATOM 232 O "O5'" . DC B 2 5  ? -6.34389  12.49118  0.42413   1.000 360.25789 ? 5  DC B "O5'" 1 
ATOM 233 C "C5'" . DC B 2 5  ? -6.37692  12.39047  1.84302   1.000 357.50985 ? 5  DC B "C5'" 1 
ATOM 234 C "C4'" . DC B 2 5  ? -5.43318  11.30547  2.34306   1.000 357.48743 ? 5  DC B "C4'" 1 
ATOM 235 O "O4'" . DC B 2 5  ? -6.00049  9.99673   2.08623   1.000 361.46119 ? 5  DC B "O4'" 1 
ATOM 236 C "C3'" . DC B 2 5  ? -4.03807  11.31071  1.71432   1.000 356.52856 ? 5  DC B "C3'" 1 
ATOM 237 O "O3'" . DC B 2 5  ? -3.04742  11.40395  2.73528   1.000 354.02501 ? 5  DC B "O3'" 1 
ATOM 238 C "C2'" . DC B 2 5  ? -3.95723  9.97806   0.95422   1.000 359.85283 ? 5  DC B "C2'" 1 
ATOM 239 C "C1'" . DC B 2 5  ? -4.98443  9.11648   1.67026   1.000 362.23815 ? 5  DC B "C1'" 1 
ATOM 240 N N1    . DC B 2 5  ? -5.60488  8.08525   0.78976   1.000 367.47550 ? 5  DC B N1    1 
ATOM 241 C C2    . DC B 2 5  ? -5.53716  6.73003   1.14024   1.000 370.14149 ? 5  DC B C2    1 
ATOM 242 O O2    . DC B 2 5  ? -4.95377  6.40542   2.18132   1.000 367.43175 ? 5  DC B O2    1 
ATOM 243 N N3    . DC B 2 5  ? -6.11840  5.81282   0.32341   1.000 375.86048 ? 5  DC B N3    1 
ATOM 244 C C4    . DC B 2 5  ? -6.73960  6.20917   -0.79086  1.000 378.50071 ? 5  DC B C4    1 
ATOM 245 N N4    . DC B 2 5  ? -7.29797  5.27509   -1.56848  1.000 384.59992 ? 5  DC B N4    1 
ATOM 246 C C5    . DC B 2 5  ? -6.81666  7.58349   -1.15929  1.000 375.29822 ? 5  DC B C5    1 
ATOM 247 C C6    . DC B 2 5  ? -6.24404  8.47623   -0.34866  1.000 369.99293 ? 5  DC B C6    1 
ATOM 248 P P     . DA B 2 6  ? -1.48443  11.31025  2.38025   1.000 334.33724 ? 6  DA B P     1 
ATOM 249 O OP1   . DA B 2 6  ? -0.77655  12.21988  3.30645   1.000 338.16257 ? 6  DA B OP1   1 
ATOM 250 O OP2   . DA B 2 6  ? -1.29928  11.49021  0.92163   1.000 335.48748 ? 6  DA B OP2   1 
ATOM 251 O "O5'" . DA B 2 6  ? -1.10626  9.80246   2.75585   1.000 330.57116 ? 6  DA B "O5'" 1 
ATOM 252 C "C5'" . DA B 2 6  ? -1.50854  9.26821   4.01790   1.000 328.80966 ? 6  DA B "C5'" 1 
ATOM 253 C "C4'" . DA B 2 6  ? -0.71488  8.01998   4.37001   1.000 327.17013 ? 6  DA B "C4'" 1 
ATOM 254 O "O4'" . DA B 2 6  ? -1.31500  6.86715   3.73731   1.000 323.97038 ? 6  DA B "O4'" 1 
ATOM 255 C "C3'" . DA B 2 6  ? 0.74146   8.02718   3.93214   1.000 329.28066 ? 6  DA B "C3'" 1 
ATOM 256 O "O3'" . DA B 2 6  ? 1.53302   7.30086   4.86113   1.000 329.55301 ? 6  DA B "O3'" 1 
ATOM 257 C "C2'" . DA B 2 6  ? 0.70136   7.34204   2.56674   1.000 327.39303 ? 6  DA B "C2'" 1 
ATOM 258 C "C1'" . DA B 2 6  ? -0.49294  6.39616   2.68662   1.000 323.92938 ? 6  DA B "C1'" 1 
ATOM 259 N N9    . DA B 2 6  ? -1.29901  6.33860   1.47402   1.000 326.92285 ? 6  DA B N9    1 
ATOM 260 C C8    . DA B 2 6  ? -1.68746  7.39354   0.69658   1.000 328.42151 ? 6  DA B C8    1 
ATOM 261 N N7    . DA B 2 6  ? -2.41180  7.04715   -0.34006  1.000 333.03478 ? 6  DA B N7    1 
ATOM 262 C C5    . DA B 2 6  ? -2.50412  5.66924   -0.23430  1.000 335.38111 ? 6  DA B C5    1 
ATOM 263 C C6    . DA B 2 6  ? -3.14186  4.69735   -1.02885  1.000 341.17548 ? 6  DA B C6    1 
ATOM 264 N N6    . DA B 2 6  ? -3.83634  4.98787   -2.13332  1.000 345.34708 ? 6  DA B N6    1 
ATOM 265 N N1    . DA B 2 6  ? -3.03731  3.40932   -0.64120  1.000 342.26224 ? 6  DA B N1    1 
ATOM 266 C C2    . DA B 2 6  ? -2.34154  3.12136   0.46409   1.000 336.56098 ? 6  DA B C2    1 
ATOM 267 N N3    . DA B 2 6  ? -1.70115  3.94639   1.28888   1.000 331.05452 ? 6  DA B N3    1 
ATOM 268 C C4    . DA B 2 6  ? -1.82330  5.21849   0.87887   1.000 331.21069 ? 6  DA B C4    1 
ATOM 269 P P     . DC B 2 7  ? 3.10544   7.09596   4.60266   1.000 332.12146 ? 7  DC B P     1 
ATOM 270 O OP1   . DC B 2 7  ? 3.76604   7.00006   5.92379   1.000 334.35246 ? 7  DC B OP1   1 
ATOM 271 O OP2   . DC B 2 7  ? 3.55582   8.12475   3.63870   1.000 334.87653 ? 7  DC B OP2   1 
ATOM 272 O "O5'" . DC B 2 7  ? 3.18155   5.67448   3.87538   1.000 329.15509 ? 7  DC B "O5'" 1 
ATOM 273 C "C5'" . DC B 2 7  ? 2.49897   4.56498   4.43759   1.000 326.48295 ? 7  DC B "C5'" 1 
ATOM 274 C "C4'" . DC B 2 7  ? 2.44993   3.39944   3.46633   1.000 324.37337 ? 7  DC B "C4'" 1 
ATOM 275 O "O4'" . DC B 2 7  ? 1.51256   3.67868   2.39642   1.000 322.70244 ? 7  DC B "O4'" 1 
ATOM 276 C "C3'" . DC B 2 7  ? 3.78190   3.04802   2.78680   1.000 326.01076 ? 7  DC B "C3'" 1 
ATOM 277 O "O3'" . DC B 2 7  ? 4.07248   1.67107   3.00656   1.000 325.43392 ? 7  DC B "O3'" 1 
ATOM 278 C "C2'" . DC B 2 7  ? 3.51795   3.34241   1.30285   1.000 325.21163 ? 7  DC B "C2'" 1 
ATOM 279 C "C1'" . DC B 2 7  ? 2.02158   3.11170   1.22092   1.000 322.48097 ? 7  DC B "C1'" 1 
ATOM 280 N N1    . DC B 2 7  ? 1.35968   3.74769   0.04397   1.000 322.15977 ? 7  DC B N1    1 
ATOM 281 C C2    . DC B 2 7  ? 0.67846   2.94063   -0.87074  1.000 320.47564 ? 7  DC B C2    1 
ATOM 282 O O2    . DC B 2 7  ? 0.64965   1.72005   -0.67713  1.000 319.36346 ? 7  DC B O2    1 
ATOM 283 N N3    . DC B 2 7  ? 0.07383   3.51893   -1.93743  1.000 320.76755 ? 7  DC B N3    1 
ATOM 284 C C4    . DC B 2 7  ? 0.13477   4.84232   -2.09953  1.000 322.72190 ? 7  DC B C4    1 
ATOM 285 N N4    . DC B 2 7  ? -0.47531  5.37211   -3.16550  1.000 323.57392 ? 7  DC B N4    1 
ATOM 286 C C5    . DC B 2 7  ? 0.82487   5.68318   -1.17469  1.000 324.59527 ? 7  DC B C5    1 
ATOM 287 C C6    . DC B 2 7  ? 1.41661   5.09867   -0.12709  1.000 324.19252 ? 7  DC B C6    1 
ATOM 288 P P     . DA B 2 8  ? 5.51329   1.05848   2.64382   1.000 339.72534 ? 8  DA B P     1 
ATOM 289 O OP1   . DA B 2 8  ? 6.06128   0.47553   3.88858   1.000 341.62603 ? 8  DA B OP1   1 
ATOM 290 O OP2   . DA B 2 8  ? 6.29777   2.07772   1.91165   1.000 341.82789 ? 8  DA B OP2   1 
ATOM 291 O "O5'" . DA B 2 8  ? 5.16427   -0.13683  1.63951   1.000 337.72836 ? 8  DA B "O5'" 1 
ATOM 292 C "C5'" . DA B 2 8  ? 4.21128   -1.12351  2.02765   1.000 336.04052 ? 8  DA B "C5'" 1 
ATOM 293 C "C4'" . DA B 2 8  ? 3.76570   -1.96030  0.84064   1.000 334.70497 ? 8  DA B "C4'" 1 
ATOM 294 O "O4'" . DA B 2 8  ? 2.95203   -1.15449  -0.05171  1.000 333.16097 ? 8  DA B "O4'" 1 
ATOM 295 C "C3'" . DA B 2 8  ? 4.89304   -2.53548  -0.01208  1.000 336.18006 ? 8  DA B "C3'" 1 
ATOM 296 O "O3'" . DA B 2 8  ? 4.55211   -3.84954  -0.42436  1.000 335.98363 ? 8  DA B "O3'" 1 
ATOM 297 C "C2'" . DA B 2 8  ? 4.95522   -1.57157  -1.19496  1.000 335.81168 ? 8  DA B "C2'" 1 
ATOM 298 C "C1'" . DA B 2 8  ? 3.49064   -1.18939  -1.35606  1.000 333.62286 ? 8  DA B "C1'" 1 
ATOM 299 N N9    . DA B 2 8  ? 3.28904   0.12317   -1.96392  1.000 333.71351 ? 8  DA B N9    1 
ATOM 300 C C8    . DA B 2 8  ? 3.70425   1.32693   -1.47204  1.000 335.09400 ? 8  DA B C8    1 
ATOM 301 N N7    . DA B 2 8  ? 3.37719   2.34878   -2.22529  1.000 335.61987 ? 8  DA B N7    1 
ATOM 302 C C5    . DA B 2 8  ? 2.69426   1.77689   -3.28274  1.000 334.33867 ? 8  DA B C5    1 
ATOM 303 C C6    . DA B 2 8  ? 2.08510   2.32669   -4.42662  1.000 334.66427 ? 8  DA B C6    1 
ATOM 304 N N6    . DA B 2 8  ? 2.07283   3.63704   -4.69351  1.000 336.49038 ? 8  DA B N6    1 
ATOM 305 N N1    . DA B 2 8  ? 1.48832   1.47671   -5.28706  1.000 335.37944 ? 8  DA B N1    1 
ATOM 306 C C2    . DA B 2 8  ? 1.50429   0.16639   -5.01592  1.000 333.17688 ? 8  DA B C2    1 
ATOM 307 N N3    . DA B 2 8  ? 2.04287   -0.46706  -3.97486  1.000 332.40372 ? 8  DA B N3    1 
ATOM 308 C C4    . DA B 2 8  ? 2.62708   0.40373   -3.13842  1.000 333.17561 ? 8  DA B C4    1 
ATOM 309 P P     . DG B 2 9  ? 5.69111   -4.87566  -0.90389  1.000 344.33365 ? 9  DG B P     1 
ATOM 310 O OP1   . DG B 2 9  ? 5.53500   -6.12185  -0.12306  1.000 345.68876 ? 9  DG B OP1   1 
ATOM 311 O OP2   . DG B 2 9  ? 6.98920   -4.16874  -0.87783  1.000 346.17949 ? 9  DG B OP2   1 
ATOM 312 O "O5'" . DG B 2 9  ? 5.30733   -5.16920  -2.42583  1.000 343.44376 ? 9  DG B "O5'" 1 
ATOM 313 C "C5'" . DG B 2 9  ? 3.98779   -5.57786  -2.75071  1.000 342.05854 ? 9  DG B "C5'" 1 
ATOM 314 C "C4'" . DG B 2 9  ? 3.73334   -5.44634  -4.23902  1.000 341.64087 ? 9  DG B "C4'" 1 
ATOM 315 O "O4'" . DG B 2 9  ? 3.44894   -4.05964  -4.56400  1.000 340.43366 ? 9  DG B "O4'" 1 
ATOM 316 C "C3'" . DG B 2 9  ? 4.90134   -5.86237  -5.13560  1.000 343.37907 ? 9  DG B "C3'" 1 
ATOM 317 O "O3'" . DG B 2 9  ? 4.41091   -6.58160  -6.25229  1.000 343.81761 ? 9  DG B "O3'" 1 
ATOM 318 C "C2'" . DG B 2 9  ? 5.50299   -4.52450  -5.55746  1.000 343.28509 ? 9  DG B "C2'" 1 
ATOM 319 C "C1'" . DG B 2 9  ? 4.25616   -3.66273  -5.64796  1.000 341.43680 ? 9  DG B "C1'" 1 
ATOM 320 N N9    . DG B 2 9  ? 4.51955   -2.22746  -5.53623  1.000 341.53613 ? 9  DG B N9    1 
ATOM 321 C C8    . DG B 2 9  ? 5.17531   -1.58168  -4.51939  1.000 342.24248 ? 9  DG B C8    1 
ATOM 322 N N7    . DG B 2 9  ? 5.25935   -0.29099  -4.69160  1.000 342.96030 ? 9  DG B N7    1 
ATOM 323 C C5    . DG B 2 9  ? 4.62036   -0.06609  -5.89950  1.000 342.64001 ? 9  DG B C5    1 
ATOM 324 C C6    . DG B 2 9  ? 4.39377   1.14121   -6.60535  1.000 343.76191 ? 9  DG B C6    1 
ATOM 325 O O6    . DG B 2 9  ? 4.73329   2.29071   -6.28320  1.000 345.38619 ? 9  DG B O6    1 
ATOM 326 N N1    . DG B 2 9  ? 3.70240   0.92507   -7.79264  1.000 348.18968 ? 9  DG B N1    1 
ATOM 327 C C2    . DG B 2 9  ? 3.27871   -0.30548  -8.24406  1.000 349.49406 ? 9  DG B C2    1 
ATOM 328 N N2    . DG B 2 9  ? 2.62539   -0.32378  -9.41330  1.000 355.80125 ? 9  DG B N2    1 
ATOM 329 N N3    . DG B 2 9  ? 3.48283   -1.44352  -7.59257  1.000 345.36340 ? 9  DG B N3    1 
ATOM 330 C C4    . DG B 2 9  ? 4.15236   -1.25010  -6.43522  1.000 341.71323 ? 9  DG B C4    1 
ATOM 331 P P     . DC B 2 10 ? 5.38862   -7.53255  -7.10044  1.000 368.34149 ? 10 DC B P     1 
ATOM 332 O OP1   . DC B 2 10 ? 4.92493   -8.92634  -6.92357  1.000 369.29880 ? 10 DC B OP1   1 
ATOM 333 O OP2   . DC B 2 10 ? 6.78194   -7.17637  -6.75480  1.000 362.72097 ? 10 DC B OP2   1 
ATOM 334 O "O5'" . DC B 2 10 ? 5.12469   -7.08839  -8.61483  1.000 373.12849 ? 10 DC B "O5'" 1 
ATOM 335 C "C5'" . DC B 2 10 ? 3.78993   -7.04424  -9.11646  1.000 380.37841 ? 10 DC B "C5'" 1 
ATOM 336 C "C4'" . DC B 2 10 ? 3.70291   -6.22389  -10.39748 1.000 385.15580 ? 10 DC B "C4'" 1 
ATOM 337 O "O4'" . DC B 2 10 ? 3.78933   -4.80626  -10.08878 1.000 385.17667 ? 10 DC B "O4'" 1 
ATOM 338 C "C3'" . DC B 2 10 ? 4.79381   -6.50598  -11.42989 1.000 382.56582 ? 10 DC B "C3'" 1 
ATOM 339 O "O3'" . DC B 2 10 ? 4.22646   -6.57105  -12.73318 1.000 389.21983 ? 10 DC B "O3'" 1 
ATOM 340 C "C2'" . DC B 2 10 ? 5.73725   -5.31369  -11.28394 1.000 379.43159 ? 10 DC B "C2'" 1 
ATOM 341 C "C1'" . DC B 2 10 ? 4.78335   -4.19908  -10.88889 1.000 383.63793 ? 10 DC B "C1'" 1 
ATOM 342 N N1    . DC B 2 10 ? 5.42798   -3.12326  -10.08291 1.000 379.81300 ? 10 DC B N1    1 
ATOM 343 C C2    . DC B 2 10 ? 5.38255   -1.79295  -10.52323 1.000 383.13018 ? 10 DC B C2    1 
ATOM 344 O O2    . DC B 2 10 ? 4.81220   -1.52917  -11.58775 1.000 389.10496 ? 10 DC B O2    1 
ATOM 345 N N3    . DC B 2 10 ? 5.96935   -0.83205  -9.76418  1.000 380.17198 ? 10 DC B N3    1 
ATOM 346 C C4    . DC B 2 10 ? 6.57345   -1.16125  -8.62116  1.000 374.40080 ? 10 DC B C4    1 
ATOM 347 N N4    . DC B 2 10 ? 7.13886   -0.18520  -7.90248  1.000 372.42773 ? 10 DC B N4    1 
ATOM 348 C C5    . DC B 2 10 ? 6.62825   -2.50801  -8.16115  1.000 370.98405 ? 10 DC B C5    1 
ATOM 349 C C6    . DC B 2 10 ? 6.04467   -3.44441  -8.91202  1.000 373.73769 ? 10 DC B C6    1 
ATOM 350 P P     . DT B 2 11 ? 5.16366   -6.82409  -14.01446 1.000 394.36455 ? 11 DT B P     1 
ATOM 351 O OP1   . DT B 2 11 ? 4.36665   -7.58916  -14.99797 1.000 400.37128 ? 11 DT B OP1   1 
ATOM 352 O OP2   . DT B 2 11 ? 6.45738   -7.36942  -13.54643 1.000 386.20552 ? 11 DT B OP2   1 
ATOM 353 O "O5'" . DT B 2 11 ? 5.42077   -5.35493  -14.59067 1.000 397.42149 ? 11 DT B "O5'" 1 
ATOM 354 C "C5'" . DT B 2 11 ? 4.31354   -4.52999  -14.94087 1.000 405.23514 ? 11 DT B "C5'" 1 
ATOM 355 C "C4'" . DT B 2 11 ? 4.76862   -3.27745  -15.67056 1.000 407.45018 ? 11 DT B "C4'" 1 
ATOM 356 O "O4'" . DT B 2 11 ? 5.27671   -2.30674  -14.71556 1.000 402.80236 ? 11 DT B "O4'" 1 
ATOM 357 C "C3'" . DT B 2 11 ? 5.88847   -3.48508  -16.68810 1.000 406.01459 ? 11 DT B "C3'" 1 
ATOM 358 O "O3'" . DT B 2 11 ? 5.69595   -2.60454  -17.78378 1.000 412.59751 ? 11 DT B "O3'" 1 
ATOM 359 C "C2'" . DT B 2 11 ? 7.12879   -3.10417  -15.88658 1.000 398.35536 ? 11 DT B "C2'" 1 
ATOM 360 C "C1'" . DT B 2 11 ? 6.58962   -1.93567  -15.07912 1.000 399.47528 ? 11 DT B "C1'" 1 
ATOM 361 N N1    . DT B 2 11 ? 7.35658   -1.64634  -13.83488 1.000 392.86993 ? 11 DT B N1    1 
ATOM 362 C C2    . DT B 2 11 ? 7.66900   -0.34257  -13.52880 1.000 393.29176 ? 11 DT B C2    1 
ATOM 363 O O2    . DT B 2 11 ? 7.36084   0.60107   -14.23342 1.000 398.45930 ? 11 DT B O2    1 
ATOM 364 N N3    . DT B 2 11 ? 8.36381   -0.18057  -12.36134 1.000 387.88945 ? 11 DT B N3    1 
ATOM 365 C C4    . DT B 2 11 ? 8.76657   -1.17029  -11.48554 1.000 382.18431 ? 11 DT B C4    1 
ATOM 366 O O4    . DT B 2 11 ? 9.38850   -0.92486  -10.45809 1.000 378.26581 ? 11 DT B O4    1 
ATOM 367 C C5    . DT B 2 11 ? 8.40460   -2.51377  -11.86348 1.000 381.76284 ? 11 DT B C5    1 
ATOM 368 C C7    . DT B 2 11 ? 8.79338   -3.66853  -10.99150 1.000 376.21264 ? 11 DT B C7    1 
ATOM 369 C C6    . DT B 2 11 ? 7.72323   -2.68551  -13.00646 1.000 387.07616 ? 11 DT B C6    1 
ATOM 370 P P     . DA B 2 12 ? 6.07339   -3.05671  -19.27854 1.000 415.04622 ? 12 DA B P     1 
ATOM 371 O OP1   . DA B 2 12 ? 4.85087   -3.60189  -19.90871 1.000 423.13516 ? 12 DA B OP1   1 
ATOM 372 O OP2   . DA B 2 12 ? 7.29878   -3.88270  -19.21038 1.000 408.27688 ? 12 DA B OP2   1 
ATOM 373 O "O5'" . DA B 2 12 ? 6.44989   -1.67953  -19.99726 1.000 419.47030 ? 12 DA B "O5'" 1 
ATOM 374 C "C5'" . DA B 2 12 ? 5.65914   -0.51618  -19.76341 1.000 421.93938 ? 12 DA B "C5'" 1 
ATOM 375 C "C4'" . DA B 2 12 ? 6.51857   0.73618   -19.79177 1.000 419.77760 ? 12 DA B "C4'" 1 
ATOM 376 O "O4'" . DA B 2 12 ? 7.10746   0.95892   -18.48159 1.000 412.49748 ? 12 DA B "O4'" 1 
ATOM 377 C "C3'" . DA B 2 12 ? 7.68404   0.69107   -20.77673 1.000 419.87813 ? 12 DA B "C3'" 1 
ATOM 378 O "O3'" . DA B 2 12 ? 7.84012   1.95240   -21.40499 1.000 424.75590 ? 12 DA B "O3'" 1 
ATOM 379 C "C2'" . DA B 2 12 ? 8.87674   0.35770   -19.88623 1.000 411.30728 ? 12 DA B "C2'" 1 
ATOM 380 C "C1'" . DA B 2 12 ? 8.50874   1.08555   -18.60522 1.000 408.82338 ? 12 DA B "C1'" 1 
ATOM 381 N N9    . DA B 2 12 ? 9.12672   0.51048   -17.41816 1.000 401.17770 ? 12 DA B N9    1 
ATOM 382 C C8    . DA B 2 12 ? 9.15764   -0.80815  -17.07086 1.000 396.75555 ? 12 DA B C8    1 
ATOM 383 N N7    . DA B 2 12 ? 9.77839   -1.04522  -15.94155 1.000 390.42326 ? 12 DA B N7    1 
ATOM 384 C C5    . DA B 2 12 ? 10.18899  0.20836   -15.52033 1.000 390.96754 ? 12 DA B C5    1 
ATOM 385 C C6    . DA B 2 12 ? 10.90305  0.63830   -14.38778 1.000 386.82560 ? 12 DA B C6    1 
ATOM 386 N N6    . DA B 2 12 ? 11.34371  -0.19167  -13.43941 1.000 380.98132 ? 12 DA B N6    1 
ATOM 387 N N1    . DA B 2 12 ? 11.14816  1.96086   -14.26810 1.000 389.53120 ? 12 DA B N1    1 
ATOM 388 C C2    . DA B 2 12 ? 10.70383  2.78820   -15.22197 1.000 395.59582 ? 12 DA B C2    1 
ATOM 389 N N3    . DA B 2 12 ? 10.02234  2.49924   -16.33000 1.000 399.84816 ? 12 DA B N3    1 
ATOM 390 C C4    . DA B 2 12 ? 9.79322   1.17867   -16.41802 1.000 397.39650 ? 12 DA B C4    1 
ATOM 391 P P     . DC B 2 13 ? 8.61504   2.05459   -22.80725 1.000 451.81394 ? 13 DC B P     1 
ATOM 392 O OP1   . DC B 2 13 ? 8.42017   3.42403   -23.33453 1.000 459.35736 ? 13 DC B OP1   1 
ATOM 393 O OP2   . DC B 2 13 ? 8.20145   0.88912   -23.62023 1.000 451.52484 ? 13 DC B OP2   1 
ATOM 394 O "O5'" . DC B 2 13 ? 10.14977  1.83500   -22.40956 1.000 445.05652 ? 13 DC B "O5'" 1 
ATOM 395 C "C5'" . DC B 2 13 ? 11.08765  2.89123   -22.55859 1.000 447.30265 ? 13 DC B "C5'" 1 
ATOM 396 C "C4'" . DC B 2 13 ? 10.98721  3.87898   -21.41026 1.000 444.38436 ? 13 DC B "C4'" 1 
ATOM 397 O "O4'" . DC B 2 13 ? 10.92922  3.15586   -20.14549 1.000 437.74810 ? 13 DC B "O4'" 1 
ATOM 398 C "C3'" . DC B 2 13 ? 12.18253  4.81519   -21.27944 1.000 443.76993 ? 13 DC B "C3'" 1 
ATOM 399 O "O3'" . DC B 2 13 ? 11.77122  6.05806   -20.71320 1.000 444.66154 ? 13 DC B "O3'" 1 
ATOM 400 C "C2'" . DC B 2 13 ? 13.06489  4.03863   -20.31915 1.000 437.01987 ? 13 DC B "C2'" 1 
ATOM 401 C "C1'" . DC B 2 13 ? 12.02095  3.55525   -19.34059 1.000 433.64018 ? 13 DC B "C1'" 1 
ATOM 402 N N1    . DC B 2 13 ? 12.44918  2.40406   -18.48188 1.000 426.75953 ? 13 DC B N1    1 
ATOM 403 C C2    . DC B 2 13 ? 13.20063  2.64004   -17.31781 1.000 422.30885 ? 13 DC B C2    1 
ATOM 404 O O2    . DC B 2 13 ? 13.51694  3.80120   -17.02766 1.000 424.42364 ? 13 DC B O2    1 
ATOM 405 N N3    . DC B 2 13 ? 13.55964  1.58239   -16.54290 1.000 416.23579 ? 13 DC B N3    1 
ATOM 406 C C4    . DC B 2 13 ? 13.19496  0.34597   -16.89236 1.000 414.42433 ? 13 DC B C4    1 
ATOM 407 N N4    . DC B 2 13 ? 13.56941  -0.66827  -16.10443 1.000 411.19356 ? 13 DC B N4    1 
ATOM 408 C C5    . DC B 2 13 ? 12.42924  0.09129   -18.06855 1.000 419.14227 ? 13 DC B C5    1 
ATOM 409 C C6    . DC B 2 13 ? 12.08071  1.13773   -18.82273 1.000 425.31693 ? 13 DC B C6    1 
ATOM 410 P P     . DA B 2 14 ? 12.54256  7.41481   -21.09838 1.000 459.71339 ? 14 DA B P     1 
ATOM 411 O OP1   . DA B 2 14 ? 11.53033  8.37632   -21.58735 1.000 463.85981 ? 14 DA B OP1   1 
ATOM 412 O OP2   . DA B 2 14 ? 13.67846  7.04073   -21.96938 1.000 461.35551 ? 14 DA B OP2   1 
ATOM 413 O "O5'" . DA B 2 14 ? 13.12880  7.94858   -19.70409 1.000 455.40365 ? 14 DA B "O5'" 1 
ATOM 414 C "C5'" . DA B 2 14 ? 13.88633  7.07915   -18.86401 1.000 450.62286 ? 14 DA B "C5'" 1 
ATOM 415 C "C4'" . DA B 2 14 ? 15.30854  7.58379   -18.69171 1.000 454.65600 ? 14 DA B "C4'" 1 
ATOM 416 O "O4'" . DA B 2 14 ? 16.11241  6.55213   -18.06583 1.000 452.18181 ? 14 DA B "O4'" 1 
ATOM 417 C "C3'" . DA B 2 14 ? 16.02868  7.92628   -19.98410 1.000 461.11702 ? 14 DA B "C3'" 1 
ATOM 418 O "O3'" . DA B 2 14 ? 17.00251  8.93053   -19.74886 1.000 468.16725 ? 14 DA B "O3'" 1 
ATOM 419 C "C2'" . DA B 2 14 ? 16.67147  6.59841   -20.37168 1.000 458.89729 ? 14 DA B "C2'" 1 
ATOM 420 C "C1'" . DA B 2 14 ? 16.99065  5.96934   -19.01424 1.000 454.86734 ? 14 DA B "C1'" 1 
ATOM 421 N N9    . DA B 2 14 ? 16.78669  4.52270   -18.99675 1.000 449.30174 ? 14 DA B N9    1 
ATOM 422 C C8    . DA B 2 14 ? 16.13243  3.78301   -19.93499 1.000 446.80140 ? 14 DA B C8    1 
ATOM 423 N N7    . DA B 2 14 ? 16.07908  2.50241   -19.66518 1.000 442.54069 ? 14 DA B N7    1 
ATOM 424 C C5    . DA B 2 14 ? 16.76201  2.38881   -18.47092 1.000 442.16285 ? 14 DA B C5    1 
ATOM 425 C C6    . DA B 2 14 ? 17.06827  1.28165   -17.65859 1.000 439.15369 ? 14 DA B C6    1 
ATOM 426 N N6    . DA B 2 14 ? 16.70038  0.02977   -17.95294 1.000 435.84999 ? 14 DA B N6    1 
ATOM 427 N N1    . DA B 2 14 ? 17.76708  1.51136   -16.53032 1.000 440.36955 ? 14 DA B N1    1 
ATOM 428 C C2    . DA B 2 14 ? 18.13263  2.76640   -16.23970 1.000 444.37500 ? 14 DA B C2    1 
ATOM 429 N N3    . DA B 2 14 ? 17.90473  3.88661   -16.92542 1.000 447.67143 ? 14 DA B N3    1 
ATOM 430 C C4    . DA B 2 14 ? 17.20820  3.62604   -18.04068 1.000 446.27610 ? 14 DA B C4    1 
ATOM 431 P P     . DC C 3 1  ? -9.22933  -9.11739  3.99811   1.000 352.90143 ? 1  DC C P     1 
ATOM 432 O OP1   . DC C 3 1  ? -8.12309  -8.28044  3.48041   1.000 347.30547 ? 1  DC C OP1   1 
ATOM 433 O OP2   . DC C 3 1  ? -9.98329  -10.00394 3.08307   1.000 359.80920 ? 1  DC C OP2   1 
ATOM 434 O "O5'" . DC C 3 1  ? -10.28122 -8.18906  4.76944   1.000 347.58188 ? 1  DC C "O5'" 1 
ATOM 435 C "C5'" . DC C 3 1  ? -10.05712 -7.84439  6.13205   1.000 344.62398 ? 1  DC C "C5'" 1 
ATOM 436 C "C4'" . DC C 3 1  ? -11.16388 -6.94611  6.65435   1.000 340.27476 ? 1  DC C "C4'" 1 
ATOM 437 O "O4'" . DC C 3 1  ? -11.73769 -7.53025  7.84828   1.000 344.34686 ? 1  DC C "O4'" 1 
ATOM 438 C "C3'" . DC C 3 1  ? -10.71181 -5.57313  7.09849   1.000 331.47174 ? 1  DC C "C3'" 1 
ATOM 439 O "O3'" . DC C 3 1  ? -11.83402 -4.70887  7.15607   1.000 327.93603 ? 1  DC C "O3'" 1 
ATOM 440 C "C2'" . DC C 3 1  ? -10.17671 -5.87703  8.49325   1.000 332.45296 ? 1  DC C "C2'" 1 
ATOM 441 C "C1'" . DC C 3 1  ? -11.21455 -6.87749  8.99792   1.000 339.65760 ? 1  DC C "C1'" 1 
ATOM 442 N N1    . DC C 3 1  ? -10.66774 -7.92756  9.90305   1.000 345.32400 ? 1  DC C N1    1 
ATOM 443 C C2    . DC C 3 1  ? -11.25981 -8.14340  11.15328  1.000 347.65392 ? 1  DC C C2    1 
ATOM 444 O O2    . DC C 3 1  ? -12.21223 -7.43562  11.50172  1.000 344.94154 ? 1  DC C O2    1 
ATOM 445 N N3    . DC C 3 1  ? -10.76356 -9.11778  11.95561  1.000 353.18327 ? 1  DC C N3    1 
ATOM 446 C C4    . DC C 3 1  ? -9.73313  -9.86066  11.54255  1.000 356.44536 ? 1  DC C C4    1 
ATOM 447 N N4    . DC C 3 1  ? -9.27641  -10.81089 12.36423  1.000 362.20180 ? 1  DC C N4    1 
ATOM 448 C C5    . DC C 3 1  ? -9.12414  -9.66166  10.26923  1.000 354.38103 ? 1  DC C C5    1 
ATOM 449 C C6    . DC C 3 1  ? -9.62043  -8.69631  9.49033   1.000 348.82048 ? 1  DC C C6    1 
ATOM 450 P P     . DA C 3 2  ? -11.87393 -3.37032  6.27072   1.000 336.77422 ? 2  DA C P     1 
ATOM 451 O OP1   . DA C 3 2  ? -13.22462 -3.25728  5.67831   1.000 338.41328 ? 2  DA C OP1   1 
ATOM 452 O OP2   . DA C 3 2  ? -10.68809 -3.38094  5.38913   1.000 335.54858 ? 2  DA C OP2   1 
ATOM 453 O "O5'" . DA C 3 2  ? -11.68105 -2.20599  7.34545   1.000 329.86681 ? 2  DA C "O5'" 1 
ATOM 454 C "C5'" . DA C 3 2  ? -12.57075 -2.11284  8.44867   1.000 330.73327 ? 2  DA C "C5'" 1 
ATOM 455 C "C4'" . DA C 3 2  ? -11.82805 -1.70573  9.70661   1.000 327.50229 ? 2  DA C "C4'" 1 
ATOM 456 O "O4'" . DA C 3 2  ? -11.38145 -2.88135  10.41049  1.000 333.38747 ? 2  DA C "O4'" 1 
ATOM 457 C "C3'" . DA C 3 2  ? -10.55649 -0.91600  9.47159   1.000 321.41795 ? 2  DA C "C3'" 1 
ATOM 458 O "O3'" . DA C 3 2  ? -10.84231 0.47970   9.25940   1.000 314.45542 ? 2  DA C "O3'" 1 
ATOM 459 C "C2'" . DA C 3 2  ? -9.78189  -1.15081  10.76906  1.000 321.98132 ? 2  DA C "C2'" 1 
ATOM 460 C "C1'" . DA C 3 2  ? -10.26499 -2.54177  11.21365  1.000 330.22135 ? 2  DA C "C1'" 1 
ATOM 461 N N9    . DA C 3 2  ? -9.24760  -3.58061  11.07939  1.000 334.75031 ? 2  DA C N9    1 
ATOM 462 C C8    . DA C 3 2  ? -8.29047  -3.67873  10.10855  1.000 334.22264 ? 2  DA C C8    1 
ATOM 463 N N7    . DA C 3 2  ? -7.50223  -4.71914  10.24338  1.000 339.58111 ? 2  DA C N7    1 
ATOM 464 C C5    . DA C 3 2  ? -7.96940  -5.34332  11.38889  1.000 343.70973 ? 2  DA C C5    1 
ATOM 465 C C6    . DA C 3 2  ? -7.55699  -6.50416  12.07264  1.000 350.39126 ? 2  DA C C6    1 
ATOM 466 N N6    . DA C 3 2  ? -6.53506  -7.26974  11.67589  1.000 354.27365 ? 2  DA C N6    1 
ATOM 467 N N1    . DA C 3 2  ? -8.23828  -6.84949  13.18529  1.000 353.37644 ? 2  DA C N1    1 
ATOM 468 C C2    . DA C 3 2  ? -9.26041  -6.08080  13.57950  1.000 350.04555 ? 2  DA C C2    1 
ATOM 469 N N3    . DA C 3 2  ? -9.73912  -4.97020  13.02080  1.000 343.89399 ? 2  DA C N3    1 
ATOM 470 C C4    . DA C 3 2  ? -9.04213  -4.65303  11.91875  1.000 340.85322 ? 2  DA C C4    1 
ATOM 471 P P     . DC C 3 3  ? -12.04894 1.22410   10.02408  1.000 321.65493 ? 3  DC C P     1 
ATOM 472 O OP1   . DC C 3 3  ? -11.99163 0.90653   11.46861  1.000 323.70525 ? 3  DC C OP1   1 
ATOM 473 O OP2   . DC C 3 3  ? -13.29343 0.98494   9.25837   1.000 324.86324 ? 3  DC C OP2   1 
ATOM 474 O "O5'" . DC C 3 3  ? -11.69900 2.77415   9.84621   1.000 313.32509 ? 3  DC C "O5'" 1 
ATOM 475 C "C5'" . DC C 3 3  ? -10.45246 3.28533   10.31096  1.000 309.13385 ? 3  DC C "C5'" 1 
ATOM 476 C "C4'" . DC C 3 3  ? -9.97767  4.42143   9.42354   1.000 302.84678 ? 3  DC C "C4'" 1 
ATOM 477 O "O4'" . DC C 3 3  ? -9.46520  3.87654   8.18679   1.000 304.71347 ? 3  DC C "O4'" 1 
ATOM 478 C "C3'" . DC C 3 3  ? -11.06250 5.41162   9.03275   1.000 299.60248 ? 3  DC C "C3'" 1 
ATOM 479 O "O3'" . DC C 3 3  ? -11.05971 6.49857   9.94615   1.000 294.88019 ? 3  DC C "O3'" 1 
ATOM 480 C "C2'" . DC C 3 3  ? -10.64906 5.86765   7.63522   1.000 296.76037 ? 3  DC C "C2'" 1 
ATOM 481 C "C1'" . DC C 3 3  ? -9.84466  4.68397   7.09128   1.000 301.30479 ? 3  DC C "C1'" 1 
ATOM 482 N N1    . DC C 3 3  ? -10.57541 3.81895   6.09209   1.000 306.47082 ? 3  DC C N1    1 
ATOM 483 C C2    . DC C 3 3  ? -10.97222 4.34850   4.85280   1.000 304.74217 ? 3  DC C C2    1 
ATOM 484 O O2    . DC C 3 3  ? -10.73990 5.53386   4.59650   1.000 298.90797 ? 3  DC C O2    1 
ATOM 485 N N3    . DC C 3 3  ? -11.61132 3.53907   3.96793   1.000 309.86033 ? 3  DC C N3    1 
ATOM 486 C C4    . DC C 3 3  ? -11.84572 2.26220   4.27555   1.000 316.40454 ? 3  DC C C4    1 
ATOM 487 N N4    . DC C 3 3  ? -12.47720 1.50213   3.37325   1.000 321.60031 ? 3  DC C N4    1 
ATOM 488 C C5    . DC C 3 3  ? -11.44096 1.70548   5.52409   1.000 318.23318 ? 3  DC C C5    1 
ATOM 489 C C6    . DC C 3 3  ? -10.81247 2.50852   6.38968   1.000 313.16189 ? 3  DC C C6    1 
ATOM 490 P P     . DC C 3 4  ? -12.43695 7.03466   10.57276  1.000 317.98588 ? 4  DC C P     1 
ATOM 491 O OP1   . DC C 3 4  ? -12.09639 7.80225   11.78920  1.000 314.65951 ? 4  DC C OP1   1 
ATOM 492 O OP2   . DC C 3 4  ? -13.37364 5.89237   10.65629  1.000 324.91305 ? 4  DC C OP2   1 
ATOM 493 O "O5'" . DC C 3 4  ? -12.98756 8.05242   9.47215   1.000 314.13482 ? 4  DC C "O5'" 1 
ATOM 494 C "C5'" . DC C 3 4  ? -12.24252 9.21808   9.14997   1.000 309.61589 ? 4  DC C "C5'" 1 
ATOM 495 C "C4'" . DC C 3 4  ? -12.77483 9.85736   7.88285   1.000 308.20355 ? 4  DC C "C4'" 1 
ATOM 496 O "O4'" . DC C 3 4  ? -12.45186 9.01299   6.75127   1.000 308.55545 ? 4  DC C "O4'" 1 
ATOM 497 C "C3'" . DC C 3 4  ? -14.28525 10.03666  7.84713   1.000 310.02586 ? 4  DC C "C3'" 1 
ATOM 498 O "O3'" . DC C 3 4  ? -14.62885 11.32039  8.37923   1.000 305.55873 ? 4  DC C "O3'" 1 
ATOM 499 C "C2'" . DC C 3 4  ? -14.60157 9.93634   6.35703   1.000 310.17593 ? 4  DC C "C2'" 1 
ATOM 500 C "C1'" . DC C 3 4  ? -13.54567 8.95293   5.85412   1.000 310.82123 ? 4  DC C "C1'" 1 
ATOM 501 N N1    . DC C 3 4  ? -14.00955 7.52198   5.75891   1.000 317.93276 ? 4  DC C N1    1 
ATOM 502 C C2    . DC C 3 4  ? -14.57524 7.04872   4.56743   1.000 321.34889 ? 4  DC C C2    1 
ATOM 503 O O2    . DC C 3 4  ? -14.70439 7.82249   3.61393   1.000 318.43547 ? 4  DC C O2    1 
ATOM 504 N N3    . DC C 3 4  ? -14.96997 5.74941   4.49777   1.000 328.09514 ? 4  DC C N3    1 
ATOM 505 C C4    . DC C 3 4  ? -14.81177 4.94488   5.55020   1.000 331.31597 ? 4  DC C C4    1 
ATOM 506 N N4    . DC C 3 4  ? -15.21504 3.67297   5.43892   1.000 338.23883 ? 4  DC C N4    1 
ATOM 507 C C5    . DC C 3 4  ? -14.23212 5.40822   6.76624   1.000 327.89908 ? 4  DC C C5    1 
ATOM 508 C C6    . DC C 3 4  ? -13.84848 6.68729   6.82417   1.000 321.30251 ? 4  DC C C6    1 
ATOM 509 P P     . DT C 3 5  ? -16.13864 11.86973  8.30197   1.000 306.66383 ? 5  DT C P     1 
ATOM 510 O OP1   . DT C 3 5  ? -16.27959 12.92518  9.32954   1.000 302.79761 ? 5  DT C OP1   1 
ATOM 511 O OP2   . DT C 3 5  ? -17.05800 10.71203  8.32096   1.000 313.00320 ? 5  DT C OP2   1 
ATOM 512 O "O5'" . DT C 3 5  ? -16.22129 12.55338  6.85843   1.000 304.98247 ? 5  DT C "O5'" 1 
ATOM 513 C "C5'" . DT C 3 5  ? -17.47971 12.74294  6.22777   1.000 306.93071 ? 5  DT C "C5'" 1 
ATOM 514 C "C4'" . DT C 3 5  ? -17.35667 12.55082  4.72798   1.000 307.42959 ? 5  DT C "C4'" 1 
ATOM 515 O "O4'" . DT C 3 5  ? -16.95416 11.18408  4.45295   1.000 311.51712 ? 5  DT C "O4'" 1 
ATOM 516 C "C3'" . DT C 3 5  ? -18.64530 12.75704  3.94684   1.000 309.94949 ? 5  DT C "C3'" 1 
ATOM 517 O "O3'" . DT C 3 5  ? -18.34928 13.19770  2.62634   1.000 306.58274 ? 5  DT C "O3'" 1 
ATOM 518 C "C2'" . DT C 3 5  ? -19.24617 11.35834  3.94646   1.000 317.83261 ? 5  DT C "C2'" 1 
ATOM 519 C "C1'" . DT C 3 5  ? -17.99949 10.49867  3.78950   1.000 317.04558 ? 5  DT C "C1'" 1 
ATOM 520 N N1    . DT C 3 5  ? -18.13025 9.13933   4.38824   1.000 322.70520 ? 5  DT C N1    1 
ATOM 521 C C2    . DT C 3 5  ? -18.62613 8.11071   3.62154   1.000 327.81661 ? 5  DT C C2    1 
ATOM 522 O O2    . DT C 3 5  ? -18.97722 8.24725   2.46133   1.000 328.49430 ? 5  DT C O2    1 
ATOM 523 N N3    . DT C 3 5  ? -18.70059 6.90571   4.26242   1.000 333.16265 ? 5  DT C N3    1 
ATOM 524 C C4    . DT C 3 5  ? -18.33553 6.62529   5.56669   1.000 333.29060 ? 5  DT C C4    1 
ATOM 525 O O4    . DT C 3 5  ? -18.44389 5.50256   6.04782   1.000 338.68901 ? 5  DT C O4    1 
ATOM 526 C C5    . DT C 3 5  ? -17.82130 7.74653   6.31942   1.000 327.73376 ? 5  DT C C5    1 
ATOM 527 C C7    . DT C 3 5  ? -17.39099 7.56620   7.74893   1.000 326.81769 ? 5  DT C C7    1 
ATOM 528 C C6    . DT C 3 5  ? -17.74619 8.93618   5.70097   1.000 322.76923 ? 5  DT C C6    1 
ATOM 529 O "O5'" . DT D 4 1  ? 21.52678  -9.24293  -20.46032 1.000 421.70859 ? -4 DT D "O5'" 1 
ATOM 530 C "C5'" . DT D 4 1  ? 22.88462  -9.50776  -20.12521 1.000 424.73451 ? -4 DT D "C5'" 1 
ATOM 531 C "C4'" . DT D 4 1  ? 23.34154  -8.62400  -18.97725 1.000 424.64196 ? -4 DT D "C4'" 1 
ATOM 532 O "O4'" . DT D 4 1  ? 23.59730  -7.28371  -19.46471 1.000 427.72812 ? -4 DT D "O4'" 1 
ATOM 533 C "C3'" . DT D 4 1  ? 22.34266  -8.48744  -17.82517 1.000 419.63383 ? -4 DT D "C3'" 1 
ATOM 534 O "O3'" . DT D 4 1  ? 23.00130  -8.73176  -16.58725 1.000 419.00637 ? -4 DT D "O3'" 1 
ATOM 535 C "C2'" . DT D 4 1  ? 21.84197  -7.04077  -17.93717 1.000 419.90983 ? -4 DT D "C2'" 1 
ATOM 536 C "C1'" . DT D 4 1  ? 23.02691  -6.34089  -18.58952 1.000 425.32701 ? -4 DT D "C1'" 1 
ATOM 537 N N1    . DT D 4 1  ? 22.65382  -5.13821  -19.39379 1.000 427.15480 ? -4 DT D N1    1 
ATOM 538 C C2    . DT D 4 1  ? 23.14388  -3.90281  -19.03369 1.000 429.26199 ? -4 DT D C2    1 
ATOM 539 O O2    . DT D 4 1  ? 23.86945  -3.72153  -18.07084 1.000 429.69438 ? -4 DT D O2    1 
ATOM 540 N N3    . DT D 4 1  ? 22.74474  -2.87361  -19.84602 1.000 430.95248 ? -4 DT D N3    1 
ATOM 541 C C4    . DT D 4 1  ? 21.92855  -2.95067  -20.96075 1.000 430.82239 ? -4 DT D C4    1 
ATOM 542 O O4    . DT D 4 1  ? 21.62856  -1.96178  -21.62549 1.000 432.58320 ? -4 DT D O4    1 
ATOM 543 C C5    . DT D 4 1  ? 21.45427  -4.27548  -21.28444 1.000 428.58129 ? -4 DT D C5    1 
ATOM 544 C C7    . DT D 4 1  ? 20.56031  -4.48980  -22.47009 1.000 428.33258 ? -4 DT D C7    1 
ATOM 545 C C6    . DT D 4 1  ? 21.83874  -5.29215  -20.49703 1.000 426.87471 ? -4 DT D C6    1 
ATOM 546 P P     . DC D 4 2  ? 22.15827  -9.14652  -15.28371 1.000 418.29662 ? -3 DC D P     1 
ATOM 547 O OP1   . DC D 4 2  ? 22.80165  -10.33627 -14.68494 1.000 417.97893 ? -3 DC D OP1   1 
ATOM 548 O OP2   . DC D 4 2  ? 20.72617  -9.19315  -15.65305 1.000 414.81033 ? -3 DC D OP2   1 
ATOM 549 O "O5'" . DC D 4 2  ? 22.38155  -7.91416  -14.29728 1.000 418.51599 ? -3 DC D "O5'" 1 
ATOM 550 C "C5'" . DC D 4 2  ? 23.69763  -7.43495  -14.06228 1.000 422.40784 ? -3 DC D "C5'" 1 
ATOM 551 C "C4'" . DC D 4 2  ? 23.65722  -6.09961  -13.35108 1.000 422.54084 ? -3 DC D "C4'" 1 
ATOM 552 O "O4'" . DC D 4 2  ? 23.49185  -5.03467  -14.32019 1.000 424.82905 ? -3 DC D "O4'" 1 
ATOM 553 C "C3'" . DC D 4 2  ? 22.51710  -5.95422  -12.34273 1.000 417.86924 ? -3 DC D "C3'" 1 
ATOM 554 O "O3'" . DC D 4 2  ? 23.03238  -5.54359  -11.08850 1.000 417.89900 ? -3 DC D "O3'" 1 
ATOM 555 C "C2'" . DC D 4 2  ? 21.59765  -4.89564  -12.96163 1.000 417.44714 ? -3 DC D "C2'" 1 
ATOM 556 C "C1'" . DC D 4 2  ? 22.55522  -4.10313  -13.83772 1.000 422.43807 ? -3 DC D "C1'" 1 
ATOM 557 N N1    . DC D 4 2  ? 21.89351  -3.45948  -15.00701 1.000 423.29063 ? -3 DC D N1    1 
ATOM 558 C C2    . DC D 4 2  ? 22.02888  -2.08190  -15.21360 1.000 425.69421 ? -3 DC D C2    1 
ATOM 559 O O2    . DC D 4 2  ? 22.69978  -1.41387  -14.41722 1.000 427.04734 ? -3 DC D O2    1 
ATOM 560 N N3    . DC D 4 2  ? 21.41961  -1.51697  -16.28632 1.000 426.58597 ? -3 DC D N3    1 
ATOM 561 C C4    . DC D 4 2  ? 20.70507  -2.27115  -17.12282 1.000 425.17725 ? -3 DC D C4    1 
ATOM 562 N N4    . DC D 4 2  ? 20.12198  -1.67014  -18.16663 1.000 426.27389 ? -3 DC D N4    1 
ATOM 563 C C5    . DC D 4 2  ? 20.55513  -3.67402  -16.92745 1.000 422.69239 ? -3 DC D C5    1 
ATOM 564 C C6    . DC D 4 2  ? 21.16147  -4.21958  -15.86852 1.000 421.83833 ? -3 DC D C6    1 
ATOM 565 P P     . DT D 4 3  ? 22.07124  -5.47614  -9.80509  1.000 456.42801 ? -2 DT D P     1 
ATOM 566 O OP1   . DT D 4 3  ? 22.88619  -5.81219  -8.61662  1.000 456.73958 ? -2 DT D OP1   1 
ATOM 567 O OP2   . DT D 4 3  ? 20.85615  -6.26351  -10.11220 1.000 452.62161 ? -2 DT D OP2   1 
ATOM 568 O "O5'" . DT D 4 3  ? 21.67863  -3.93063  -9.71852  1.000 457.01200 ? -2 DT D "O5'" 1 
ATOM 569 C "C5'" . DT D 4 3  ? 22.68447  -2.93872  -9.87673  1.000 461.17679 ? -2 DT D "C5'" 1 
ATOM 570 C "C4'" . DT D 4 3  ? 22.06471  -1.58675  -10.17633 1.000 461.55354 ? -2 DT D "C4'" 1 
ATOM 571 O "O4'" . DT D 4 3  ? 21.56682  -1.56939  -11.52769 1.000 462.14981 ? -2 DT D "O4'" 1 
ATOM 572 C "C3'" . DT D 4 3  ? 20.87767  -1.21406  -9.28724  1.000 457.62447 ? -2 DT D "C3'" 1 
ATOM 573 O "O3'" . DT D 4 3  ? 21.25393  -0.17357  -8.39781  1.000 458.83384 ? -2 DT D "O3'" 1 
ATOM 574 C "C2'" . DT D 4 3  ? 19.77586  -0.76317  -10.26655 1.000 456.60804 ? -2 DT D "C2'" 1 
ATOM 575 C "C1'" . DT D 4 3  ? 20.50800  -0.65550  -11.59930 1.000 460.57701 ? -2 DT D "C1'" 1 
ATOM 576 N N1    . DT D 4 3  ? 19.66187  -1.01245  -12.77345 1.000 459.61729 ? -2 DT D N1    1 
ATOM 577 C C2    . DT D 4 3  ? 19.29338  -0.03126  -13.66109 1.000 461.32567 ? -2 DT D C2    1 
ATOM 578 O O2    . DT D 4 3  ? 19.62170  1.13427   -13.54077 1.000 463.58660 ? -2 DT D O2    1 
ATOM 579 N N3    . DT D 4 3  ? 18.51932  -0.46373  -14.70385 1.000 460.39575 ? -2 DT D N3    1 
ATOM 580 C C4    . DT D 4 3  ? 18.08609  -1.75531  -14.94412 1.000 457.95432 ? -2 DT D C4    1 
ATOM 581 O O4    . DT D 4 3  ? 17.39085  -2.04463  -15.91247 1.000 457.39207 ? -2 DT D O4    1 
ATOM 582 C C5    . DT D 4 3  ? 18.50894  -2.73756  -13.97494 1.000 456.23283 ? -2 DT D C5    1 
ATOM 583 C C7    . DT D 4 3  ? 18.10080  -4.17407  -14.12856 1.000 453.62167 ? -2 DT D C7    1 
ATOM 584 C C6    . DT D 4 3  ? 19.26823  -2.32293  -12.94890 1.000 457.15723 ? -2 DT D C6    1 
ATOM 585 P P     . DG D 4 4  ? 20.20023  0.40757   -7.33472  1.000 439.93447 ? -1 DG D P     1 
ATOM 586 O OP1   . DG D 4 4  ? 20.97050  0.94584   -6.19191  1.000 441.36020 ? -1 DG D OP1   1 
ATOM 587 O OP2   . DG D 4 4  ? 19.16831  -0.62815  -7.10109  1.000 435.60210 ? -1 DG D OP2   1 
ATOM 588 O "O5'" . DG D 4 4  ? 19.51670  1.62254   -8.11561  1.000 440.77901 ? -1 DG D "O5'" 1 
ATOM 589 C "C5'" . DG D 4 4  ? 19.05210  2.75652   -7.40276  1.000 440.35251 ? -1 DG D "C5'" 1 
ATOM 590 C "C4'" . DG D 4 4  ? 19.15761  4.00440   -8.25880  1.000 443.47852 ? -1 DG D "C4'" 1 
ATOM 591 O "O4'" . DG D 4 4  ? 19.04025  3.63894   -9.65688  1.000 444.42283 ? -1 DG D "O4'" 1 
ATOM 592 C "C3'" . DG D 4 4  ? 18.05882  5.02191   -8.03179  1.000 441.99329 ? -1 DG D "C3'" 1 
ATOM 593 O "O3'" . DG D 4 4  ? 18.49324  6.30823   -8.45618  1.000 445.58537 ? -1 DG D "O3'" 1 
ATOM 594 C "C2'" . DG D 4 4  ? 16.95515  4.48077   -8.92982  1.000 439.55369 ? -1 DG D "C2'" 1 
ATOM 595 C "C1'" . DG D 4 4  ? 17.75087  3.98399   -10.13679 1.000 442.32874 ? -1 DG D "C1'" 1 
ATOM 596 N N9    . DG D 4 4  ? 17.17302  2.80487   -10.78224 1.000 440.01279 ? -1 DG D N9    1 
ATOM 597 C C8    . DG D 4 4  ? 17.22766  1.50985   -10.32750 1.000 437.65717 ? -1 DG D C8    1 
ATOM 598 N N7    . DG D 4 4  ? 16.63253  0.65577   -11.11198 1.000 436.03561 ? -1 DG D N7    1 
ATOM 599 C C5    . DG D 4 4  ? 16.15280  1.43075   -12.16009 1.000 437.43141 ? -1 DG D C5    1 
ATOM 600 C C6    . DG D 4 4  ? 15.42281  1.04934   -13.31218 1.000 436.79327 ? -1 DG D C6    1 
ATOM 601 O O6    . DG D 4 4  ? 15.04683  -0.08431  -13.63918 1.000 434.76451 ? -1 DG D O6    1 
ATOM 602 N N1    . DG D 4 4  ? 15.13123  2.14258   -14.12555 1.000 438.91847 ? -1 DG D N1    1 
ATOM 603 C C2    . DG D 4 4  ? 15.49951  3.44122   -13.85792 1.000 441.33682 ? -1 DG D C2    1 
ATOM 604 N N2    . DG D 4 4  ? 15.12988  4.36542   -14.75921 1.000 443.27476 ? -1 DG D N2    1 
ATOM 605 N N3    . DG D 4 4  ? 16.18612  3.81240   -12.77832 1.000 441.93608 ? -1 DG D N3    1 
ATOM 606 C C4    . DG D 4 4  ? 16.47731  2.75642   -11.97603 1.000 439.89709 ? -1 DG D C4    1 
ATOM 607 P P     . DT D 4 5  ? 17.88208  7.63228   -7.78194  1.000 444.01656 ? 0  DT D P     1 
ATOM 608 O OP1   . DT D 4 5  ? 19.00416  8.38446   -7.17873  1.000 447.28109 ? 0  DT D OP1   1 
ATOM 609 O OP2   . DT D 4 5  ? 16.73749  7.22244   -6.93849  1.000 439.62335 ? 0  DT D OP2   1 
ATOM 610 O "O5'" . DT D 4 5  ? 17.31166  8.46671   -9.02302  1.000 445.52512 ? 0  DT D "O5'" 1 
ATOM 611 C "C5'" . DT D 4 5  ? 16.99995  7.80161   -10.24268 1.000 445.25603 ? 0  DT D "C5'" 1 
ATOM 612 C "C4'" . DT D 4 5  ? 15.51090  7.86810   -10.53150 1.000 442.19172 ? 0  DT D "C4'" 1 
ATOM 613 O "O4'" . DT D 4 5  ? 15.09237  6.64460   -11.16876 1.000 440.05511 ? 0  DT D "O4'" 1 
ATOM 614 C "C3'" . DT D 4 5  ? 14.62248  8.01915   -9.29612  1.000 438.76454 ? 0  DT D "C3'" 1 
ATOM 615 O "O3'" . DT D 4 5  ? 14.14273  9.37249   -9.20231  1.000 439.85422 ? 0  DT D "O3'" 1 
ATOM 616 C "C2'" . DT D 4 5  ? 13.48518  7.00302   -9.50387  1.000 434.70954 ? 0  DT D "C2'" 1 
ATOM 617 C "C1'" . DT D 4 5  ? 13.73151  6.43651   -10.89932 1.000 436.15877 ? 0  DT D "C1'" 1 
ATOM 618 N N1    . DT D 4 5  ? 13.45106  4.96775   -10.99719 1.000 433.27128 ? 0  DT D N1    1 
ATOM 619 C C2    . DT D 4 5  ? 12.81438  4.46486   -12.11266 1.000 432.54087 ? 0  DT D C2    1 
ATOM 620 O O2    . DT D 4 5  ? 12.45705  5.15663   -13.04895 1.000 434.17092 ? 0  DT D O2    1 
ATOM 621 N N3    . DT D 4 5  ? 12.61430  3.10660   -12.09071 1.000 429.93011 ? 0  DT D N3    1 
ATOM 622 C C4    . DT D 4 5  ? 12.97614  2.22427   -11.08744 1.000 428.04618 ? 0  DT D C4    1 
ATOM 623 O O4    . DT D 4 5  ? 12.75377  1.02014   -11.15685 1.000 425.83453 ? 0  DT D O4    1 
ATOM 624 C C5    . DT D 4 5  ? 13.63502  2.81938   -9.95020  1.000 428.98703 ? 0  DT D C5    1 
ATOM 625 C C7    . DT D 4 5  ? 14.07489  1.96346   -8.79858  1.000 427.30119 ? 0  DT D C7    1 
ATOM 626 C C6    . DT D 4 5  ? 13.83195  4.14463   -9.96014  1.000 431.49625 ? 0  DT D C6    1 
ATOM 627 P P     . DA D 4 6  ? 12.78789  9.73925   -8.41086  1.000 493.99167 ? 1  DA D P     1 
ATOM 628 O OP1   . DA D 4 6  ? 12.85889  11.18515  -8.10872  1.000 496.01732 ? 1  DA D OP1   1 
ATOM 629 O OP2   . DA D 4 6  ? 12.56684  8.79240   -7.29409  1.000 496.16174 ? 1  DA D OP2   1 
ATOM 630 O "O5'" . DA D 4 6  ? 11.64766  9.54097   -9.51314  1.000 480.73348 ? 1  DA D "O5'" 1 
ATOM 631 C "C5'" . DA D 4 6  ? 11.76477  10.21158  -10.76208 1.000 477.78303 ? 1  DA D "C5'" 1 
ATOM 632 C "C4'" . DA D 4 6  ? 10.83261  9.61530   -11.80224 1.000 466.52847 ? 1  DA D "C4'" 1 
ATOM 633 O "O4'" . DA D 4 6  ? 10.96477  8.16798   -11.81899 1.000 467.50505 ? 1  DA D "O4'" 1 
ATOM 634 C "C3'" . DA D 4 6  ? 9.34829   9.89774   -11.58681 1.000 455.01720 ? 1  DA D "C3'" 1 
ATOM 635 O "O3'" . DA D 4 6  ? 8.73065   10.10878  -12.84220 1.000 446.02336 ? 1  DA D "O3'" 1 
ATOM 636 C "C2'" . DA D 4 6  ? 8.85329   8.60983   -10.93245 1.000 453.00463 ? 1  DA D "C2'" 1 
ATOM 637 C "C1'" . DA D 4 6  ? 9.69082   7.57705   -11.66678 1.000 457.41987 ? 1  DA D "C1'" 1 
ATOM 638 N N9    . DA D 4 6  ? 9.85693   6.31865   -10.94564 1.000 461.70914 ? 1  DA D N9    1 
ATOM 639 C C8    . DA D 4 6  ? 10.41736  6.14748   -9.71325  1.000 470.76388 ? 1  DA D C8    1 
ATOM 640 N N7    . DA D 4 6  ? 10.45746  4.89988   -9.31477  1.000 473.53831 ? 1  DA D N7    1 
ATOM 641 C C5    . DA D 4 6  ? 9.87839   4.20090   -10.35839 1.000 465.66749 ? 1  DA D C5    1 
ATOM 642 C C6    . DA D 4 6  ? 9.61874   2.83159   -10.55008 1.000 464.50531 ? 1  DA D C6    1 
ATOM 643 N N6    . DA D 4 6  ? 9.92524   1.89174   -9.65064  1.000 471.80163 ? 1  DA D N6    1 
ATOM 644 N N1    . DA D 4 6  ? 9.02782   2.46500   -11.70527 1.000 455.97394 ? 1  DA D N1    1 
ATOM 645 C C2    . DA D 4 6  ? 8.72205   3.40894   -12.60327 1.000 449.10902 ? 1  DA D C2    1 
ATOM 646 N N3    . DA D 4 6  ? 8.91712   4.72556   -12.53482 1.000 449.64315 ? 1  DA D N3    1 
ATOM 647 C C4    . DA D 4 6  ? 9.50621   5.05869   -11.37519 1.000 458.19039 ? 1  DA D C4    1 
ATOM 648 P P     . DG D 4 7  ? 7.40619   11.00685  -12.96452 1.000 435.48123 ? 2  DG D P     1 
ATOM 649 O OP1   . DG D 4 7  ? 7.80877   12.32416  -13.50734 1.000 438.11766 ? 2  DG D OP1   1 
ATOM 650 O OP2   . DG D 4 7  ? 6.67764   10.92883  -11.67819 1.000 434.13149 ? 2  DG D OP2   1 
ATOM 651 O "O5'" . DG D 4 7  ? 6.54587   10.23444  -14.06675 1.000 424.59701 ? 2  DG D "O5'" 1 
ATOM 652 C "C5'" . DG D 4 7  ? 7.03662   9.01197   -14.61188 1.000 426.30568 ? 2  DG D "C5'" 1 
ATOM 653 C "C4'" . DG D 4 7  ? 5.93127   7.97634   -14.68776 1.000 416.96323 ? 2  DG D "C4'" 1 
ATOM 654 O "O4'" . DG D 4 7  ? 6.31585   6.79934   -13.93688 1.000 422.59325 ? 2  DG D "O4'" 1 
ATOM 655 C "C3'" . DG D 4 7  ? 4.58538   8.43461   -14.12711 1.000 408.35298 ? 2  DG D "C3'" 1 
ATOM 656 O "O3'" . DG D 4 7  ? 3.57412   8.27690   -15.11544 1.000 397.16682 ? 2  DG D "O3'" 1 
ATOM 657 C "C2'" . DG D 4 7  ? 4.35048   7.53344   -12.90577 1.000 410.87565 ? 2  DG D "C2'" 1 
ATOM 658 C "C1'" . DG D 4 7  ? 5.21248   6.31912   -13.20915 1.000 416.56909 ? 2  DG D "C1'" 1 
ATOM 659 N N9    . DG D 4 7  ? 5.72182   5.65495   -12.00961 1.000 425.22748 ? 2  DG D N9    1 
ATOM 660 C C8    . DG D 4 7  ? 6.34649   6.25044   -10.94068 1.000 433.81854 ? 2  DG D C8    1 
ATOM 661 N N7    . DG D 4 7  ? 6.70450   5.40702   -10.01270 1.000 440.69883 ? 2  DG D N7    1 
ATOM 662 C C5    . DG D 4 7  ? 6.29630   4.17206   -10.49773 1.000 436.64856 ? 2  DG D C5    1 
ATOM 663 C C6    . DG D 4 7  ? 6.41469   2.88165   -9.92647  1.000 441.33390 ? 2  DG D C6    1 
ATOM 664 O O6    . DG D 4 7  ? 6.92527   2.57097   -8.84080  1.000 450.21787 ? 2  DG D O6    1 
ATOM 665 N N1    . DG D 4 7  ? 5.86917   1.89818   -10.74843 1.000 435.12954 ? 2  DG D N1    1 
ATOM 666 C C2    . DG D 4 7  ? 5.28069   2.13210   -11.97074 1.000 425.35104 ? 2  DG D C2    1 
ATOM 667 N N2    . DG D 4 7  ? 4.80789   1.06126   -12.62418 1.000 420.71110 ? 2  DG D N2    1 
ATOM 668 N N3    . DG D 4 7  ? 5.16179   3.33690   -12.51741 1.000 420.83973 ? 2  DG D N3    1 
ATOM 669 C C4    . DG D 4 7  ? 5.68764   4.30513   -11.72911 1.000 426.99439 ? 2  DG D C4    1 
ATOM 670 P P     . DC D 4 8  ? 2.05201   8.68340   -14.80738 1.000 386.97812 ? 3  DC D P     1 
ATOM 671 O OP1   . DC D 4 8  ? 1.49403   9.27776   -16.04297 1.000 378.75508 ? 3  DC D OP1   1 
ATOM 672 O OP2   . DC D 4 8  ? 2.01267   9.46468   -13.54972 1.000 391.74727 ? 3  DC D OP2   1 
ATOM 673 O "O5'" . DC D 4 8  ? 1.34441   7.27478   -14.54864 1.000 382.49112 ? 3  DC D "O5'" 1 
ATOM 674 C "C5'" . DC D 4 8  ? 1.59937   6.19225   -15.43391 1.000 381.12961 ? 3  DC D "C5'" 1 
ATOM 675 C "C4'" . DC D 4 8  ? 1.20474   4.87173   -14.80218 1.000 381.06073 ? 3  DC D "C4'" 1 
ATOM 676 O "O4'" . DC D 4 8  ? 2.10537   4.56476   -13.71141 1.000 392.48165 ? 3  DC D "O4'" 1 
ATOM 677 C "C3'" . DC D 4 8  ? -0.21032  4.83591   -14.21900 1.000 378.96340 ? 3  DC D "C3'" 1 
ATOM 678 O "O3'" . DC D 4 8  ? -0.96187  3.80277   -14.83449 1.000 376.48906 ? 3  DC D "O3'" 1 
ATOM 679 C "C2'" . DC D 4 8  ? -0.00066  4.57043   -12.72270 1.000 390.40183 ? 3  DC D "C2'" 1 
ATOM 680 C "C1'" . DC D 4 8  ? 1.38130   3.93881   -12.68547 1.000 397.85412 ? 3  DC D "C1'" 1 
ATOM 681 N N1    . DC D 4 8  ? 2.10957   4.15342   -11.39087 1.000 406.10935 ? 3  DC D N1    1 
ATOM 682 C C2    . DC D 4 8  ? 2.46336   3.05155   -10.60027 1.000 413.45313 ? 3  DC D C2    1 
ATOM 683 O O2    . DC D 4 8  ? 2.16586   1.91531   -10.98863 1.000 413.72133 ? 3  DC D O2    1 
ATOM 684 N N3    . DC D 4 8  ? 3.12739   3.26527   -9.43208  1.000 419.17207 ? 3  DC D N3    1 
ATOM 685 C C4    . DC D 4 8  ? 3.42863   4.51131   -9.05340  1.000 421.50719 ? 3  DC D C4    1 
ATOM 686 N N4    . DC D 4 8  ? 4.08290   4.67886   -7.89628  1.000 431.32579 ? 3  DC D N4    1 
ATOM 687 C C5    . DC D 4 8  ? 3.07575   5.64311   -9.84663  1.000 414.67006 ? 3  DC D C5    1 
ATOM 688 C C6    . DC D 4 8  ? 2.42321   5.41974   -10.99318 1.000 405.14717 ? 3  DC D C6    1 
ATOM 689 P P     . DT D 4 9  ? -2.54622  3.70097   -14.58924 1.000 382.31816 ? 4  DT D P     1 
ATOM 690 O OP1   . DT D 4 9  ? -3.17551  3.35646   -15.88344 1.000 371.20474 ? 4  DT D OP1   1 
ATOM 691 O OP2   . DT D 4 9  ? -2.97404  4.92217   -13.87174 1.000 381.23363 ? 4  DT D OP2   1 
ATOM 692 O "O5'" . DT D 4 9  ? -2.69343  2.46439   -13.58509 1.000 393.84966 ? 4  DT D "O5'" 1 
ATOM 693 C "C5'" . DT D 4 9  ? -2.05872  1.22929   -13.89309 1.000 398.20586 ? 4  DT D "C5'" 1 
ATOM 694 C "C4'" . DT D 4 9  ? -2.04714  0.29869   -12.69119 1.000 407.49723 ? 4  DT D "C4'" 1 
ATOM 695 O "O4'" . DT D 4 9  ? -1.12327  0.79354   -11.68760 1.000 412.89029 ? 4  DT D "O4'" 1 
ATOM 696 C "C3'" . DT D 4 9  ? -3.39511  0.12036   -11.98505 1.000 408.28937 ? 4  DT D "C3'" 1 
ATOM 697 O "O3'" . DT D 4 9  ? -3.64875  -1.26542  -11.79155 1.000 412.44365 ? 4  DT D "O3'" 1 
ATOM 698 C "C2'" . DT D 4 9  ? -3.20185  0.85125   -10.65103 1.000 412.05576 ? 4  DT D "C2'" 1 
ATOM 699 C "C1'" . DT D 4 9  ? -1.71316  0.66135   -10.41766 1.000 416.42313 ? 4  DT D "C1'" 1 
ATOM 700 N N1    . DT D 4 9  ? -1.10087  1.67515   -9.50385  1.000 418.27364 ? 4  DT D N1    1 
ATOM 701 C C2    . DT D 4 9  ? -0.43093  1.25035   -8.37784  1.000 423.73314 ? 4  DT D C2    1 
ATOM 702 O O2    . DT D 4 9  ? -0.31451  0.07683   -8.07247  1.000 427.01311 ? 4  DT D O2    1 
ATOM 703 N N3    . DT D 4 9  ? 0.10155   2.25677   -7.61476  1.000 424.94381 ? 4  DT D N3    1 
ATOM 704 C C4    . DT D 4 9  ? 0.03476   3.61551   -7.85917  1.000 421.86214 ? 4  DT D C4    1 
ATOM 705 O O4    . DT D 4 9  ? 0.54550   4.44439   -7.11240  1.000 423.85516 ? 4  DT D O4    1 
ATOM 706 C C5    . DT D 4 9  ? -0.67875  3.99290   -9.05426  1.000 415.53419 ? 4  DT D C5    1 
ATOM 707 C C7    . DT D 4 9  ? -0.81650  5.44107   -9.41852  1.000 409.97956 ? 4  DT D C7    1 
ATOM 708 C C6    . DT D 4 9  ? -1.20552  3.01653   -9.81162  1.000 413.88328 ? 4  DT D C6    1 
ATOM 709 P P     . DG D 4 10 ? -5.15335  -1.82937  -11.79332 1.000 360.63695 ? 5  DG D P     1 
ATOM 710 O OP1   . DG D 4 10 ? -5.30069  -2.72792  -12.95864 1.000 355.49420 ? 5  DG D OP1   1 
ATOM 711 O OP2   . DG D 4 10 ? -6.07010  -0.67892  -11.63800 1.000 353.84099 ? 5  DG D OP2   1 
ATOM 712 O "O5'" . DG D 4 10 ? -5.22424  -2.70238  -10.45722 1.000 369.35306 ? 5  DG D "O5'" 1 
ATOM 713 C "C5'" . DG D 4 10 ? -4.84280  -2.11992  -9.22377  1.000 377.31159 ? 5  DG D "C5'" 1 
ATOM 714 C "C4'" . DG D 4 10 ? -4.18484  -3.14094  -8.31590  1.000 388.78408 ? 5  DG D "C4'" 1 
ATOM 715 O "O4'" . DG D 4 10 ? -3.04561  -2.52929  -7.66898  1.000 397.85108 ? 5  DG D "O4'" 1 
ATOM 716 C "C3'" . DG D 4 10 ? -5.05799  -3.62140  -7.17438  1.000 391.81648 ? 5  DG D "C3'" 1 
ATOM 717 O "O3'" . DG D 4 10 ? -4.58868  -4.86738  -6.67689  1.000 400.95067 ? 5  DG D "O3'" 1 
ATOM 718 C "C2'" . DG D 4 10 ? -4.87101  -2.51089  -6.15098  1.000 396.50718 ? 5  DG D "C2'" 1 
ATOM 719 C "C1'" . DG D 4 10 ? -3.41066  -2.09889  -6.36868  1.000 402.43007 ? 5  DG D "C1'" 1 
ATOM 720 N N9    . DG D 4 10 ? -3.19932  -0.65360  -6.27869  1.000 401.14192 ? 5  DG D N9    1 
ATOM 721 C C8    . DG D 4 10 ? -3.67097  0.30502   -7.14220  1.000 391.56818 ? 5  DG D C8    1 
ATOM 722 N N7    . DG D 4 10 ? -3.33201  1.51869   -6.80800  1.000 393.60819 ? 5  DG D N7    1 
ATOM 723 C C5    . DG D 4 10 ? -2.58712  1.35750   -5.64739  1.000 404.97623 ? 5  DG D C5    1 
ATOM 724 C C6    . DG D 4 10 ? -1.95317  2.32340   -4.82912  1.000 412.14588 ? 5  DG D C6    1 
ATOM 725 O O6    . DG D 4 10 ? -1.92608  3.55284   -4.97642  1.000 409.98939 ? 5  DG D O6    1 
ATOM 726 N N1    . DG D 4 10 ? -1.30273  1.73642   -3.74705  1.000 423.25575 ? 5  DG D N1    1 
ATOM 727 C C2    . DG D 4 10 ? -1.27302  0.38604   -3.48641  1.000 427.28867 ? 5  DG D C2    1 
ATOM 728 N N2    . DG D 4 10 ? -0.59340  -0.00165  -2.39917  1.000 438.73823 ? 5  DG D N2    1 
ATOM 729 N N3    . DG D 4 10 ? -1.85938  -0.52861  -4.24816  1.000 420.96421 ? 5  DG D N3    1 
ATOM 730 C C4    . DG D 4 10 ? -2.49690  0.02670   -5.30569  1.000 409.76414 ? 5  DG D C4    1 
ATOM 731 P P     . DT D 4 11 ? -5.47559  -5.69140  -5.61896  1.000 382.89231 ? 6  DT D P     1 
ATOM 732 O OP1   . DT D 4 11 ? -5.04754  -7.10743  -5.66861  1.000 386.54836 ? 6  DT D OP1   1 
ATOM 733 O OP2   . DT D 4 11 ? -6.89301  -5.34696  -5.86429  1.000 382.04848 ? 6  DT D OP2   1 
ATOM 734 O "O5'" . DT D 4 11 ? -5.07272  -5.06200  -4.20276  1.000 381.14214 ? 6  DT D "O5'" 1 
ATOM 735 C "C5'" . DT D 4 11 ? -3.72518  -5.13202  -3.75211  1.000 381.44710 ? 6  DT D "C5'" 1 
ATOM 736 C "C4'" . DT D 4 11 ? -3.57837  -4.54339  -2.35653  1.000 380.07889 ? 6  DT D "C4'" 1 
ATOM 737 O "O4'" . DT D 4 11 ? -3.34195  -3.11133  -2.44025  1.000 376.96409 ? 6  DT D "O4'" 1 
ATOM 738 C "C3'" . DT D 4 11 ? -4.78938  -4.71746  -1.43607  1.000 380.40381 ? 6  DT D "C3'" 1 
ATOM 739 O "O3'" . DT D 4 11 ? -4.34012  -5.04467  -0.12416  1.000 381.53170 ? 6  DT D "O3'" 1 
ATOM 740 C "C2'" . DT D 4 11 ? -5.44463  -3.33442  -1.47597  1.000 377.19966 ? 6  DT D "C2'" 1 
ATOM 741 C "C1'" . DT D 4 11 ? -4.21498  -2.44836  -1.55332  1.000 375.50081 ? 6  DT D "C1'" 1 
ATOM 742 N N1    . DT D 4 11 ? -4.46254  -1.06349  -2.07427  1.000 372.72935 ? 6  DT D N1    1 
ATOM 743 C C2    . DT D 4 11 ? -3.90553  0.00487   -1.41106  1.000 370.99985 ? 6  DT D C2    1 
ATOM 744 O O2    . DT D 4 11 ? -3.23051  -0.11331  -0.40337  1.000 371.51291 ? 6  DT D O2    1 
ATOM 745 N N3    . DT D 4 11 ? -4.16982  1.22669   -1.96569  1.000 368.93580 ? 6  DT D N3    1 
ATOM 746 C C4    . DT D 4 11 ? -4.91680  1.48721   -3.09881  1.000 368.41329 ? 6  DT D C4    1 
ATOM 747 O O4    . DT D 4 11 ? -5.09567  2.62670   -3.51621  1.000 366.82485 ? 6  DT D O4    1 
ATOM 748 C C5    . DT D 4 11 ? -5.47042  0.32558   -3.75516  1.000 370.21138 ? 6  DT D C5    1 
ATOM 749 C C7    . DT D 4 11 ? -6.30341  0.48745   -4.99527  1.000 370.08274 ? 6  DT D C7    1 
ATOM 750 C C6    . DT D 4 11 ? -5.21882  -0.88247  -3.21760  1.000 372.28094 ? 6  DT D C6    1 
ATOM 751 P P     . DG D 4 12 ? -5.26611  -5.89861  0.87437   1.000 325.69977 ? 7  DG D P     1 
ATOM 752 O OP1   . DG D 4 12 ? -4.61044  -7.20929  1.08467   1.000 329.29215 ? 7  DG D OP1   1 
ATOM 753 O OP2   . DG D 4 12 ? -6.65374  -5.85603  0.36159   1.000 325.31844 ? 7  DG D OP2   1 
ATOM 754 O "O5'" . DG D 4 12 ? -5.19895  -5.07056  2.24266   1.000 324.28040 ? 7  DG D "O5'" 1 
ATOM 755 C "C5'" . DG D 4 12 ? -3.93479  -4.80291  2.84412   1.000 324.13162 ? 7  DG D "C5'" 1 
ATOM 756 C "C4'" . DG D 4 12 ? -3.97188  -3.51204  3.63911   1.000 321.63875 ? 7  DG D "C4'" 1 
ATOM 757 O "O4'" . DG D 4 12 ? -4.11829  -2.38370  2.73936   1.000 318.65149 ? 7  DG D "O4'" 1 
ATOM 758 C "C3'" . DG D 4 12 ? -5.11324  -3.40880  4.65155   1.000 321.95978 ? 7  DG D "C3'" 1 
ATOM 759 O "O3'" . DG D 4 12 ? -4.59895  -2.95905  5.89317   1.000 322.05128 ? 7  DG D "O3'" 1 
ATOM 760 C "C2'" . DG D 4 12 ? -6.06146  -2.38329  4.02208   1.000 319.19244 ? 7  DG D "C2'" 1 
ATOM 761 C "C1'" . DG D 4 12 ? -5.08979  -1.50574  3.25173   1.000 317.03203 ? 7  DG D "C1'" 1 
ATOM 762 N N9    . DG D 4 12 ? -5.69314  -0.78717  2.13321   1.000 314.98442 ? 7  DG D N9    1 
ATOM 763 C C8    . DG D 4 12 ? -6.42270  -1.32217  1.09931   1.000 315.47859 ? 7  DG D C8    1 
ATOM 764 N N7    . DG D 4 12 ? -6.82751  -0.43286  0.23530   1.000 313.50623 ? 7  DG D N7    1 
ATOM 765 C C5    . DG D 4 12 ? -6.33123  0.76848   0.72721   1.000 311.63856 ? 7  DG D C5    1 
ATOM 766 C C6    . DG D 4 12 ? -6.44731  2.08270   0.21604   1.000 309.45186 ? 7  DG D C6    1 
ATOM 767 O O6    . DG D 4 12 ? -7.03311  2.45651   -0.80870  1.000 308.65036 ? 7  DG D O6    1 
ATOM 768 N N1    . DG D 4 12 ? -5.79381  3.01119   1.02470   1.000 308.48887 ? 7  DG D N1    1 
ATOM 769 C C2    . DG D 4 12 ? -5.11623  2.70662   2.18266   1.000 309.46258 ? 7  DG D C2    1 
ATOM 770 N N2    . DG D 4 12 ? -4.54501  3.72975   2.83223   1.000 308.55439 ? 7  DG D N2    1 
ATOM 771 N N3    . DG D 4 12 ? -4.99898  1.48040   2.66923   1.000 311.50151 ? 7  DG D N3    1 
ATOM 772 C C4    . DG D 4 12 ? -5.62909  0.56627   1.89378   1.000 312.50159 ? 7  DG D C4    1 
ATOM 773 P P     . DT D 4 13 ? -5.38012  -3.26826  7.26241   1.000 323.14715 ? 8  DT D P     1 
ATOM 774 O OP1   . DT D 4 13 ? -4.44990  -3.97322  8.17379   1.000 325.84758 ? 8  DT D OP1   1 
ATOM 775 O OP2   . DT D 4 13 ? -6.67316  -3.89730  6.91746   1.000 324.13747 ? 8  DT D OP2   1 
ATOM 776 O "O5'" . DT D 4 13 ? -5.67710  -1.81192  7.85100   1.000 320.60909 ? 8  DT D "O5'" 1 
ATOM 777 C "C5'" . DT D 4 13 ? -4.61562  -0.86721  7.96080   1.000 319.00395 ? 8  DT D "C5'" 1 
ATOM 778 C "C4'" . DT D 4 13 ? -5.14630  0.55567   7.97876   1.000 316.35965 ? 8  DT D "C4'" 1 
ATOM 779 O "O4'" . DT D 4 13 ? -5.54727  0.94177   6.64516   1.000 314.33363 ? 8  DT D "O4'" 1 
ATOM 780 C "C3'" . DT D 4 13 ? -6.36563  0.78206   8.88122   1.000 316.80742 ? 8  DT D "C3'" 1 
ATOM 781 O "O3'" . DT D 4 13 ? -6.05567  1.73467   9.89493   1.000 316.48446 ? 8  DT D "O3'" 1 
ATOM 782 C "C2'" . DT D 4 13 ? -7.45428  1.29982   7.92939   1.000 314.81062 ? 8  DT D "C2'" 1 
ATOM 783 C "C1'" . DT D 4 13 ? -6.64817  1.80155   6.73847   1.000 312.90812 ? 8  DT D "C1'" 1 
ATOM 784 N N1    . DT D 4 13 ? -7.39585  1.75257   5.44399   1.000 311.81518 ? 8  DT D N1    1 
ATOM 785 C C2    . DT D 4 13 ? -7.46304  2.88258   4.65942   1.000 309.56456 ? 8  DT D C2    1 
ATOM 786 O O2    . DT D 4 13 ? -6.93857  3.93942   4.96342   1.000 308.43748 ? 8  DT D O2    1 
ATOM 787 N N3    . DT D 4 13 ? -8.17073  2.73108   3.49639   1.000 308.98772 ? 8  DT D N3    1 
ATOM 788 C C4    . DT D 4 13 ? -8.80556  1.58599   3.04768   1.000 310.41942 ? 8  DT D C4    1 
ATOM 789 O O4    . DT D 4 13 ? -9.41830  1.54980   1.98623   1.000 309.95468 ? 8  DT D O4    1 
ATOM 790 C C5    . DT D 4 13 ? -8.69700  0.43673   3.91704   1.000 312.83310 ? 8  DT D C5    1 
ATOM 791 C C7    . DT D 4 13 ? -9.34625  -0.86327  3.53541   1.000 314.97054 ? 8  DT D C7    1 
ATOM 792 C C6    . DT D 4 13 ? -8.00506  0.57390   5.05919   1.000 313.41163 ? 8  DT D C6    1 
ATOM 793 P P     . DG D 4 14 ? -5.14688  1.30727   11.15009  1.000 312.54956 ? 9  DG D P     1 
ATOM 794 O OP1   . DG D 4 14 ? -3.91584  2.12430   11.10649  1.000 311.43396 ? 9  DG D OP1   1 
ATOM 795 O OP2   . DG D 4 14 ? -5.04532  -0.16725  11.15137  1.000 315.13889 ? 9  DG D OP2   1 
ATOM 796 O "O5'" . DG D 4 14 ? -6.00848  1.73866   12.42713  1.000 313.55175 ? 9  DG D "O5'" 1 
ATOM 797 C "C5'" . DG D 4 14 ? -7.39023  1.41207   12.49595  1.000 314.05477 ? 9  DG D "C5'" 1 
ATOM 798 C "C4'" . DG D 4 14 ? -7.70123  0.60914   13.74790  1.000 317.38815 ? 9  DG D "C4'" 1 
ATOM 799 O "O4'" . DG D 4 14 ? -8.01988  -0.75305  13.38092  1.000 319.34280 ? 9  DG D "O4'" 1 
ATOM 800 C "C3'" . DG D 4 14 ? -6.55925  0.48624   14.74020  1.000 319.36126 ? 9  DG D "C3'" 1 
ATOM 801 O "O3'" . DG D 4 14 ? -6.54681  1.61152   15.61283  1.000 318.96766 ? 9  DG D "O3'" 1 
ATOM 802 C "C2'" . DG D 4 14 ? -6.92643  -0.79048  15.48999  1.000 323.08724 ? 9  DG D "C2'" 1 
ATOM 803 C "C1'" . DG D 4 14 ? -7.59124  -1.63775  14.39955  1.000 322.85298 ? 9  DG D "C1'" 1 
ATOM 804 N N9    . DG D 4 14 ? -6.70133  -2.63692  13.81213  1.000 324.05278 ? 9  DG D N9    1 
ATOM 805 C C8    . DG D 4 14 ? -6.20780  -2.65387  12.52892  1.000 322.05986 ? 9  DG D C8    1 
ATOM 806 N N7    . DG D 4 14 ? -5.42951  -3.67242  12.28407  1.000 324.07015 ? 9  DG D N7    1 
ATOM 807 C C5    . DG D 4 14 ? -5.40579  -4.37667  13.48123  1.000 327.66320 ? 9  DG D C5    1 
ATOM 808 C C6    . DG D 4 14 ? -4.72787  -5.57294  13.81696  1.000 331.32063 ? 9  DG D C6    1 
ATOM 809 O O6    . DG D 4 14 ? -3.99179  -6.26894  13.10360  1.000 332.06792 ? 9  DG D O6    1 
ATOM 810 N N1    . DG D 4 14 ? -4.97325  -5.94554  15.13796  1.000 334.61389 ? 9  DG D N1    1 
ATOM 811 C C2    . DG D 4 14 ? -5.77164  -5.25012  16.01575  1.000 334.36249 ? 9  DG D C2    1 
ATOM 812 N N2    . DG D 4 14 ? -5.89155  -5.76111  17.25090  1.000 338.15029 ? 9  DG D N2    1 
ATOM 813 N N3    . DG D 4 14 ? -6.41115  -4.12702  15.71065  1.000 330.91532 ? 9  DG D N3    1 
ATOM 814 C C4    . DG D 4 14 ? -6.18230  -3.75137  14.42820  1.000 327.70123 ? 9  DG D C4    1 
ATOM 815 P P     . DG D 4 15 ? -5.15928  2.15015   16.22161  1.000 315.49153 ? 10 DG D P     1 
ATOM 816 O OP1   . DG D 4 15 ? -5.42821  3.45024   16.87545  1.000 315.29801 ? 10 DG D OP1   1 
ATOM 817 O OP2   . DG D 4 15 ? -4.14395  2.05532   15.14900  1.000 313.88283 ? 10 DG D OP2   1 
ATOM 818 O "O5'" . DG D 4 15 ? -4.77583  1.07484   17.34848  1.000 319.88847 ? 10 DG D "O5'" 1 
ATOM 819 C "C5'" . DG D 4 15 ? -5.52874  0.99976   18.56532  1.000 323.60848 ? 10 DG D "C5'" 1 
ATOM 820 C "C4'" . DG D 4 15 ? -5.35872  -0.36034  19.22943  1.000 327.88339 ? 10 DG D "C4'" 1 
ATOM 821 O "O4'" . DG D 4 15 ? -5.47599  -1.39201  18.22853  1.000 326.64364 ? 10 DG D "O4'" 1 
ATOM 822 C "C3'" . DG D 4 15 ? -4.00909  -0.59508  19.88993  1.000 330.48137 ? 10 DG D "C3'" 1 
ATOM 823 O "O3'" . DG D 4 15 ? -4.05510  -0.17714  21.25397  1.000 334.11126 ? 10 DG D "O3'" 1 
ATOM 824 C "C2'" . DG D 4 15 ? -3.82516  -2.11051  19.78603  1.000 333.00342 ? 10 DG D "C2'" 1 
ATOM 825 C "C1'" . DG D 4 15 ? -4.65393  -2.49369  18.56111  1.000 329.85250 ? 10 DG D "C1'" 1 
ATOM 826 N N9    . DG D 4 15 ? -3.86930  -2.86151  17.38736  1.000 327.60062 ? 10 DG D N9    1 
ATOM 827 C C8    . DG D 4 15 ? -3.80055  -2.17873  16.19520  1.000 323.75468 ? 10 DG D C8    1 
ATOM 828 N N7    . DG D 4 15 ? -3.03660  -2.74679  15.30654  1.000 323.49077 ? 10 DG D N7    1 
ATOM 829 C C5    . DG D 4 15 ? -2.56853  -3.89110  15.94717  1.000 327.41426 ? 10 DG D C5    1 
ATOM 830 C C6    . DG D 4 15 ? -1.69683  -4.90009  15.47003  1.000 329.18515 ? 10 DG D C6    1 
ATOM 831 O O6    . DG D 4 15 ? -1.15076  -4.98907  14.36381  1.000 327.55448 ? 10 DG D O6    1 
ATOM 832 N N1    . DG D 4 15 ? -1.47787  -5.88276  16.43592  1.000 333.61660 ? 10 DG D N1    1 
ATOM 833 C C2    . DG D 4 15 ? -2.02891  -5.88634  17.69340  1.000 336.04694 ? 10 DG D C2    1 
ATOM 834 N N2    . DG D 4 15 ? -1.69967  -6.91653  18.48841  1.000 340.63842 ? 10 DG D N2    1 
ATOM 835 N N3    . DG D 4 15 ? -2.84935  -4.94461  18.15214  1.000 334.38972 ? 10 DG D N3    1 
ATOM 836 C C4    . DG D 4 15 ? -3.06976  -3.97829  17.21858  1.000 330.01324 ? 10 DG D C4    1 
ATOM 837 P P     . DC D 4 16 ? -2.69432  0.15256   22.04165  1.000 356.71639 ? 11 DC D P     1 
ATOM 838 O OP1   . DC D 4 16 ? -3.05932  0.75958   23.33832  1.000 359.93919 ? 11 DC D OP1   1 
ATOM 839 O OP2   . DC D 4 16 ? -1.81019  0.88509   21.11179  1.000 352.63953 ? 11 DC D OP2   1 
ATOM 840 O "O5'" . DC D 4 16 ? -2.03058  -1.28107  22.29436  1.000 360.21442 ? 11 DC D "O5'" 1 
ATOM 841 C "C5'" . DC D 4 16 ? -2.66530  -2.22881  23.14999  1.000 364.84840 ? 11 DC D "C5'" 1 
ATOM 842 C "C4'" . DC D 4 16 ? -1.93807  -3.56329  23.10730  1.000 367.64585 ? 11 DC D "C4'" 1 
ATOM 843 O "O4'" . DC D 4 16 ? -1.71862  -3.95228  21.72520  1.000 363.88354 ? 11 DC D "O4'" 1 
ATOM 844 C "C3'" . DC D 4 16 ? -0.55999  -3.57148  23.76404  1.000 370.13494 ? 11 DC D "C3'" 1 
ATOM 845 O "O3'" . DC D 4 16 ? -0.32867  -4.82909  24.38365  1.000 375.23359 ? 11 DC D "O3'" 1 
ATOM 846 C "C2'" . DC D 4 16 ? 0.37973   -3.34965  22.58239  1.000 365.77971 ? 11 DC D "C2'" 1 
ATOM 847 C "C1'" . DC D 4 16 ? -0.33532  -4.12274  21.48647  1.000 363.67752 ? 11 DC D "C1'" 1 
ATOM 848 N N1    . DC D 4 16 ? -0.03620  -3.63245  20.11408  1.000 358.11893 ? 11 DC D N1    1 
ATOM 849 C C2    . DC D 4 16 ? 0.68964   -4.43849  19.23527  1.000 357.18412 ? 11 DC D C2    1 
ATOM 850 O O2    . DC D 4 16 ? 1.07636   -5.54621  19.62222  1.000 361.09784 ? 11 DC D O2    1 
ATOM 851 N N3    . DC D 4 16 ? 0.94648   -3.97936  17.98506  1.000 353.18084 ? 11 DC D N3    1 
ATOM 852 C C4    . DC D 4 16 ? 0.50535   -2.77589  17.61184  1.000 349.48251 ? 11 DC D C4    1 
ATOM 853 N N4    . DC D 4 16 ? 0.78200   -2.36178  16.37095  1.000 346.21317 ? 11 DC D N4    1 
ATOM 854 C C5    . DC D 4 16 ? -0.24066  -1.94366  18.49543  1.000 349.47945 ? 11 DC D C5    1 
ATOM 855 C C6    . DC D 4 16 ? -0.48199  -2.40621  19.72448  1.000 354.23764 ? 11 DC D C6    1 
# 
loop_
_atom_site_anisotrop.id 
_atom_site_anisotrop.type_symbol 
_atom_site_anisotrop.pdbx_label_atom_id 
_atom_site_anisotrop.pdbx_label_alt_id 
_atom_site_anisotrop.pdbx_label_comp_id 
_atom_site_anisotrop.pdbx_label_asym_id 
_atom_site_anisotrop.pdbx_label_seq_id 
_atom_site_anisotrop.pdbx_PDB_ins_code 
_atom_site_anisotrop.U[1][1] 
_atom_site_anisotrop.U[2][2] 
_atom_site_anisotrop.U[3][3] 
_atom_site_anisotrop.U[1][2] 
_atom_site_anisotrop.U[1][3] 
_atom_site_anisotrop.U[2][3] 
_atom_site_anisotrop.pdbx_auth_seq_id 
_atom_site_anisotrop.pdbx_auth_comp_id 
_atom_site_anisotrop.pdbx_auth_asym_id 
_atom_site_anisotrop.pdbx_auth_atom_id 
1   O "O5'" . DG A 1  ? 5.89048 3.36065 8.08810 0.57740  0.27149  1.25958  5  DG A "O5'" 
2   C "C5'" . DG A 1  ? 5.87242 3.35754 8.45941 0.53927  0.32851  1.30137  5  DG A "C5'" 
3   C "C4'" . DG A 1  ? 5.81272 3.41946 8.35355 0.52316  0.18712  1.23829  5  DG A "C4'" 
4   O "O4'" . DG A 1  ? 5.83620 3.49063 8.39582 0.51964  -0.07216 1.12603  5  DG A "O4'" 
5   C "C3'" . DG A 1  ? 5.74788 3.40936 7.79758 0.54702  0.23234  1.23572  5  DG A "C3'" 
6   O "O3'" . DG A 1  ? 5.68942 3.41330 7.83385 0.52256  0.26882  1.25703  5  DG A "O3'" 
7   C "C2'" . DG A 1  ? 5.74049 3.46829 7.51570 0.56508  0.00842  1.11977  5  DG A "C2'" 
8   C "C1'" . DG A 1  ? 5.78380 3.52205 7.95733 0.53293  -0.17756 1.05796  5  DG A "C1'" 
9   N N9    . DG A 1  ? 5.82555 3.56738 7.85013 0.54578  -0.38364 0.95260  5  DG A N9    
10  C C8    . DG A 1  ? 5.86951 3.55722 7.73382 0.57611  -0.39147 0.93301  5  DG A C8    
11  N N7    . DG A 1  ? 5.90204 3.59635 7.65562 0.58085  -0.58856 0.82950  5  DG A N7    
12  C C5    . DG A 1  ? 5.88834 3.63512 7.71297 0.55098  -0.72528 0.77697  5  DG A C5    
13  C C6    . DG A 1  ? 5.92846 3.67762 7.66118 0.53959  -0.95429 0.66414  5  DG A C6    
14  O O6    . DG A 1  ? 5.98515 3.69086 7.55364 0.55484  -1.07642 0.58487  5  DG A O6    
15  N N1    . DG A 1  ? 5.90053 3.69325 7.74184 0.50616  -1.03794 0.64666  5  DG A N1    
16  C C2    . DG A 1  ? 5.82865 3.66939 7.86558 0.48741  -0.91121 0.72794  5  DG A C2    
17  N N2    . DG A 1  ? 5.78909 3.66771 7.91619 0.45581  -1.02633 0.69558  5  DG A N2    
18  N N3    . DG A 1  ? 5.79635 3.63398 7.92160 0.49824  -0.68480 0.83342  5  DG A N3    
19  C C4    . DG A 1  ? 5.83405 3.61798 7.83540 0.52960  -0.60598 0.85182  5  DG A C4    
20  P P     . DA A 2  ? 5.89407 3.61403 7.71055 0.53573  0.46497  1.33001  6  DA A P     
21  O OP1   . DA A 2  ? 5.99230 3.61926 8.09797 0.51651  0.69322  1.43891  6  DA A OP1   
22  O OP2   . DA A 2  ? 5.81891 3.51853 7.14192 0.57711  0.47605  1.31789  6  DA A OP2   
23  O "O5'" . DA A 2  ? 5.78810 3.63567 7.55395 0.51842  0.34262  1.27430  6  DA A "O5'" 
24  C "C5'" . DA A 2  ? 5.82133 3.71080 8.02745 0.47864  0.26730  1.26239  6  DA A "C5'" 
25  C "C4'" . DA A 2  ? 5.71081 3.70867 7.79672 0.46878  0.04324  1.16320  6  DA A "C4'" 
26  O "O4'" . DA A 2  ? 5.73374 3.72917 7.77803 0.47521  -0.17122 1.06692  6  DA A "O4'" 
27  C "C3'" . DA A 2  ? 5.55696 3.61924 7.14163 0.49186  0.06625  1.14766  6  DA A "C3'" 
28  O "O3'" . DA A 2  ? 5.45193 3.59727 7.09626 0.46679  -0.00988 1.12159  6  DA A "O3'" 
29  C "C2'" . DA A 2  ? 5.52732 3.60488 6.78075 0.51925  -0.09628 1.05416  6  DA A "C2'" 
30  C "C1'" . DA A 2  ? 5.60434 3.66146 7.20572 0.49518  -0.28592 0.98930  6  DA A "C1'" 
31  N N9    . DA A 2  ? 5.66493 3.68556 7.09567 0.51905  -0.39506 0.92322  6  DA A N9    
32  C C8    . DA A 2  ? 5.71944 3.67206 7.08171 0.54658  -0.29586 0.95925  6  DA A C8    
33  N N7    . DA A 2  ? 5.76729 3.70139 6.98123 0.56451  -0.43198 0.88060  6  DA A N7    
34  C C5    . DA A 2  ? 5.75055 3.73222 6.91400 0.54675  -0.62964 0.78591  6  DA A C5    
35  C C6    . DA A 2  ? 5.78771 3.75605 6.78646 0.55162  -0.82910 0.67364  6  DA A C6    
36  N N6    . DA A 2  ? 5.84445 3.76138 6.71751 0.57827  -0.86094 0.63688  6  DA A N6    
37  N N1    . DA A 2  ? 5.76343 3.75928 6.72655 0.52692  -0.99287 0.60013  6  DA A N1    
38  C C2    . DA A 2  ? 5.69294 3.74109 6.79459 0.50040  -0.96398 0.63760  6  DA A C2    
39  N N3    . DA A 2  ? 5.64746 3.72432 6.92648 0.49442  -0.78067 0.74072  6  DA A N3    
40  C C4    . DA A 2  ? 5.68571 3.72059 6.97999 0.51845  -0.61504 0.81124  6  DA A C4    
41  P P     . DG A 3  ? 5.74015 3.96404 6.91681 0.48361  0.00308  1.10369  7  DG A P     
42  O OP1   . DG A 3  ? 5.66056 3.93767 7.03113 0.45308  0.02753  1.12946  7  DG A OP1   
43  O OP2   . DG A 3  ? 5.72305 3.89895 6.54293 0.52035  0.17673  1.16180  7  DG A OP2   
44  O "O5'" . DG A 3  ? 5.68333 3.95755 6.61470 0.49125  -0.24624 0.97653  7  DG A "O5'" 
45  C "C5'" . DG A 3  ? 5.70889 3.99352 6.90084 0.45934  -0.45932 0.90147  7  DG A "C5'" 
46  C "C4'" . DG A 3  ? 5.62305 3.93397 6.46786 0.46951  -0.65870 0.78562  7  DG A "C4'" 
47  O "O4'" . DG A 3  ? 5.69294 3.94141 6.47706 0.48912  -0.72941 0.73902  7  DG A "O4'" 
48  C "C3'" . DG A 3  ? 5.52433 3.90053 5.87533 0.49767  -0.60222 0.77332  7  DG A "C3'" 
49  O "O3'" . DG A 3  ? 5.46220 3.88404 5.66628 0.48076  -0.77035 0.68908  7  DG A "O3'" 
50  C "C2'" . DG A 3  ? 5.58595 3.92709 5.65483 0.53670  -0.59916 0.74208  7  DG A "C2'" 
51  C "C1'" . DG A 3  ? 5.66239 3.93707 5.98088 0.52053  -0.76602 0.67809  7  DG A "C1'" 
52  N N9    . DG A 3  ? 5.73790 3.95509 5.96970 0.55050  -0.74998 0.66675  7  DG A N9    
53  C C8    . DG A 3  ? 5.79433 3.97034 6.09232 0.57123  -0.58320 0.74967  7  DG A C8    
54  N N7    . DG A 3  ? 5.84904 3.97659 6.04537 0.59612  -0.62083 0.71393  7  DG A N7    
55  C C5    . DG A 3  ? 5.82992 3.96384 5.87997 0.59181  -0.81595 0.59967  7  DG A C5    
56  C C6    . DG A 3  ? 5.87430 3.96067 5.77006 0.61108  -0.92882 0.51539  7  DG A C6    
57  O O6    . DG A 3  ? 5.92828 3.96913 5.79954 0.63762  -0.88308 0.52624  7  DG A O6    
58  N N1    . DG A 3  ? 5.85389 3.93605 5.60739 0.59613  -1.10837 0.40963  7  DG A N1    
59  C C2    . DG A 3  ? 5.78373 3.90448 5.54330 0.56594  -1.18051 0.38851  7  DG A C2    
60  N N2    . DG A 3  ? 5.76666 3.85117 5.35004 0.55338  -1.35705 0.28139  7  DG A N2    
61  N N3    . DG A 3  ? 5.73236 3.91079 5.65261 0.54856  -1.08314 0.46691  7  DG A N3    
62  C C4    . DG A 3  ? 5.76410 3.94552 5.82454 0.56302  -0.89904 0.56944  7  DG A C4    
63  P P     . DC A 4  ? 5.58905 4.09053 5.33503 0.49990  -0.73559 0.66986  8  DC A P     
64  O OP1   . DC A 4  ? 5.51417 4.06605 5.37749 0.46695  -0.77538 0.67397  8  DC A OP1   
65  O OP2   . DC A 4  ? 5.53932 4.04892 5.06244 0.53671  -0.53562 0.74463  8  DC A OP2   
66  O "O5'" . DC A 4  ? 5.55281 4.03629 4.98878 0.51175  -0.91800 0.54661  8  DC A "O5'" 
67  C "C5'" . DC A 4  ? 5.57266 4.01657 5.09898 0.47933  -1.13267 0.45768  8  DC A "C5'" 
68  C "C4'" . DC A 4  ? 5.57868 3.96274 4.83143 0.49553  -1.26529 0.35218  8  DC A "C4'" 
69  O "O4'" . DC A 4  ? 5.67009 4.00662 4.99523 0.52086  -1.20468 0.37284  8  DC A "O4'" 
70  C "C3'" . DC A 4  ? 5.44365 3.87820 4.21776 0.52367  -1.24313 0.30429  8  DC A "C3'" 
71  O "O3'" . DC A 4  ? 5.42929 3.79588 4.00949 0.51219  -1.42738 0.18658  8  DC A "O3'" 
72  C "C2'" . DC A 4  ? 5.44641 3.88533 4.08712 0.56823  -1.10981 0.33903  8  DC A "C2'" 
73  C "C1'" . DC A 4  ? 5.60318 3.95084 4.54370 0.56002  -1.17144 0.33225  8  DC A "C1'" 
74  N N1    . DC A 4  ? 5.65949 3.99605 4.65328 0.59220  -1.02697 0.40076  8  DC A N1    
75  C C2    . DC A 4  ? 5.70206 3.98416 4.56528 0.61916  -1.06629 0.34734  8  DC A C2    
76  O O2    . DC A 4  ? 5.68892 3.92873 4.38764 0.61588  -1.20958 0.24391  8  DC A O2    
77  N N3    . DC A 4  ? 5.75450 4.01912 4.66667 0.64745  -0.94342 0.41042  8  DC A N3    
78  C C4    . DC A 4  ? 5.76485 4.04891 4.82881 0.64799  -0.78403 0.52154  8  DC A C4    
79  N N4    . DC A 4  ? 5.81530 4.05937 4.90054 0.67466  -0.67079 0.58071  8  DC A N4    
80  C C5    . DC A 4  ? 5.72704 4.05912 4.91963 0.62063  -0.73018 0.57684  8  DC A C5    
81  C C6    . DC A 4  ? 5.67442 4.03871 4.83878 0.59398  -0.85722 0.51387  8  DC A C6    
82  P P     . DC A 5  ? 5.74638 4.14399 3.84362 0.53422  -1.43594 0.11456  9  DC A P     
83  O OP1   . DC A 5  ? 5.75664 4.07254 3.74958 0.50123  -1.62946 0.01380  9  DC A OP1   
84  O OP2   . DC A 5  ? 5.62287 4.14135 3.59386 0.55205  -1.27303 0.19114  9  DC A OP2   
85  O "O5'" . DC A 5  ? 5.73731 4.09140 3.66294 0.57382  -1.40615 0.07684  9  DC A "O5'" 
86  C "C5'" . DC A 5  ? 5.86748 4.10100 3.90826 0.56560  -1.52685 0.01595  9  DC A "C5'" 
87  C "C4'" . DC A 5  ? 5.82571 4.02040 3.58421 0.60269  -1.51522 -0.04922 9  DC A "C4'" 
88  O "O4'" . DC A 5  ? 5.89419 4.10953 3.78155 0.63450  -1.39508 0.01720  9  DC A "O4'" 
89  C "C3'" . DC A 5  ? 5.61840 3.88104 2.98662 0.62850  -1.45295 -0.08104 9  DC A "C3'" 
90  O "O3'" . DC A 5  ? 5.59863 3.76595 2.71923 0.63849  -1.53620 -0.19168 9  DC A "O3'" 
91  C "C2'" . DC A 5  ? 5.55352 3.91084 2.91828 0.66926  -1.27237 0.01103  9  DC A "C2'" 
92  C "C1'" . DC A 5  ? 5.73831 4.02601 3.35515 0.67642  -1.27329 0.03249  9  DC A "C1'" 
93  N N1    . DC A 5  ? 5.77611 4.11801 3.55431 0.69673  -1.11708 0.14968  9  DC A N1    
94  C C2    . DC A 5  ? 5.82029 4.13282 3.59979 0.73118  -1.05719 0.16578  9  DC A C2    
95  O O2    . DC A 5  ? 5.81977 4.07371 3.47849 0.74565  -1.12958 0.08166  9  DC A O2    
96  N N3    . DC A 5  ? 5.86557 4.20110 3.77130 0.74688  -0.91911 0.27323  9  DC A N3    
97  C C4    . DC A 5  ? 5.86051 4.24156 3.88427 0.72957  -0.83238 0.36065  9  DC A C4    
98  N N4    . DC A 5  ? 5.89982 4.27393 4.01711 0.74435  -0.68921 0.46467  9  DC A N4    
99  C C5    . DC A 5  ? 5.81420 4.23646 3.85731 0.69568  -0.88603 0.34532  9  DC A C5    
100 C C6    . DC A 5  ? 5.77676 4.17972 3.69861 0.68020  -1.03336 0.23990  9  DC A C6    
101 P P     . DT A 6  ? 5.60909 3.89574 2.51200 0.64451  -1.38763 -0.22908 10 DT A P     
102 O OP1   . DT A 6  ? 5.67210 3.91296 2.55394 0.60320  -1.41962 -0.32880 10 DT A OP1   
103 O OP2   . DT A 6  ? 5.40286 3.88071 2.35174 0.62059  -1.24431 -0.16466 10 DT A OP2   
104 O "O5'" . DT A 6  ? 5.64273 3.90537 2.46931 0.70853  -1.32879 -0.20067 10 DT A "O5'" 
105 C "C5'" . DT A 6  ? 5.78930 3.91420 2.66025 0.72509  -1.41443 -0.24691 10 DT A "C5'" 
106 C "C4'" . DT A 6  ? 5.80198 3.93574 2.52013 0.77278  -1.33285 -0.26664 10 DT A "C4'" 
107 O "O4'" . DT A 6  ? 5.71992 3.92147 2.61883 0.79875  -1.21903 -0.16214 10 DT A "O4'" 
108 C "C3'" . DT A 6  ? 5.60768 3.93841 2.32658 0.73900  -1.15678 -0.27378 10 DT A "C3'" 
109 O "O3'" . DT A 6  ? 5.64857 3.95946 2.31378 0.75484  -1.11957 -0.32988 10 DT A "O3'" 
110 C "C2'" . DT A 6  ? 5.47257 3.92156 2.22086 0.76257  -1.04284 -0.16728 10 DT A "C2'" 
111 C "C1'" . DT A 6  ? 5.62449 3.92702 2.33888 0.83313  -1.10444 -0.12273 10 DT A "C1'" 
112 N N1    . DT A 6  ? 5.55282 3.92756 2.42835 0.83791  -0.99733 0.00544  10 DT A N1    
113 C C2    . DT A 6  ? 5.60710 3.98013 2.55204 0.87078  -0.91383 0.06623  10 DT A C2    
114 O O2    . DT A 6  ? 5.64044 3.97044 2.54046 0.89786  -0.92513 0.02093  10 DT A O2    
115 N N3    . DT A 6  ? 5.63394 4.04441 2.69728 0.87027  -0.81344 0.18284  10 DT A N3    
116 C C4    . DT A 6  ? 5.61326 4.06807 2.74548 0.84175  -0.78016 0.24317  10 DT A C4    
117 O O4    . DT A 6  ? 5.65033 4.11685 2.87508 0.84326  -0.67491 0.34762  10 DT A O4    
118 C C5    . DT A 6  ? 5.55538 4.02632 2.63462 0.80929  -0.87537 0.17458  10 DT A C5    
119 C C7    . DT A 6  ? 5.54001 4.06109 2.70345 0.77717  -0.85094 0.23070  10 DT A C7    
120 C C6    . DT A 6  ? 5.52821 3.95440 2.47561 0.80836  -0.98221 0.06055  10 DT A C6    
121 P P     . DG A 7  ? 5.70875 4.04035 2.37187 0.70272  -1.09623 -0.41395 11 DG A P     
122 O OP1   . DG A 7  ? 5.89935 4.04965 2.52903 0.68687  -1.24636 -0.47739 11 DG A OP1   
123 O OP2   . DG A 7  ? 5.47942 4.02561 2.23739 0.64415  -0.97271 -0.38098 11 DG A OP2   
124 O "O5'" . DG A 7  ? 5.76552 4.06410 2.36300 0.74401  -1.04877 -0.44900 11 DG A "O5'" 
125 C "C5'" . DG A 7  ? 5.81871 4.06476 2.37220 0.81390  -1.05407 -0.41269 11 DG A "C5'" 
126 C "C4'" . DG A 7  ? 5.65368 4.06095 2.24879 0.82336  -0.91366 -0.36557 11 DG A "C4'" 
127 O "O4'" . DG A 7  ? 5.62165 4.04650 2.22171 0.86768  -0.89139 -0.27474 11 DG A "O4'" 
128 C "C3'" . DG A 7  ? 5.43009 4.04039 2.13769 0.75046  -0.81030 -0.34274 11 DG A "C3'" 
129 O "O3'" . DG A 7  ? 5.43434 4.06142 2.13733 0.71635  -0.78304 -0.40910 11 DG A "O3'" 
130 C "C2'" . DG A 7  ? 5.28989 4.02098 2.05306 0.76751  -0.71504 -0.26885 11 DG A "C2'" 
131 C "C1'" . DG A 7  ? 5.40932 4.02371 2.10515 0.83593  -0.76636 -0.21474 11 DG A "C1'" 
132 N N9    . DG A 7  ? 5.32465 3.99649 2.07377 0.81660  -0.74775 -0.13502 11 DG A N9    
133 C C8    . DG A 7  ? 5.24173 3.97872 2.05267 0.75829  -0.75620 -0.13594 11 DG A C8    
134 N N7    . DG A 7  ? 5.19209 3.95914 2.03316 0.75860  -0.73174 -0.05583 11 DG A N7    
135 C C5    . DG A 7  ? 5.24735 3.96315 2.04471 0.81724  -0.69829 0.00924  11 DG A C5    
136 C C6    . DG A 7  ? 5.24523 3.94848 2.04550 0.84144  -0.64677 0.11816  11 DG A C6    
137 O O6    . DG A 7  ? 5.19355 3.92972 2.03309 0.81833  -0.62062 0.17494  11 DG A O6    
138 N N1    . DG A 7  ? 5.32427 3.95786 2.07447 0.89841  -0.61843 0.16653  11 DG A N1    
139 C C2    . DG A 7  ? 5.39438 3.98133 2.09401 0.93374  -0.64666 0.11069  11 DG A C2    
140 N N2    . DG A 7  ? 5.47051 3.98727 2.12909 0.98898  -0.61837 0.17547  11 DG A N2    
141 N N3    . DG A 7  ? 5.40103 3.99763 2.09125 0.91563  -0.69348 0.00350  11 DG A N3    
142 C C4    . DG A 7  ? 5.32599 3.98605 2.06847 0.85438  -0.71274 -0.03892 11 DG A C4    
143 P P     . DA B 1  ? 4.17204 5.52465 3.27496 0.75795  0.79975  -1.29498 1  DA B P     
144 O OP1   . DA B 1  ? 4.14045 5.67295 3.34756 0.71952  0.88019  -1.39036 1  DA B OP1   
145 O OP2   . DA B 1  ? 4.21950 5.20155 3.30995 0.70556  0.73287  -1.07895 1  DA B OP2   
146 O "O5'" . DA B 1  ? 4.29414 5.68373 3.00611 0.94206  0.68143  -1.32942 1  DA B "O5'" 
147 C "C5'" . DA B 1  ? 4.44961 5.53753 2.83647 1.02935  0.54050  -1.17141 1  DA B "C5'" 
148 C "C4'" . DA B 1  ? 4.53407 5.52286 2.69741 1.12987  0.45630  -1.13504 1  DA B "C4'" 
149 O "O4'" . DA B 1  ? 4.69911 5.34928 2.55811 1.19645  0.32091  -0.96736 1  DA B "O4'" 
150 C "C3'" . DA B 1  ? 4.44971 5.37551 2.83235 1.03864  0.49957  -1.09177 1  DA B "C3'" 
151 O "O3'" . DA B 1  ? 4.48958 5.50599 2.72222 1.14215  0.47361  -1.15286 1  DA B "O3'" 
152 C "C2'" . DA B 1  ? 4.52543 5.05849 2.85106 0.98533  0.41675  -0.87403 1  DA B "C2'" 
153 C "C1'" . DA B 1  ? 4.70436 5.07966 2.63851 1.11693  0.29052  -0.81383 1  DA B "C1'" 
154 N N9    . DA B 1  ? 4.76448 4.86198 2.66433 1.06469  0.23067  -0.65602 1  DA B N9    
155 C C8    . DA B 1  ? 4.68174 4.76834 2.83267 0.94590  0.29536  -0.61913 1  DA B C8    
156 N N7    . DA B 1  ? 4.81378 4.63247 2.86037 0.93233  0.21630  -0.46812 1  DA B N7    
157 C C5    . DA B 1  ? 4.92143 4.55522 2.63055 1.04179  0.09093  -0.40473 1  DA B C5    
158 C C6    . DA B 1  ? 5.07747 4.40164 2.53665 1.08111  -0.03574 -0.25733 1  DA B C6    
159 N N6    . DA B 1  ? 5.09092 4.24879 2.60770 1.01686  -0.06109 -0.14276 1  DA B N6    
160 N N1    . DA B 1  ? 5.22930 4.41973 2.37350 1.19147  -0.13296 -0.23371 1  DA B N1    
161 C C2    . DA B 1  ? 5.22469 4.58517 2.30314 1.26607  -0.10474 -0.34462 1  DA B C2    
162 N N3    . DA B 1  ? 5.07943 4.74899 2.37196 1.24500  0.00623  -0.48863 1  DA B N3    
163 C C4    . DA B 1  ? 4.92954 4.72248 2.53915 1.12620  0.10047  -0.51470 1  DA B C4    
164 P P     . DG B 2  ? 4.42526 5.38802 2.82609 1.07884  0.50575  -1.11276 2  DG B P     
165 O OP1   . DG B 2  ? 4.39323 5.66040 2.77150 1.16758  0.54925  -1.27983 2  DG B OP1   
166 O OP2   . DG B 2  ? 4.29212 5.20293 3.05668 0.90541  0.58844  -1.06271 2  DG B OP2   
167 O "O5'" . DG B 2  ? 4.59361 5.18095 2.70367 1.13579  0.37497  -0.92417 2  DG B "O5'" 
168 C "C5'" . DG B 2  ? 4.76109 5.30542 2.48789 1.30309  0.28482  -0.93083 2  DG B "C5'" 
169 C "C4'" . DG B 2  ? 4.93408 5.07783 2.40120 1.32717  0.16193  -0.74025 2  DG B "C4'" 
170 O "O4'" . DG B 2  ? 4.91956 4.90374 2.46989 1.23692  0.14096  -0.64578 2  DG B "O4'" 
171 C "C3'" . DG B 2  ? 4.96349 4.87780 2.46306 1.27181  0.13842  -0.61316 2  DG B "C3'" 
172 O "O3'" . DG B 2  ? 5.16949 4.88120 2.29813 1.39756  0.04132  -0.54628 2  DG B "O3'" 
173 C "C2'" . DG B 2  ? 4.92972 4.60188 2.59306 1.13131  0.11798  -0.46505 2  DG B "C2'" 
174 C "C1'" . DG B 2  ? 4.99857 4.64164 2.50078 1.18136  0.06880  -0.46720 2  DG B "C1'" 
175 N N9    . DG B 2  ? 4.94121 4.46046 2.62379 1.06326  0.07325  -0.37468 2  DG B N9    
176 C C8    . DG B 2  ? 4.77526 4.45781 2.79198 0.95174  0.17694  -0.42420 2  DG B C8    
177 N N7    . DG B 2  ? 4.77882 4.28318 2.87044 0.87458  0.15462  -0.30860 2  DG B N7    
178 C C5    . DG B 2  ? 4.95114 4.16704 2.74538 0.93507  0.02400  -0.18164 2  DG B C5    
179 C C6    . DG B 2  ? 5.03506 3.97977 2.75695 0.89968  -0.05781 -0.03076 2  DG B C6    
180 O O6    . DG B 2  ? 4.97274 3.87762 2.87833 0.81280  -0.03015 0.02902  2  DG B O6    
181 N N1    . DG B 2  ? 5.22067 3.92292 2.61387 0.98095  -0.18112 0.05217  2  DG B N1    
182 C C2    . DG B 2  ? 5.32209 4.02873 2.47867 1.08722  -0.21549 0.00345  2  DG B C2    
183 N N2    . DG B 2  ? 5.51807 3.95071 2.36616 1.15177  -0.33065 0.09855  2  DG B N2    
184 N N3    . DG B 2  ? 5.24651 4.20756 2.46134 1.13005  -0.13968 -0.13069 2  DG B N3    
185 C C4    . DG B 2  ? 5.05646 4.26910 2.59793 1.04761  -0.02431 -0.22033 2  DG B C4    
186 P P     . DG B 3  ? 5.40146 4.94058 2.48208 1.39196  0.02443  -0.45722 3  DG B P     
187 O OP1   . DG B 3  ? 5.53537 5.15710 2.32001 1.56373  0.00562  -0.53048 3  DG B OP1   
188 O OP2   . DG B 3  ? 5.20845 4.85891 2.67819 1.24850  0.11651  -0.46616 3  DG B OP2   
189 O "O5'" . DG B 3  ? 5.56007 4.67930 2.46722 1.35434  -0.08462 -0.26423 3  DG B "O5'" 
190 C "C5'" . DG B 3  ? 5.76830 4.69995 2.30002 1.47235  -0.18527 -0.22261 3  DG B "C5'" 
191 C "C4'" . DG B 3  ? 5.87807 4.44139 2.33434 1.39790  -0.27535 -0.04993 3  DG B "C4'" 
192 O "O4'" . DG B 3  ? 5.74320 4.33207 2.44403 1.28239  -0.25885 -0.02432 3  DG B "O4'" 
193 C "C3'" . DG B 3  ? 5.90521 4.26066 2.43982 1.30728  -0.28325 0.06816  3  DG B "C3'" 
194 O "O3'" . DG B 3  ? 6.12836 4.13185 2.37569 1.33439  -0.39016 0.19420  3  DG B "O3'" 
195 C "C2'" . DG B 3  ? 5.70681 4.10576 2.63045 1.13661  -0.23373 0.10977  3  DG B "C2'" 
196 C "C1'" . DG B 3  ? 5.70119 4.10352 2.59355 1.14307  -0.26660 0.10306  3  DG B "C1'" 
197 N N9    . DG B 3  ? 5.54875 4.10255 2.79875 1.02256  -0.19132 0.08400  3  DG B N9    
198 C C8    . DG B 3  ? 5.44530 4.30878 2.96917 0.98730  -0.07539 -0.04103 3  DG B C8    
199 N N7    . DG B 3  ? 5.39498 4.30703 3.20032 0.87513  -0.02282 -0.02317 3  DG B N7    
200 C C5    . DG B 3  ? 5.45529 4.08520 3.16551 0.83991  -0.11340 0.12366  3  DG B C5    
201 C C6    . DG B 3  ? 5.43578 3.98220 3.33440 0.73829  -0.10897 0.20929  3  DG B C6    
202 O O6    . DG B 3  ? 5.37124 4.06432 3.56409 0.65552  -0.01647 0.17623  3  DG B O6    
203 N N1    . DG B 3  ? 5.50714 3.76429 3.21407 0.74135  -0.22409 0.34536  3  DG B N1    
204 C C2    . DG B 3  ? 5.59832 3.65723 2.97489 0.82455  -0.32649 0.39050  3  DG B C2    
205 N N2    . DG B 3  ? 5.67723 3.46895 2.91409 0.80768  -0.42875 0.51585  3  DG B N2    
206 N N3    . DG B 3  ? 5.62964 3.74563 2.82170 0.92037  -0.32612 0.31697  3  DG B N3    
207 C C4    . DG B 3  ? 5.54880 3.95997 2.92266 0.92557  -0.21864 0.18618  3  DG B C4    
208 P P     . DA B 4  ? 6.36769 4.12108 2.54703 1.29398  -0.41481 0.30680  4  DA B P     
209 O OP1   . DA B 4  ? 6.61823 4.21906 2.38949 1.44709  -0.46812 0.30818  4  DA B OP1   
210 O OP2   . DA B 4  ? 6.26054 4.20450 2.75922 1.20840  -0.31783 0.27445  4  DA B OP2   
211 O "O5'" . DA B 4  ? 6.41449 3.87890 2.64072 1.17084  -0.49143 0.45414  4  DA B "O5'" 
212 C "C5'" . DA B 4  ? 6.57505 3.83785 2.54665 1.22123  -0.58941 0.50085  4  DA B "C5'" 
213 C "C4'" . DA B 4  ? 6.56377 3.62757 2.66767 1.08632  -0.64455 0.62415  4  DA B "C4'" 
214 O "O4'" . DA B 4  ? 6.33925 3.60782 2.76893 1.00117  -0.58958 0.59547  4  DA B "O4'" 
215 C "C3'" . DA B 4  ? 6.58216 3.48071 2.80464 0.97135  -0.64610 0.72727  4  DA B "C3'" 
216 O "O3'" . DA B 4  ? 6.66854 3.36381 2.87418 0.89578  -0.72189 0.80664  4  DA B "O3'" 
217 C "C2'" . DA B 4  ? 6.32309 3.43555 2.97332 0.84483  -0.56188 0.71650  4  DA B "C2'" 
218 C "C1'" . DA B 4  ? 6.27032 3.49460 2.98629 0.85378  -0.56632 0.67865  4  DA B "C1'" 
219 N N9    . DA B 4  ? 6.12901 3.63467 3.19740 0.78925  -0.46099 0.60979  4  DA B N9    
220 C C8    . DA B 4  ? 6.06832 3.84744 3.25830 0.82374  -0.36280 0.48715  4  DA B C8    
221 N N7    . DA B 4  ? 5.95362 3.93481 3.47315 0.74255  -0.27652 0.44459  4  DA B N7    
222 C C5    . DA B 4  ? 5.93561 3.76451 3.54999 0.65602  -0.32053 0.55304  4  DA B C5    
223 C C6    . DA B 4  ? 5.84087 3.74898 3.76122 0.55464  -0.26703 0.57722  4  DA B C6    
224 N N6    . DA B 4  ? 5.75082 3.91027 3.95298 0.51357  -0.14980 0.48656  4  DA B N6    
225 N N1    . DA B 4  ? 5.84759 3.56430 3.76972 0.49974  -0.33612 0.69672  4  DA B N1    
226 C C2    . DA B 4  ? 5.94495 3.41165 3.58850 0.53591  -0.45237 0.77830  4  DA B C2    
227 N N3    . DA B 4  ? 6.04981 3.40423 3.39320 0.62283  -0.50937 0.76450  4  DA B N3    
228 C C4    . DA B 4  ? 6.03811 3.58419 3.38000 0.68361  -0.43699 0.65239  4  DA B C4    
229 P P     . DC B 5  ? 6.94845 3.49962 3.25846 0.77823  -0.73015 0.88754  5  DC B P     
230 O OP1   . DC B 5  ? 6.96169 3.42526 3.17796 0.77127  -0.77712 0.87024  5  DC B OP1   
231 O OP2   . DC B 5  ? 7.00750 3.55702 3.27254 0.81162  -0.67415 0.89384  5  DC B OP2   
232 O "O5'" . DC B 5  ? 6.84944 3.39113 3.44758 0.63595  -0.73909 0.97532  5  DC B "O5'" 
233 C "C5'" . DC B 5  ? 6.77902 3.34304 3.46167 0.59591  -0.78401 0.98446  5  DC B "C5'" 
234 C "C4'" . DC B 5  ? 6.67379 3.26113 3.64798 0.47490  -0.77354 1.06374  5  DC B "C4'" 
235 O "O4'" . DC B 5  ? 6.66782 3.34002 3.72603 0.49813  -0.71934 1.05251  5  DC B "O4'" 
236 C "C3'" . DC B 5  ? 6.61471 3.16106 3.77069 0.36358  -0.75335 1.13018  5  DC B "C3'" 
237 O "O3'" . DC B 5  ? 6.51931 3.07638 3.85565 0.26650  -0.78620 1.17857  5  DC B "O3'" 
238 C "C2'" . DC B 5  ? 6.59293 3.17682 3.90302 0.33621  -0.68783 1.15592  5  DC B "C2'" 
239 C "C1'" . DC B 5  ? 6.53775 3.29789 3.92776 0.37933  -0.65760 1.09071  5  DC B "C1'" 
240 N N1    . DC B 5  ? 6.43713 3.48487 4.04040 0.39282  -0.53741 0.98575  5  DC B N1    
241 C C2    . DC B 5  ? 6.30515 3.52829 4.23025 0.32355  -0.46568 0.97383  5  DC B C2    
242 O O2    . DC B 5  ? 6.26590 3.40557 4.28926 0.25948  -0.50393 1.05704  5  DC B O2    
243 N N3    . DC B 5  ? 6.22841 3.70783 4.34476 0.33162  -0.35369 0.86882  5  DC B N3    
244 C C4    . DC B 5  ? 6.26844 3.84644 4.26642 0.40925  -0.31828 0.77754  5  DC B C4    
245 N N4    . DC B 5  ? 6.19002 4.03434 4.38868 0.41276  -0.20900 0.66640  5  DC B N4    
246 C C5    . DC B 5  ? 6.39644 3.80251 4.06066 0.48988  -0.39067 0.79446  5  DC B C5    
247 C C6    . DC B 5  ? 6.48141 3.61797 3.95867 0.47633  -0.49602 0.89952  5  DC B C6    
248 P P     . DA B 6  ? 6.19336 2.74850 3.76143 0.14432  -0.76647 1.24608  6  DA B P     
249 O OP1   . DA B 6  ? 6.25803 2.77285 3.81777 0.10372  -0.82042 1.25745  6  DA B OP1   
250 O OP2   . DA B 6  ? 6.23850 2.74945 3.75905 0.14831  -0.72380 1.24794  6  DA B OP2   
251 O "O5'" . DA B 6  ? 6.01416 2.67386 3.87218 0.07772  -0.72692 1.29066  6  DA B "O5'" 
252 C "C5'" . DA B 6  ? 5.95581 2.67150 3.86596 0.09057  -0.74703 1.29179  6  DA B "C5'" 
253 C "C4'" . DA B 6  ? 5.80034 2.60905 4.02158 0.00720  -0.70302 1.34632  6  DA B "C4'" 
254 O "O4'" . DA B 6  ? 5.72229 2.55893 4.02819 0.01134  -0.64355 1.34346  6  DA B "O4'" 
255 C "C3'" . DA B 6  ? 5.75458 2.58774 4.16884 -0.08607 -0.67940 1.38877  6  DA B "C3'" 
256 O "O3'" . DA B 6  ? 5.65887 2.57390 4.28874 -0.13935 -0.66805 1.42680  6  DA B "O3'" 
257 C "C2'" . DA B 6  ? 5.69401 2.54244 4.20300 -0.10960 -0.61315 1.39182  6  DA B "C2'" 
258 C "C1'" . DA B 6  ? 5.65044 2.51376 4.14363 -0.06280 -0.58906 1.37033  6  DA B "C1'" 
259 N N9    . DA B 6  ? 5.68652 2.62085 4.11421 -0.00819 -0.52750 1.28900  6  DA B N9    
260 C C8    . DA B 6  ? 5.81763 2.67316 3.98773 0.05936  -0.54920 1.25114  6  DA B C8    
261 N N7    . DA B 6  ? 5.80275 2.83956 4.01148 0.11153  -0.46263 1.15093  6  DA B N7    
262 C C5    . DA B 6  ? 5.66085 2.90300 4.17910 0.06687  -0.37705 1.11693  6  DA B C5    
263 C C6    . DA B 6  ? 5.58641 3.08146 4.29524 0.08202  -0.26230 1.00981  6  DA B C6    
264 N N6    . DA B 6  ? 5.63532 3.24114 4.24516 0.15527  -0.21775 0.91240  6  DA B N6    
265 N N1    . DA B 6  ? 5.45675 3.08734 4.46031 0.02126  -0.19262 1.00433  6  DA B N1    
266 C C2    . DA B 6  ? 5.38977 2.91492 4.48309 -0.04046 -0.23636 1.10483  6  DA B C2    
267 N N3    . DA B 6  ? 5.44434 2.75310 4.38112 -0.05630 -0.34693 1.20802  6  DA B N3    
268 C C4    . DA B 6  ? 5.58658 2.75984 4.23808 -0.00446 -0.41337 1.20547  6  DA B C4    
269 P P     . DC B 7  ? 5.60420 2.56722 4.44768 -0.23216 -0.64114 1.46518  7  DC B P     
270 O OP1   . DC B 7  ? 5.59955 2.59544 4.50888 -0.25152 -0.67663 1.48841  7  DC B OP1   
271 O OP2   . DC B 7  ? 5.69784 2.58640 4.43954 -0.25096 -0.65381 1.45842  7  DC B OP2   
272 O "O5'" . DC B 7  ? 5.45358 2.51240 4.54040 -0.27115 -0.55139 1.47852  7  DC B "O5'" 
273 C "C5'" . DC B 7  ? 5.36690 2.48460 4.55338 -0.25180 -0.51639 1.48079  7  DC B "C5'" 
274 C "C4'" . DC B 7  ? 5.24093 2.43652 4.64727 -0.29448 -0.42910 1.48186  7  DC B "C4'" 
275 O "O4'" . DC B 7  ? 5.28294 2.41637 4.56191 -0.26475 -0.42828 1.45556  7  DC B "O4'" 
276 C "C3'" . DC B 7  ? 5.16558 2.43940 4.78194 -0.37230 -0.38193 1.49729  7  DC B "C3'" 
277 O "O3'" . DC B 7  ? 5.03123 2.42646 4.90731 -0.40840 -0.31029 1.50493  7  DC B "O3'" 
278 C "C2'" . DC B 7  ? 5.17311 2.42172 4.76173 -0.38124 -0.35776 1.48264  7  DC B "C2'" 
279 C "C1'" . DC B 7  ? 5.18188 2.40192 4.66900 -0.32194 -0.35606 1.45357  7  DC B "C1'" 
280 N N1    . DC B 7  ? 5.22077 2.47182 4.54800 -0.26381 -0.32881 1.36755  7  DC B N1    
281 C C2    . DC B 7  ? 5.08092 2.54346 4.55222 -0.23761 -0.21606 1.26281  7  DC B C2    
282 O O2    . DC B 7  ? 4.93385 2.53708 4.66343 -0.27033 -0.13866 1.24457  7  DC B O2    
283 N N3    . DC B 7  ? 5.12017 2.62644 4.44110 -0.17470 -0.19286 1.18304  7  DC B N3    
284 C C4    . DC B 7  ? 5.29958 2.63038 4.33201 -0.13677 -0.27270 1.21195  7  DC B C4    
285 N N4    . DC B 7  ? 5.34436 2.72390 4.22608 -0.06379 -0.24307 1.13571  7  DC B N4    
286 C C5    . DC B 7  ? 5.45132 2.54808 4.33374 -0.16971 -0.38420 1.31802  7  DC B C5    
287 C C6    . DC B 7  ? 5.40113 2.47526 4.44144 -0.23364 -0.41073 1.38914  7  DC B C6    
288 P P     . DA B 8  ? 5.09977 2.60406 5.20418 -0.48023 -0.26663 1.51721  8  DA B P     
289 O OP1   . DA B 8  ? 5.08415 2.63275 5.26333 -0.48108 -0.27732 1.54115  8  DA B OP1   
290 O OP2   . DA B 8  ? 5.16990 2.62653 5.19148 -0.50856 -0.30083 1.52170  8  DA B OP2   
291 O "O5'" . DA B 8  ? 4.95299 2.57782 5.30133 -0.50777 -0.16179 1.49371  8  DA B "O5'" 
292 C "C5'" . DA B 8  ? 4.87785 2.55462 5.33555 -0.48540 -0.10317 1.48041  8  DA B "C5'" 
293 C "C4'" . DA B 8  ? 4.74583 2.53698 5.43446 -0.50816 0.00717  1.44475  8  DA B "C4'" 
294 O "O4'" . DA B 8  ? 4.78670 2.55649 5.31542 -0.46907 -0.00096 1.39104  8  DA B "O4'" 
295 C "C3'" . DA B 8  ? 4.65342 2.56787 5.55202 -0.56441 0.06410  1.43222  8  DA B "C3'" 
296 O "O3'" . DA B 8  ? 4.51424 2.57107 5.68053 -0.57855 0.18710  1.38888  8  DA B "O3'" 
297 C "C2'" . DA B 8  ? 4.69470 2.56215 5.50246 -0.57254 0.04260  1.43167  8  DA B "C2'" 
298 C "C1'" . DA B 8  ? 4.72678 2.58112 5.36825 -0.50221 0.04974  1.36317  8  DA B "C1'" 
299 N N9    . DA B 8  ? 4.84703 2.61313 5.21943 -0.46436 -0.01444 1.34392  8  DA B N9    
300 C C8    . DA B 8  ? 5.00841 2.57707 5.14656 -0.46491 -0.13127 1.42020  8  DA B C8    
301 N N7    . DA B 8  ? 5.10856 2.62009 5.02338 -0.42189 -0.15778 1.38378  8  DA B N7    
302 C C5    . DA B 8  ? 4.99810 2.69807 5.00718 -0.38594 -0.05534 1.27472  8  DA B C5    
303 C C6    . DA B 8  ? 5.03069 2.78709 4.89794 -0.32308 -0.02578 1.19137  8  DA B C6    
304 N N6    . DA B 8  ? 5.20097 2.80212 4.78201 -0.28313 -0.09602 1.21399  8  DA B N6    
305 N N1    . DA B 8  ? 4.91267 2.89022 4.94000 -0.29970 0.08159  1.08218  8  DA B N1    
306 C C2    . DA B 8  ? 4.74475 2.85931 5.05515 -0.34283 0.15811  1.05906  8  DA B C2    
307 N N3    . DA B 8  ? 4.70188 2.76578 5.16217 -0.40030 0.14544  1.13676  8  DA B N3    
308 C C4    . DA B 8  ? 4.83471 2.69458 5.12986 -0.41615 0.03365  1.24428  8  DA B C4    
309 P P     . DG B 9  ? 4.48863 2.69668 5.89781 -0.62253 0.25175  1.37287  9  DG B P     
310 O OP1   . DG B 9  ? 4.43408 2.71227 5.98824 -0.61320 0.31426  1.36104  9  DG B OP1   
311 O OP2   . DG B 9  ? 4.55451 2.72683 5.87190 -0.64605 0.16734  1.41624  9  DG B OP2   
312 O "O5'" . DG B 9  ? 4.38628 2.69715 5.96587 -0.64150 0.35425  1.31321  9  DG B "O5'" 
313 C "C5'" . DG B 9  ? 4.32997 2.69459 5.97210 -0.61715 0.44619  1.23677  9  DG B "C5'" 
314 C "C4'" . DG B 9  ? 4.27218 2.77313 5.93548 -0.60693 0.50282  1.13129  9  DG B "C4'" 
315 O "O4'" . DG B 9  ? 4.38180 2.80236 5.75077 -0.56216 0.41250  1.12415  9  DG B "O4'" 
316 C "C3'" . DG B 9  ? 4.19695 2.76838 6.08152 -0.66489 0.54735  1.16213  9  DG B "C3'" 
317 O "O3'" . DG B 9  ? 4.08814 2.84809 6.12726 -0.65830 0.66189  1.03623  9  DG B "O3'" 
318 C "C2'" . DG B 9  ? 4.29663 2.76666 5.97998 -0.66537 0.44785  1.21943  9  DG B "C2'" 
319 C "C1'" . DG B 9  ? 4.37493 2.82200 5.77612 -0.58824 0.41219  1.13836  9  DG B "C1'" 
320 N N9    . DG B 9  ? 4.52588 2.80460 5.64634 -0.57098 0.29636  1.20307  9  DG B N9    
321 C C8    . DG B 9  ? 4.63441 2.72808 5.64116 -0.59792 0.19070  1.32058  9  DG B C8    
322 N N7    . DG B 9  ? 4.77343 2.73316 5.52434 -0.57843 0.10725  1.34892  9  DG B N7    
323 C C5    . DG B 9  ? 4.75733 2.81960 5.44182 -0.52798 0.16132  1.25024  9  DG B C5    
324 C C6    . DG B 9  ? 4.88405 2.86879 5.30855 -0.48014 0.12044  1.23413  9  DG B C6    
325 O O6    . DG B 9  ? 5.04531 2.83565 5.24213 -0.48076 0.02727  1.30564  9  DG B O6    
326 N N1    . DG B 9  ? 4.87782 3.03267 5.31913 -0.42550 0.20273  1.12055  9  DG B N1    
327 C C2    . DG B 9  ? 4.73886 3.11454 5.42579 -0.42570 0.31028  1.02555  9  DG B C2    
328 N N2    . DG B 9  ? 4.77291 3.30672 5.43919 -0.36728 0.37592  0.91368  9  DG B N2    
329 N N3    . DG B 9  ? 4.58447 3.01998 5.51780 -0.47739 0.35352  1.03786  9  DG B N3    
330 C C4    . DG B 9  ? 4.60025 2.87024 5.51305 -0.52254 0.27532  1.15547  9  DG B C4    
331 P P     . DC B 10 ? 4.25651 3.13512 6.60367 -0.71513 0.75131  1.03893  10 DC B P     
332 O OP1   . DC B 10 ? 4.15814 3.14225 6.73129 -0.72539 0.86787  0.96812  10 DC B OP1   
333 O OP2   . DC B 10 ? 4.22717 3.03970 6.51488 -0.73466 0.65262  1.14018  10 DC B OP2   
334 O "O5'" . DC B 10 ? 4.28801 3.29970 6.58947 -0.68820 0.78256  0.93713  10 DC B "O5'" 
335 C "C5'" . DC B 10 ? 4.37242 3.50149 6.57874 -0.62830 0.82677  0.79218  10 DC B "C5'" 
336 C "C4'" . DC B 10 ? 4.45028 3.65566 6.52822 -0.58772 0.81623  0.73484  10 DC B "C4'" 
337 O "O4'" . DC B 10 ? 4.60987 3.64306 6.38204 -0.55507 0.69629  0.81285  10 DC B "O4'" 
338 C "C3'" . DC B 10 ? 4.32824 3.61441 6.59311 -0.63101 0.85893  0.75805  10 DC B "C3'" 
339 O "O3'" . DC B 10 ? 4.34460 3.81962 6.62436 -0.58715 0.92699  0.62573  10 DC B "O3'" 
340 C "C2'" . DC B 10 ? 4.40593 3.51695 6.49380 -0.64681 0.74882  0.89303  10 DC B "C2'" 
341 C "C1'" . DC B 10 ? 4.60543 3.61014 6.36092 -0.57701 0.66953  0.87504  10 DC B "C1'" 
342 N N1    . DC B 10 ? 4.70051 3.47469 6.25597 -0.59589 0.54857  1.01101  10 DC B N1    
343 C C2    . DC B 10 ? 4.86863 3.54044 6.14812 -0.55508 0.48093  1.03143  10 DC B C2    
344 O O2    . DC B 10 ? 4.93439 3.71466 6.13516 -0.49556 0.52197  0.94119  10 DC B O2    
345 N N3    . DC B 10 ? 4.96200 3.41700 6.06580 -0.58010 0.37455  1.14827  10 DC B N3    
346 C C4    . DC B 10 ? 4.88924 3.25070 6.08560 -0.63822 0.33128  1.23862  10 DC B C4    
347 N N4    . DC B 10 ? 4.98984 3.14940 6.01130 -0.66353 0.22486  1.34280  10 DC B N4    
348 C C5    . DC B 10 ? 4.71908 3.18801 6.18861 -0.67055 0.39802  1.22496  10 DC B C5    
349 C C6    . DC B 10 ? 4.63288 3.29615 6.27130 -0.64988 0.50727  1.11196  10 DC B C6    
350 P P     . DT B 11 ? 4.31125 3.90729 6.76552 -0.61454 0.98113  0.62223  11 DT B P     
351 O OP1   . DT B 11 ? 4.26356 4.09774 6.85099 -0.58215 1.08962  0.45387  11 DT B OP1   
352 O OP2   . DT B 11 ? 4.16461 3.68623 6.82321 -0.69519 0.97893  0.74389  11 DT B OP2   
353 O "O5'" . DT B 11 ? 4.47094 3.97898 6.65029 -0.57362 0.89813  0.67532  11 DT B "O5'" 
354 C "C5'" . DT B 11 ? 4.65037 4.18106 6.56566 -0.48293 0.87416  0.59262  11 DT B "C5'" 
355 C "C4'" . DT B 11 ? 4.77807 4.22792 6.47527 -0.45005 0.81853  0.65136  11 DT B "C4'" 
356 O "O4'" . DT B 11 ? 4.87012 4.06264 6.37189 -0.47549 0.70847  0.79032  11 DT B "O4'" 
357 C "C3'" . DT B 11 ? 4.67619 4.20462 6.54589 -0.49367 0.86248  0.68735  11 DT B "C3'" 
358 O "O3'" . DT B 11 ? 4.80929 4.37709 6.49045 -0.42329 0.86185  0.65622  11 DT B "O3'" 
359 C "C2'" . DT B 11 ? 4.64481 3.96762 6.52327 -0.57722 0.78699  0.85489  11 DT B "C2'" 
360 C "C1'" . DT B 11 ? 4.83665 3.95405 6.38752 -0.53617 0.68628  0.90078  11 DT B "C1'" 
361 N N1    . DT B 11 ? 4.82971 3.73926 6.35831 -0.60617 0.60014  1.03652  11 DT B N1    
362 C C2    . DT B 11 ? 4.99251 3.69173 6.25906 -0.60543 0.50564  1.12758  11 DT B C2    
363 O O2    . DT B 11 ? 5.14562 3.80477 6.18925 -0.54777 0.49229  1.11030  11 DT B O2    
364 N N3    . DT B 11 ? 4.97734 3.51201 6.24868 -0.67236 0.42934  1.23913  11 DT B N3    
365 C C4    . DT B 11 ? 4.82023 3.38136 6.31967 -0.72935 0.43800  1.27389  11 DT B C4    
366 O O4    . DT B 11 ? 4.82492 3.24272 6.30475 -0.77963 0.36307  1.37405  11 DT B O4    
367 C C5    . DT B 11 ? 4.65915 3.42777 6.41833 -0.72275 0.54389  1.18193  11 DT B C5    
368 C C7    . DT B 11 ? 4.49604 3.29335 6.50498 -0.77445 0.57062  1.21595  11 DT B C7    
369 C C6    . DT B 11 ? 4.67063 3.60106 6.43543 -0.66658 0.61886  1.06562  11 DT B C6    
370 P P     . DA B 12 ? 4.71106 4.49742 6.56138 -0.41189 0.95218  0.59011  12 DA B P     
371 O OP1   . DA B 12 ? 4.72757 4.74394 6.60569 -0.33384 1.02495  0.41376  12 DA B OP1   
372 O OP2   . DA B 12 ? 4.52072 4.32563 6.66631 -0.51228 0.98347  0.66167  12 DA B OP2   
373 O "O5'" . DA B 12 ? 4.89161 4.56933 6.47702 -0.36760 0.90575  0.66168  12 DA B "O5'" 
374 C "C5'" . DA B 12 ? 5.08454 4.62577 6.32147 -0.28531 0.84034  0.66477  12 DA B "C5'" 
375 C "C4'" . DA B 12 ? 5.20306 4.51401 6.23257 -0.30571 0.77255  0.80683  12 DA B "C4'" 
376 O "O4'" . DA B 12 ? 5.18894 4.27776 6.20632 -0.39104 0.69128  0.92500  12 DA B "O4'" 
377 C "C3'" . DA B 12 ? 5.13787 4.50654 6.30904 -0.35414 0.81635  0.86317  12 DA B "C3'" 
378 O "O3'" . DA B 12 ? 5.33181 4.57572 6.23125 -0.30447 0.79162  0.91995  12 DA B "O3'" 
379 C "C2'" . DA B 12 ? 5.00702 4.25661 6.36416 -0.48412 0.77814  0.98440  12 DA B "C2'" 
380 C "C1'" . DA B 12 ? 5.12871 4.14206 6.26264 -0.48610 0.68059  1.04282  12 DA B "C1'" 
381 N N9    . DA B 12 ? 4.99921 3.93663 6.30709 -0.58240 0.64184  1.11429  12 DA B N9    
382 C C8    . DA B 12 ? 4.79954 3.87867 6.39670 -0.62124 0.69103  1.07170  12 DA B C8    
383 N N7    . DA B 12 ? 4.72728 3.69262 6.41441 -0.69721 0.64026  1.16058  12 DA B N7    
384 C C5    . DA B 12 ? 4.88870 3.62999 6.33630 -0.71568 0.54843  1.26221  12 DA B C5    
385 C C6    . DA B 12 ? 4.91396 3.46451 6.31914 -0.78671 0.45942  1.37790  12 DA B C6    
386 N N6    . DA B 12 ? 4.76900 3.33102 6.37553 -0.84529 0.44781  1.41756  12 DA B N6    
387 N N1    . DA B 12 ? 5.10356 3.45005 6.24680 -0.79222 0.38487  1.44968  12 DA B N1    
388 C C2    . DA B 12 ? 5.25834 3.58315 6.18935 -0.72476 0.40256  1.41551  12 DA B C2    
389 N N3    . DA B 12 ? 5.25166 3.74988 6.19088 -0.64528 0.48217  1.31387  12 DA B N3    
390 C C4    . DA B 12 ? 5.05947 3.76984 6.26995 -0.64772 0.55095  1.23656  12 DA B C4    
391 P P     . DC B 13 ? 5.61383 4.96930 6.58374 -0.30129 0.85758  0.93735  13 DC B P     
392 O OP1   . DC B 13 ? 5.87349 5.08010 6.49988 -0.22228 0.83350  0.98058  13 DC B OP1   
393 O OP2   . DC B 13 ? 5.42775 5.09129 6.63685 -0.26510 0.95000  0.80090  13 DC B OP2   
394 O "O5'" . DC B 13 ? 5.48765 4.75320 6.66925 -0.44589 0.83853  1.06946  13 DC B "O5'" 
395 C "C5'" . DC B 13 ? 5.62714 4.70078 6.66754 -0.49256 0.80213  1.19847  13 DC B "C5'" 
396 C "C4'" . DC B 13 ? 5.76999 4.55314 6.56146 -0.51444 0.70199  1.28076  13 DC B "C4'" 
397 O "O4'" . DC B 13 ? 5.64205 4.40755 6.58283 -0.57397 0.65847  1.28108  13 DC B "O4'" 
398 C "C3'" . DC B 13 ? 5.86062 4.42893 6.57169 -0.60628 0.65796  1.42450  13 DC B "C3'" 
399 O "O3'" . DC B 13 ? 6.07445 4.37567 6.44499 -0.57464 0.58526  1.47165  13 DC B "O3'" 
400 C "C2'" . DC B 13 ? 5.68117 4.25777 6.66582 -0.73037 0.62550  1.48022  13 DC B "C2'" 
401 C "C1'" . DC B 13 ? 5.64357 4.22465 6.60812 -0.68667 0.59200  1.40977  13 DC B "C1'" 
402 N N1    . DC B 13 ? 5.42989 4.09490 6.69014 -0.76472 0.58691  1.41729  13 DC B N1    
403 C C2    . DC B 13 ? 5.42367 3.92200 6.70015 -0.85720 0.50625  1.52042  13 DC B C2    
404 O O2    . DC B 13 ? 5.59623 3.87937 6.65057 -0.88267 0.44041  1.59891  13 DC B O2    
405 N N3    . DC B 13 ? 5.23455 3.81254 6.76796 -0.91343 0.50536  1.52920  13 DC B N3    
406 C C4    . DC B 13 ? 5.06266 3.85667 6.82691 -0.88606 0.58448  1.44129  13 DC B C4    
407 N N4    . DC B 13 ? 4.92456 3.77596 6.92296 -0.93606 0.58637  1.45573  13 DC B N4    
408 C C5    . DC B 13 ? 5.06787 4.03151 6.82611 -0.80175 0.66667  1.32900  13 DC B C5    
409 C C6    . DC B 13 ? 5.25162 4.15240 6.75607 -0.74087 0.66249  1.32070  13 DC B C6    
410 P P     . DA B 14 ? 6.41749 4.48487 6.56465 -0.60924 0.56698  1.58566  14 DA B P     
411 O OP1   . DA B 14 ? 6.62217 4.58608 6.41631 -0.47458 0.57194  1.55010  14 DA B OP1   
412 O OP2   . DA B 14 ? 6.31825 4.51627 6.69489 -0.68244 0.62987  1.62846  14 DA B OP2   
413 O "O5'" . DA B 14 ? 6.46575 4.28044 6.55707 -0.71774 0.46492  1.68329  14 DA B "O5'" 
414 C "C5'" . DA B 14 ? 6.28487 4.16950 6.66723 -0.82939 0.43588  1.71419  14 DA B "C5'" 
415 C "C4'" . DA B 14 ? 6.35597 4.11719 6.80170 -0.96482 0.40666  1.83327  14 DA B "C4'" 
416 O "O4'" . DA B 14 ? 6.17880 4.10607 6.89598 -1.03724 0.38963  1.79538  14 DA B "O4'" 
417 C "C3'" . DA B 14 ? 6.41540 4.22391 6.88104 -0.98263 0.47895  1.86999  14 DA B "C3'" 
418 O "O3'" . DA B 14 ? 6.61647 4.24375 6.92800 -1.06096 0.43518  1.91296  14 DA B "O3'" 
419 C "C2'" . DA B 14 ? 6.16594 4.25607 7.01400 -1.02929 0.53717  1.84639  14 DA B "C2'" 
420 C "C1'" . DA B 14 ? 6.07169 4.19148 7.01972 -1.07753 0.45819  1.79775  14 DA B "C1'" 
421 N N9    . DA B 14 ? 5.82105 4.17903 7.07135 -1.06447 0.50232  1.74377  14 DA B N9    
422 C C8    . DA B 14 ? 5.67843 4.21924 7.07875 -1.00137 0.59796  1.69788  14 DA B C8    
423 N N7    . DA B 14 ? 5.47471 4.19611 7.14371 -1.00824 0.62777  1.64647  14 DA B N7    
424 C C5    . DA B 14 ? 5.49123 4.15693 7.15201 -1.06160 0.53735  1.64813  14 DA B C5    
425 C C6    . DA B 14 ? 5.35425 4.14070 7.19089 -1.07318 0.51711  1.59756  14 DA B C6    
426 N N6    . DA B 14 ? 5.16820 4.14443 7.24768 -1.04512 0.58882  1.53960  14 DA B N6    
427 N N1    . DA B 14 ? 5.42609 4.12899 7.17696 -1.10945 0.42993  1.60749  14 DA B N1    
428 C C2    . DA B 14 ? 5.61742 4.13313 7.13368 -1.13979 0.37000  1.65050  14 DA B C2    
429 N N3    . DA B 14 ? 5.77019 4.14488 7.09441 -1.13699 0.37893  1.69156  14 DA B N3    
430 C C4    . DA B 14 ? 5.69873 4.15609 7.10164 -1.09364 0.46139  1.69469  14 DA B C4    
431 P P     . DC C 1  ? 2.98816 3.35796 7.06253 -0.60838 1.90919  -0.08011 1  DC C P     
432 O OP1   . DC C 1  ? 2.99089 3.24759 6.95755 -0.58324 1.95586  -0.17724 1  DC C OP1   
433 O OP2   . DC C 1  ? 3.07890 3.37539 7.21682 -0.68191 1.92080  -0.12608 1  DC C OP2   
434 O "O5'" . DC C 1  ? 2.88788 3.46584 6.85282 -0.58354 1.85767  0.00246  1  DC C "O5'" 
435 C "C5'" . DC C 1  ? 2.80649 3.51798 6.76968 -0.51904 1.81616  0.11476  1  DC C "C5'" 
436 C "C4'" . DC C 1  ? 2.72853 3.62740 6.57297 -0.49754 1.77768  0.17333  1  DC C "C4'" 
437 O "O4'" . DC C 1  ? 2.69968 3.74481 6.63912 -0.48161 1.72862  0.30824  1  DC C "O4'" 
438 C "C3'" . DC C 1  ? 2.65610 3.60650 6.33182 -0.43338 1.77265  0.17163  1  DC C "C3'" 
439 O "O3'" . DC C 1  ? 2.60577 3.69878 6.15551 -0.42136 1.75259  0.18694  1  DC C "O3'" 
440 C "C2'" . DC C 1  ? 2.61933 3.64010 6.37227 -0.38295 1.73662  0.28890  1  DC C "C2'" 
441 C "C1'" . DC C 1  ? 2.63311 3.75886 6.51347 -0.41143 1.70385  0.38088  1  DC C "C1'" 
442 N N1    . DC C 1  ? 2.65598 3.76793 6.69681 -0.40172 1.68529  0.46714  1  DC C N1    
443 C C2    . DC C 1  ? 2.62484 3.88590 6.69852 -0.37776 1.64031  0.59307  1  DC C C2    
444 O O2    . DC C 1  ? 2.57659 3.98451 6.54511 -0.36044 1.61776  0.63066  1  DC C O2    
445 N N3    . DC C 1  ? 2.65431 3.89179 6.87324 -0.37180 1.62515  0.66891  1  DC C N3    
446 C C4    . DC C 1  ? 2.70853 3.79015 7.04461 -0.38443 1.65216  0.62392  1  DC C C4    
447 N N4    . DC C 1  ? 2.73824 3.80262 7.22116 -0.37478 1.63569  0.70233  1  DC C N4    
448 C C5    . DC C 1  ? 2.74100 3.67517 7.04869 -0.40562 1.70006  0.49491  1  DC C C5    
449 C C6    . DC C 1  ? 2.71538 3.66659 6.87161 -0.41611 1.71527  0.42032  1  DC C C6    
450 P P     . DA C 2  ? 2.80042 3.85257 6.14288 -0.41352 1.78211  0.07640  2  DA C P     
451 O OP1   . DA C 2  ? 2.80498 3.93570 6.11748 -0.45056 1.77944  0.05384  2  DA C OP1   
452 O OP2   . DA C 2  ? 2.85905 3.70644 6.18383 -0.43573 1.83122  -0.03542 2  DA C OP2   
453 O "O5'" . DA C 2  ? 2.72018 3.89293 5.92032 -0.32883 1.75114  0.14252  2  DA C "O5'" 
454 C "C5'" . DA C 2  ? 2.66446 4.03282 5.86907 -0.28902 1.70484  0.26102  2  DA C "C5'" 
455 C "C4'" . DA C 2  ? 2.61955 4.03579 5.78825 -0.22127 1.67691  0.34364  2  DA C "C4'" 
456 O "O4'" . DA C 2  ? 2.63891 4.03771 5.99059 -0.23429 1.66156  0.41989  2  DA C "O4'" 
457 C "C3'" . DA C 2  ? 2.61989 3.91191 5.68062 -0.19550 1.69860  0.27631  2  DA C "C3'" 
458 O "O3'" . DA C 2  ? 2.59260 3.92239 5.43289 -0.15487 1.70072  0.23203  2  DA C "O3'" 
459 C "C2'" . DA C 2  ? 2.59394 3.91703 5.72286 -0.15306 1.66830  0.37732  2  DA C "C2'" 
460 C "C1'" . DA C 2  ? 2.61686 3.98363 5.94641 -0.18622 1.65129  0.45567  2  DA C "C1'" 
461 N N9    . DA C 2  ? 2.66395 3.89626 6.15877 -0.21520 1.66797  0.44378  2  DA C N9    
462 C C8    . DA C 2  ? 2.70677 3.77214 6.22003 -0.24177 1.70973  0.34057  2  DA C C8    
463 N N7    . DA C 2  ? 2.74804 3.72451 6.42998 -0.25593 1.71793  0.35569  2  DA C N7    
464 C C5    . DA C 2  ? 2.73169 3.81937 6.50835 -0.24038 1.67709  0.47803  2  DA C C5    
465 C C6    . DA C 2  ? 2.76308 3.82802 6.72217 -0.24288 1.66372  0.55088  2  DA C C6    
466 N N6    . DA C 2  ? 2.81556 3.73880 6.90643 -0.25742 1.69145  0.50880  2  DA C N6    
467 N N1    . DA C 2  ? 2.74490 3.93661 6.74520 -0.22751 1.62302  0.66791  2  DA C N1    
468 C C2    . DA C 2  ? 2.69801 4.03388 6.56824 -0.20808 1.59941  0.70748  2  DA C C2    
469 N N3    . DA C 2  ? 2.66265 4.04048 6.36327 -0.19834 1.60835  0.64774  2  DA C N3    
470 C C4    . DA C 2  ? 2.68157 3.92659 6.34271 -0.21686 1.64704  0.53305  2  DA C C4    
471 P P     . DC C 3  ? 2.65596 4.18307 5.38239 -0.09754 1.66491  0.30809  3  DC C P     
472 O OP1   . DC C 3  ? 2.62394 4.25621 5.41917 -0.05666 1.62420  0.43780  3  DC C OP1   
473 O OP2   . DC C 3  ? 2.67056 4.25472 5.41804 -0.13675 1.67464  0.27500  3  DC C OP2   
474 O "O5'" . DC C 3  ? 2.64500 4.14129 5.11863 -0.04205 1.67183  0.24774  3  DC C "O5'" 
475 C "C5'" . DC C 3  ? 2.63808 4.05842 5.04917 -0.00939 1.66828  0.25121  3  DC C "C5'" 
476 C "C4'" . DC C 3  ? 2.66812 3.97116 4.86751 -0.00267 1.69460  0.13492  3  DC C "C4'" 
477 O "O4'" . DC C 3  ? 2.72437 3.86362 4.98973 -0.07635 1.73784  0.02491  3  DC C "O4'" 
478 C "C3'" . DC C 3  ? 2.67455 4.04080 4.66818 0.03077  1.69230  0.09477  3  DC C "C3'" 
479 O "O3'" . DC C 3  ? 2.65002 4.09082 4.46327 0.11482  1.65979  0.15105  3  DC C "O3'" 
480 C "C2'" . DC C 3  ? 2.74186 3.92916 4.60451 -0.01398 1.73142  -0.05713 3  DC C "C2'" 
481 C "C1'" . DC C 3  ? 2.76971 3.83457 4.84392 -0.09015 1.76218  -0.09187 3  DC C "C1'" 
482 N N1    . DC C 3  ? 2.80986 3.83904 4.99559 -0.16189 1.79127  -0.15132 3  DC C N1    
483 C C2    . DC C 3  ? 2.87296 3.80437 4.90150 -0.19606 1.82067  -0.28036 3  DC C C2    
484 O O2    . DC C 3  ? 2.90029 3.77238 4.68449 -0.16367 1.81647  -0.34357 3  DC C O2    
485 N N3    . DC C 3  ? 2.91363 3.80903 5.05061 -0.26663 1.84856  -0.33407 3  DC C N3    
486 C C4    . DC C 3  ? 2.89578 3.84470 5.28144 -0.30118 1.84435  -0.26186 3  DC C C4    
487 N N4    . DC C 3  ? 2.94430 3.84871 5.42635 -0.37480 1.86983  -0.31740 3  DC C N4    
488 C C5    . DC C 3  ? 2.83949 3.87947 5.37246 -0.26466 1.81027  -0.13205 3  DC C C5    
489 C C6    . DC C 3  ? 2.79754 3.87482 5.22638 -0.19706 1.78643  -0.08306 3  DC C C6    
490 P P     . DC C 4  ? 2.91834 4.53967 4.62400 0.18327  1.62593  0.22149  4  DC C P     
491 O OP1   . DC C 4  ? 2.90123 4.57416 4.48024 0.26234  1.58529  0.30378  4  DC C OP1   
492 O OP2   . DC C 4  ? 2.89636 4.63179 4.81706 0.14360  1.62287  0.27718  4  DC C OP2   
493 O "O5'" . DC C 4  ? 2.97603 4.52919 4.43048 0.19402  1.63250  0.10296  4  DC C "O5'" 
494 C "C5'" . DC C 4  ? 3.05191 4.46642 4.24565 0.22083  1.62069  0.02460  4  DC C "C5'" 
495 C "C4'" . DC C 4  ? 3.14257 4.44976 4.11802 0.19972  1.60346  -0.10645 4  DC C "C4'" 
496 O "O4'" . DC C 4  ? 3.14236 4.32498 4.25636 0.10299  1.64884  -0.19765 4  DC C "O4'" 
497 C "C3'" . DC C 4  ? 3.14522 4.58325 4.05110 0.23352  1.56041  -0.08738 4  DC C "C3'" 
498 O "O3'" . DC C 4  ? 3.16634 4.64562 3.79787 0.32818  1.51011  -0.06809 4  DC C "O3'" 
499 C "C2'" . DC C 4  ? 3.21208 4.51668 4.05651 0.16252  1.56529  -0.22147 4  DC C "C2'" 
500 C "C1'" . DC C 4  ? 3.19194 4.37222 4.24563 0.07482  1.62831  -0.26181 4  DC C "C1'" 
501 N N1    . DC C 4  ? 3.15682 4.40942 4.51376 0.01108  1.65486  -0.22071 4  DC C N1    
502 C C2    . DC C 4  ? 3.22019 4.39337 4.59623 -0.06057 1.65907  -0.31037 4  DC C C2    
503 O O2    . DC C 4  ? 3.30348 4.35056 4.44506 -0.06885 1.64074  -0.42194 4  DC C O2    
504 N N3    . DC C 4  ? 3.19751 4.42660 4.84201 -0.12091 1.67975  -0.27086 4  DC C N3    
505 C C4    . DC C 4  ? 3.11544 4.47284 5.00021 -0.11155 1.69683  -0.14893 4  DC C C4    
506 N N4    . DC C 4  ? 3.10486 4.50511 5.24158 -0.17503 1.71396  -0.11319 4  DC C N4    
507 C C5    . DC C 4  ? 3.05050 4.48869 4.91948 -0.03877 1.69353  -0.05719 4  DC C C5    
508 C C6    . DC C 4  ? 3.07400 4.45594 4.67808 0.02006  1.67217  -0.09684 4  DC C C6    
509 P P     . DT C 5  ? 3.18875 4.78873 3.67435 0.38400  1.45773  -0.06444 5  DT C P     
510 O OP1   . DT C 5  ? 3.18192 4.85838 3.46463 0.49298  1.41876  0.00329  5  DT C OP1   
511 O OP2   . DT C 5  ? 3.13195 4.87844 3.88230 0.34288  1.47024  -0.00931 5  DT C OP2   
512 O "O5'" . DT C 5  ? 3.30608 4.72363 3.55823 0.34920  1.43853  -0.22100 5  DT C "O5'" 
513 C "C5'" . DT C 5  ? 3.34174 4.80886 3.51137 0.35556  1.39916  -0.26287 5  DT C "C5'" 
514 C "C4'" . DT C 5  ? 3.42403 4.70644 3.55045 0.26580  1.40934  -0.40139 5  DT C "C4'" 
515 O "O4'" . DT C 5  ? 3.38236 4.64567 3.80820 0.17301  1.46497  -0.39403 5  DT C "O4'" 
516 C "C3'" . DT C 5  ? 3.47784 4.78991 3.50892 0.26448  1.36112  -0.45586 5  DT C "C3'" 
517 O "O3'" . DT C 5  ? 3.57363 4.66375 3.41137 0.21166  1.35419  -0.60009 5  DT C "O3'" 
518 C "C2'" . DT C 5  ? 3.42791 4.86356 3.78473 0.20079  1.38500  -0.39961 5  DT C "C2'" 
519 C "C1'" . DT C 5  ? 3.39857 4.71202 3.93569 0.12317  1.45181  -0.41452 5  DT C "C1'" 
520 N N1    . DT C 5  ? 3.31040 4.75952 4.19141 0.08364  1.48680  -0.31285 5  DT C N1    
521 C C2    . DT C 5  ? 3.32200 4.75510 4.37843 -0.00240 1.49767  -0.34298 5  DT C C2    
522 O O2    . DT C 5  ? 3.40782 4.72049 4.35298 -0.04860 1.47973  -0.44971 5  DT C O2    
523 N N3    . DT C 5  ? 3.24797 4.80236 4.60833 -0.03484 1.52710  -0.24252 5  DT C N3    
524 C C4    . DT C 5  ? 3.15775 4.84418 4.66159 0.00901  1.54664  -0.11742 5  DT C C4    
525 O O4    . DT C 5  ? 3.10537 4.88614 4.87713 -0.02818 1.57029  -0.03348 5  DT C O4    
526 C C5    . DT C 5  ? 3.15021 4.84542 4.45676 0.09942  1.53355  -0.09203 5  DT C C5    
527 C C7    . DT C 5  ? 3.05672 4.87846 4.48240 0.15216  1.54855  0.04104  5  DT C C7    
528 C C6    . DT C 5  ? 3.22591 4.80371 4.23413 0.13189  1.50436  -0.18974 5  DT C C6    
529 O "O5'" . DT D 1  ? 5.93839 6.84447 3.24014 0.09792  1.25998  1.65989  -4 DT D "O5'" 
530 C "C5'" . DT D 1  ? 5.92506 6.97280 3.24011 0.08111  1.26473  1.66455  -4 DT D "C5'" 
531 C "C4'" . DT D 1  ? 5.96443 6.93877 3.23127 0.02020  1.25717  1.70749  -4 DT D "C4'" 
532 O "O4'" . DT D 1  ? 6.02813 7.00385 3.21972 -0.06132 1.24385  1.75784  -4 DT D "O4'" 
533 C "C3'" . DT D 1  ? 5.97049 6.74218 3.23150 0.03516  1.25655  1.70739  -4 DT D "C3'" 
534 O "O3'" . DT D 1  ? 5.96057 6.72719 3.23258 0.03175  1.25939  1.71099  -4 DT D "O3'" 
535 C "C2'" . DT D 1  ? 6.03860 6.69412 3.22194 -0.03408 1.24256  1.75401  -4 DT D "C2'" 
536 C "C1'" . DT D 1  ? 6.07170 6.87474 3.21405 -0.10110 1.23458  1.78990  -4 DT D "C1'" 
537 N N1    . DT D 1  ? 6.12945 6.89209 3.20839 -0.16008 1.22047  1.82811  -4 DT D N1    
538 C C2    . DT D 1  ? 6.18769 6.92066 3.20166 -0.24121 1.20757  1.87992  -4 DT D C2    
539 O O2    . DT D 1  ? 6.19596 6.93151 3.19896 -0.26848 1.20702  1.89635  -4 DT D O2    
540 N N3    . DT D 1  ? 6.23797 6.93605 3.20020 -0.29035 1.19378  1.91268  -4 DT D N3    
541 C C4    . DT D 1  ? 6.23738 6.92767 3.20424 -0.26795 1.19092  1.89988  -4 DT D C4    
542 O O4    . DT D 1  ? 6.28718 6.94426 3.20474 -0.31803 1.17618  1.93393  -4 DT D O4    
543 C C5    . DT D 1  ? 6.17554 6.89851 3.21009 -0.18210 1.20500  1.84425  -4 DT D C5    
544 C C7    . DT D 1  ? 6.17097 6.88780 3.21593 -0.15077 1.20199  1.82517  -4 DT D C7    
545 C C6    . DT D 1  ? 6.12461 6.88249 3.21219 -0.13276 1.21918  1.81129  -4 DT D C6    
546 P P     . DC D 2  ? 6.00120 6.59808 3.29408 0.07214  1.26528  1.69339  -3 DC D P     
547 O OP1   . DC D 2  ? 5.94786 6.62826 3.30518 0.12164  1.27415  1.66228  -3 DC D OP1   
548 O OP2   . DC D 2  ? 5.99772 6.46444 3.29874 0.10918  1.26764  1.67475  -3 DC D OP2   
549 O "O5'" . DC D 2  ? 6.06355 6.55509 3.28306 -0.00391 1.25524  1.74242  -3 DC D "O5'" 
550 C "C5'" . DC D 2  ? 6.08739 6.68501 3.27718 -0.06214 1.24778  1.77466  -3 DC D "C5'" 
551 C "C4'" . DC D 2  ? 6.15477 6.63219 3.26767 -0.13704 1.23625  1.82212  -3 DC D "C4'" 
552 O "O4'" . DC D 2  ? 6.19982 6.67984 3.26192 -0.18988 1.22567  1.85365  -3 DC D "O4'" 
553 C "C3'" . DC D 2  ? 6.16871 6.43899 3.26943 -0.12091 1.24007  1.81634  -3 DC D "C3'" 
554 O "O3'" . DC D 2  ? 6.19883 6.41373 3.26569 -0.15993 1.23601  1.83955  -3 DC D "O3'" 
555 C "C2'" . DC D 2  ? 6.21456 6.37859 3.26795 -0.15562 1.23237  1.83872  -3 DC D "C2'" 
556 C "C1'" . DC D 2  ? 6.24680 6.54311 3.26082 -0.22019 1.21970  1.87523  -3 DC D "C1'" 
557 N N1    . DC D 2  ? 6.27169 6.54956 3.26187 -0.23808 1.21210  1.88752  -3 DC D N1    
558 C C2    . DC D 2  ? 6.33675 6.57885 3.25884 -0.31761 1.19635  1.93648  -3 DC D C2    
559 O O2    . DC D 2  ? 6.37241 6.59857 3.25486 -0.37171 1.18950  1.96797  -3 DC D O2    
560 N N3    . DC D 2  ? 6.36028 6.58573 3.26231 -0.33367 1.18770  1.94858  -3 DC D N3    
561 C C4    . DC D 2  ? 6.32241 6.56498 3.26741 -0.27425 1.19425  1.91348  -3 DC D C4    
562 N N4    . DC D 2  ? 6.35031 6.57426 3.27189 -0.29407 1.18344  1.92819  -3 DC D N4    
563 C C5    . DC D 2  ? 6.25571 6.53444 3.27024 -0.19243 1.21074  1.86227  -3 DC D C5    
564 C C6    . DC D 2  ? 6.23227 6.52779 3.26787 -0.17731 1.21911  1.85145  -3 DC D C6    
565 P P     . DT D 3  ? 6.75903 6.77070 3.81246 -0.14578 1.24236  1.83287  -2 DT D P     
566 O OP1   . DT D 3  ? 6.75696 6.78550 3.81156 -0.15223 1.24235  1.83605  -2 DT D OP1   
567 O OP2   . DT D 3  ? 6.71828 6.65736 3.82191 -0.07263 1.25486  1.79201  -2 DT D OP2   
568 O "O5'" . DT D 3  ? 6.83372 6.72243 3.80822 -0.22108 1.23105  1.87642  -2 DT D "O5'" 
569 C "C5'" . DT D 3  ? 6.87949 6.84219 3.80095 -0.29870 1.21588  1.92062  -2 DT D "C5'" 
570 C "C4'" . DT D 3  ? 6.94121 6.79339 3.80233 -0.35664 1.20519  1.95489  -2 DT D "C4'" 
571 O "O4'" . DT D 3  ? 6.92896 6.82529 3.80534 -0.34159 1.20332  1.94871  -2 DT D "O4'" 
572 C "C3'" . DT D 3  ? 6.96907 6.60836 3.81022 -0.35147 1.21098  1.95041  -2 DT D "C3'" 
573 O "O3'" . DT D 3  ? 7.02953 6.59258 3.81148 -0.42167 1.19878  1.98254  -2 DT D "O3'" 
574 C "C2'" . DT D 3  ? 6.97994 6.54922 3.81986 -0.34616 1.20844  1.95004  -2 DT D "C2'" 
575 C "C1'" . DT D 3  ? 6.97235 6.71378 3.81371 -0.36602 1.19802  1.96429  -2 DT D "C1'" 
576 N N1    . DT D 3  ? 6.94579 6.69706 3.82052 -0.32348 1.20018  1.94256  -2 DT D N1    
577 C C2    . DT D 3  ? 6.98719 6.71495 3.82614 -0.36714 1.18617  1.97108  -2 DT D C2    
578 O O2    . DT D 3  ? 7.04426 6.74309 3.82682 -0.43947 1.17211  2.01365  -2 DT D O2    
579 N N3    . DT D 3  ? 6.96072 6.69915 3.83307 -0.32344 1.18777  1.94829  -2 DT D N3    
580 C C4    . DT D 3  ? 6.89754 6.66746 3.83519 -0.24143 1.20208  1.89973  -2 DT D C4    
581 O O4    . DT D 3  ? 6.88005 6.65616 3.84261 -0.20794 1.20118  1.88223  -2 DT D O4    
582 C C5    . DT D 3  ? 6.85528 6.64932 3.83018 -0.19867 1.21666  1.87172  -2 DT D C5    
583 C C7    . DT D 3  ? 6.78580 6.61453 3.83523 -0.10948 1.23179  1.81906  -2 DT D C7    
584 C C6    . DT D 3  ? 6.88157 6.66526 3.82305 -0.24163 1.21475  1.89476  -2 DT D C6    
585 P P     . DG D 4  ? 6.87027 6.21649 3.62874 -0.43482 1.19843  1.97698  -1 DG D P     
586 O OP1   . DG D 4  ? 6.90761 6.22919 3.63287 -0.49264 1.18147  1.98828  -1 DG D OP1   
587 O OP2   . DG D 4  ? 6.82851 6.09407 3.62831 -0.35088 1.22597  1.94267  -1 DG D OP2   
588 O "O5'" . DG D 4  ? 6.91264 6.18821 3.64674 -0.48440 1.17839  1.99513  -1 DG D "O5'" 
589 C "C5'" . DG D 4  ? 6.95669 6.10252 3.67218 -0.54066 1.15633  2.00719  -1 DG D "C5'" 
590 C "C4'" . DG D 4  ? 6.99442 6.16818 3.68757 -0.60891 1.12756  2.04171  -1 DG D "C4'" 
591 O "O4'" . DG D 4  ? 6.98784 6.22457 3.67362 -0.58276 1.13846  2.03620  -1 DG D "O4'" 
592 C "C3'" . DG D 4  ? 7.00886 6.05227 3.73260 -0.62005 1.11410  2.05226  -1 DG D "C3'" 
593 O "O3'" . DG D 4  ? 7.03940 6.12184 3.76898 -0.65236 1.10222  2.09420  -1 DG D "O3'" 
594 C "C2'" . DG D 4  ? 6.99554 5.97842 3.72708 -0.57132 1.12990  2.02899  -1 DG D "C2'" 
595 C "C1'" . DG D 4  ? 6.98603 6.12568 3.69475 -0.56648 1.13588  2.03737  -1 DG D "C1'" 
596 N N9    . DG D 4  ? 6.93933 6.09975 3.67941 -0.48157 1.16564  2.01170  -1 DG D N9    
597 C C8    . DG D 4  ? 6.89008 6.07782 3.66108 -0.40896 1.19472  1.98350  -1 DG D C8    
598 N N7    . DG D 4  ? 6.84252 6.06188 3.66298 -0.34521 1.20397  1.95337  -1 DG D N7    
599 C C5    . DG D 4  ? 6.87091 6.07544 3.67405 -0.37369 1.18974  1.97413  -1 DG D C5    
600 C C6    . DG D 4  ? 6.84401 6.06923 3.68292 -0.33343 1.18809  1.95573  -1 DG D C6    
601 O O6    . DG D 4  ? 6.78716 6.04914 3.68277 -0.26180 1.19984  1.91517  -1 DG D O6    
602 N N1    . DG D 4  ? 6.89209 6.09002 3.69478 -0.38553 1.16929  1.99009  -1 DG D N1    
603 C C2    . DG D 4  ? 6.95649 6.11296 3.69934 -0.46611 1.15380  2.03577  -1 DG D C2    
604 N N2    . DG D 4  ? 6.99401 6.13111 3.71730 -0.50929 1.13130  2.06084  -1 DG D N2    
605 N N3    . DG D 4  ? 6.97306 6.11798 3.70052 -0.50864 1.14454  2.03968  -1 DG D N3    
606 C C4    . DG D 4  ? 6.93275 6.09885 3.68249 -0.45653 1.16879  2.01378  -1 DG D C4    
607 P P     . DT D 5  ? 7.05827 6.00577 3.80655 -0.68780 1.08266  2.10080  0  DT D P     
608 O OP1   . DT D 5  ? 7.09702 6.07030 3.82732 -0.71545 1.08047  2.11441  0  DT D OP1   
609 O OP2   . DT D 5  ? 7.04538 5.84844 3.80986 -0.67070 1.08414  2.06532  0  DT D OP2   
610 O "O5'" . DT D 5  ? 7.08311 6.01139 3.83343 -0.70154 1.07211  2.11886  0  DT D "O5'" 
611 C "C5'" . DT D 5  ? 7.06340 6.04911 3.80519 -0.67638 1.07976  2.11796  0  DT D "C5'" 
612 C "C4'" . DT D 5  ? 7.06029 5.91944 3.82154 -0.67011 1.06980  2.10285  0  DT D "C4'" 
613 O "O4'" . DT D 5  ? 7.03327 5.90549 3.78133 -0.62339 1.08847  2.07588  0  DT D "O4'" 
614 C "C3'" . DT D 5  ? 7.06418 5.75853 3.84834 -0.66438 1.06966  2.07487  0  DT D "C3'" 
615 O "O3'" . DT D 5  ? 7.09895 5.70972 3.90378 -0.70257 1.04853  2.09266  0  DT D "O3'" 
616 C "C2'" . DT D 5  ? 7.04136 5.64164 3.83397 -0.60353 1.09179  2.03610  0  DT D "C2'" 
617 C "C1'" . DT D 5  ? 7.02941 5.74118 3.80145 -0.58477 1.09850  2.04570  0  DT D "C1'" 
618 N N1    . DT D 5  ? 6.98941 5.70530 3.76762 -0.50592 1.13363  2.01023  0  DT D N1    
619 C C2    . DT D 5  ? 6.97590 5.69818 3.76050 -0.46148 1.14597  2.00440  0  DT D C2    
620 O O2    . DT D 5  ? 7.00064 5.71872 3.77716 -0.48916 1.12776  2.02595  0  DT D O2    
621 N N3    . DT D 5  ? 6.93025 5.66930 3.73584 -0.38030 1.18008  1.97418  0  DT D N3    
622 C C4    . DT D 5  ? 6.89937 5.64613 3.71831 -0.34229 1.20171  1.95017  0  DT D C4    
623 O O4    . DT D 5  ? 6.84235 5.62581 3.71162 -0.27097 1.21773  1.91259  0  DT D O4    
624 C C5    . DT D 5  ? 6.92126 5.65335 3.72494 -0.39656 1.18614  1.95732  0  DT D C5    
625 C C7    . DT D 5  ? 6.89534 5.63174 3.70842 -0.36429 1.20531  1.93483  0  DT D C7    
626 C C6    . DT D 5  ? 6.96393 5.68209 3.74889 -0.47374 1.15359  1.98632  0  DT D C6    
627 P P     . DA D 6  ? 4.86411 7.44430 6.46103 0.63380  -1.32231 -3.27824 1  DA D P     
628 O OP1   . DA D 6  ? 4.87657 7.47018 6.49964 0.58926  -1.54291 -3.32298 1  DA D OP1   
629 O OP2   . DA D 6  ? 4.96897 7.47135 6.41156 0.93038  -1.28588 -3.24332 1  DA D OP2   
630 O "O5'" . DA D 6  ? 4.77852 7.21860 6.26856 0.41447  -1.15955 -3.17754 1  DA D "O5'" 
631 C "C5'" . DA D 6  ? 4.67642 7.17780 6.29936 0.10356  -1.14983 -3.19150 1  DA D "C5'" 
632 C "C4'" . DA D 6  ? 4.60288 6.98722 6.13586 -0.07133 -0.95013 -3.09820 1  DA D "C4'" 
633 O "O4'" . DA D 6  ? 4.61780 7.00719 6.13806 0.03923  -0.76665 -3.07747 1  DA D "O4'" 
634 C "C3'" . DA D 6  ? 4.61675 6.77103 5.90081 -0.05339 -0.95019 -2.99472 1  DA D "C3'" 
635 O "O3'" . DA D 6  ? 4.52391 6.61628 5.80666 -0.33425 -0.85609 -2.94103 1  DA D "O3'" 
636 C "C2'" . DA D 6  ? 4.67935 6.73372 5.79904 0.17358  -0.81460 -2.92860 1  DA D "C2'" 
637 C "C1'" . DA D 6  ? 4.63870 6.81830 5.92287 0.10582  -0.65685 -2.96264 1  DA D "C1'" 
638 N N9    . DA D 6  ? 4.72053 6.87936 5.94296 0.34719  -0.57071 -2.94660 1  DA D N9    
639 C C8    . DA D 6  ? 4.82418 7.02699 6.03571 0.61247  -0.67569 -2.98966 1  DA D C8    
640 N N7    . DA D 6  ? 4.89287 7.05493 6.04449 0.78149  -0.56990 -2.95801 1  DA D N7    
641 C C5    . DA D 6  ? 4.82845 6.91356 5.95123 0.61892  -0.38193 -2.89176 1  DA D C5    
642 C C6    . DA D 6  ? 4.86225 6.86541 5.92143 0.67666  -0.21155 -2.83252 1  DA D C6    
643 N N6    . DA D 6  ? 4.97834 6.95977 5.98820 0.92181  -0.20776 -2.82712 1  DA D N6    
644 N N1    . DA D 6  ? 4.78076 6.71743 5.82675 0.47020  -0.05235 -2.77726 1  DA D N1    
645 C C2    . DA D 6  ? 4.67324 6.62656 5.76430 0.22035  -0.06253 -2.77888 1  DA D C2    
646 N N3    . DA D 6  ? 4.63699 6.65931 5.78809 0.13758  -0.21937 -2.82780 1  DA D N3    
647 C C4    . DA D 6  ? 4.71908 6.80529 5.88478 0.35055  -0.37620 -2.88478 1  DA D C4    
648 P P     . DG D 7  ? 4.51286 6.41271 5.62075 -0.42876 -0.92425 -2.86656 2  DG D P     
649 O OP1   . DG D 7  ? 4.47872 6.44476 5.72300 -0.64318 -1.08642 -2.91994 2  DG D OP1   
650 O OP2   . DG D 7  ? 4.60521 6.38384 5.50597 -0.15249 -0.98655 -2.83124 2  DG D OP2   
651 O "O5'" . DG D 7  ? 4.43724 6.22821 5.46730 -0.60582 -0.70058 -2.77049 2  DG D "O5'" 
652 C "C5'" . DG D 7  ? 4.40583 6.27472 5.51712 -0.62744 -0.50856 -2.77045 2  DG D "C5'" 
653 C "C4'" . DG D 7  ? 4.41072 6.10520 5.32678 -0.57099 -0.32779 -2.65989 2  DG D "C4'" 
654 O "O4'" . DG D 7  ? 4.48238 6.20132 5.37293 -0.32802 -0.25164 -2.66341 2  DG D "O4'" 
655 C "C3'" . DG D 7  ? 4.44514 5.94367 5.12674 -0.49596 -0.38339 -2.57606 2  DG D "C3'" 
656 O "O3'" . DG D 7  ? 4.37749 5.74297 4.97007 -0.69394 -0.25200 -2.48716 2  DG D "O3'" 
657 C "C2'" . DG D 7  ? 4.54589 5.98991 5.07559 -0.18694 -0.35155 -2.54001 2  DG D "C2'" 
658 C "C1'" . DG D 7  ? 4.54569 6.08685 5.19518 -0.15795 -0.20917 -2.56531 2  DG D "C1'" 
659 N N9    . DG D 7  ? 4.65290 6.23266 5.27114 0.13199  -0.24372 -2.58850 2  DG D N9    
660 C C8    . DG D 7  ? 4.72254 6.38711 5.37348 0.31150  -0.42356 -2.66095 2  DG D C8    
661 N N7    . DG D 7  ? 4.81962 6.49799 5.42694 0.55415  -0.41345 -2.66253 2  DG D N7    
662 C C5    . DG D 7  ? 4.81788 6.41092 5.36185 0.53401  -0.21915 -2.58593 2  DG D C5    
663 C C6    . DG D 7  ? 4.91299 6.46671 5.38897 0.72880  -0.13300 -2.54848 2  DG D C6    
664 O O6    . DG D 7  ? 5.01947 6.61109 5.47567 0.96372  -0.21208 -2.57563 2  DG D O6    
665 N N1    . DG D 7  ? 4.88401 6.33782 5.31111 0.62584  0.05695  -2.47053 2  DG D N1    
666 C C2    . DG D 7  ? 4.77237 6.17631 5.21272 0.36753  0.15709  -2.43436 2  DG D C2    
667 N N2    . DG D 7  ? 4.76467 6.06962 5.15081 0.30538  0.33605  -2.36086 2  DG D N2    
668 N N3    . DG D 7  ? 4.68257 6.12408 5.18335 0.18036  0.07970  -2.46647 2  DG D N3    
669 C C4    . DG D 7  ? 4.71338 6.24662 5.26385 0.27689  -0.11027 -2.54130 2  DG D C4    
670 P P     . DC D 8  ? 4.39496 5.55716 4.75129 -0.66522 -0.27655 -2.39332 3  DC D P     
671 O OP1   . DC D 8  ? 4.30699 5.39995 4.68403 -0.96255 -0.24820 -2.35879 3  DC D OP1   
672 O OP2   . DC D 8  ? 4.47715 5.64261 4.76486 -0.45630 -0.47420 -2.43426 3  DC D OP2   
673 O "O5'" . DC D 8  ? 4.43020 5.48430 4.61841 -0.52587 -0.08511 -2.29473 3  DC D "O5'" 
674 C "C5'" . DC D 8  ? 4.38585 5.45470 4.64063 -0.63194 0.10860  -2.26914 3  DC D "C5'" 
675 C "C4'" . DC D 8  ? 4.46107 5.44802 4.56948 -0.42515 0.23540  -2.19484 3  DC D "C4'" 
676 O "O4'" . DC D 8  ? 4.55587 5.64721 4.70943 -0.17968 0.15492  -2.25768 3  DC D "O4'" 
677 C "C3'" . DC D 8  ? 4.57736 5.39129 4.43023 -0.32705 0.24860  -2.08530 3  DC D "C3'" 
678 O "O3'" . DC D 8  ? 4.62037 5.31152 4.37298 -0.39622 0.44237  -1.98254 3  DC D "O3'" 
679 C "C2'" . DC D 8  ? 4.74310 5.58677 4.50363 -0.01825 0.16084  -2.09533 3  DC D "C2'" 
680 C "C1'" . DC D 8  ? 4.72963 5.71393 4.67308 0.04661  0.17616  -2.17689 3  DC D "C1'" 
681 N N1    . DC D 8  ? 4.79691 5.87796 4.75544 0.29435  0.02426  -2.24488 3  DC D N1    
682 C C2    . DC D 8  ? 4.90461 5.98998 4.81475 0.51418  0.06943  -2.22581 3  DC D C2    
683 O O2    . DC D 8  ? 4.95256 5.95690 4.81006 0.50023  0.23059  -2.15321 3  DC D O2    
684 N N3    . DC D 8  ? 4.94415 6.11635 4.86613 0.73472  -0.07235 -2.28720 3  DC D N3    
685 C C4    . DC D 8  ? 4.92760 6.17974 4.90801 0.74243  -0.25077 -2.36677 3  DC D C4    
686 N N4    . DC D 8  ? 5.02151 6.35667 5.01023 0.96428  -0.38774 -2.42678 3  DC D N4    
687 C C5    . DC D 8  ? 4.82664 6.07000 4.85893 0.52118  -0.30469 -2.38766 3  DC D C5    
688 C C6    . DC D 8  ? 4.73959 5.89655 4.75761 0.30254  -0.16434 -2.32394 3  DC D C6    
689 P P     . DT D 9  ? 4.83895 5.34936 4.33804 -0.36750 0.49549  -1.85506 4  DT D P     
690 O OP1   . DT D 9  ? 4.73397 5.14416 4.22596 -0.60670 0.65164  -1.78779 4  DT D OP1   
691 O OP2   . DT D 9  ? 4.84790 5.36052 4.27672 -0.30089 0.31678  -1.88280 4  DT D OP2   
692 O "O5'" . DT D 9  ? 5.04684 5.51564 4.40202 -0.11307 0.56625  -1.78693 4  DT D "O5'" 
693 C "C5'" . DT D 9  ? 5.07326 5.55559 4.50115 -0.09192 0.69441  -1.78094 4  DT D "C5'" 
694 C "C4'" . DT D 9  ? 5.24226 5.69996 4.54082 0.17886  0.69773  -1.73241 4  DT D "C4'" 
695 O "O4'" . DT D 9  ? 5.24166 5.83262 4.61367 0.35839  0.53514  -1.82879 4  DT D "O4'" 
696 C "C3'" . DT D 9  ? 5.38383 5.71268 4.41663 0.28270  0.71893  -1.60677 4  DT D "C3'" 
697 O "O3'" . DT D 9  ? 5.50337 5.73972 4.42789 0.37521  0.84605  -1.50940 4  DT D "O3'" 
698 C "C2'" . DT D 9  ? 5.42154 5.83629 4.39841 0.49447  0.54058  -1.65657 4  DT D "C2'" 
699 C "C1'" . DT D 9  ? 5.36816 5.91588 4.53816 0.58138  0.47784  -1.76664 4  DT D "C1'" 
700 N N1    . DT D 9  ? 5.33291 6.00457 4.55502 0.71393  0.28152  -1.86718 4  DT D N1    
701 C C2    . DT D 9  ? 5.38566 6.12209 4.59218 0.95323  0.20957  -1.89405 4  DT D C2    
702 O O2    . DT D 9  ? 5.46065 6.15340 4.61050 1.06396  0.29367  -1.83702 4  DT D O2    
703 N N3    . DT D 9  ? 5.34653 6.19404 4.60535 1.05828  0.02644  -1.98996 4  DT D N3    
704 C C4    . DT D 9  ? 5.27011 6.16319 4.59554 0.95065  -0.09587 -2.06027 4  DT D C4    
705 O O4    . DT D 9  ? 5.24941 6.23628 4.61888 1.06155  -0.26595 -2.14602 4  DT D O4    
706 C C5    . DT D 9  ? 5.21173 6.02662 4.55005 0.69758  -0.01755 -2.02503 4  DT D C5    
707 C C7    . DT D 9  ? 5.10997 5.95045 4.51695 0.55882  -0.15173 -2.09136 4  DT D C7    
708 C C6    . DT D 9  ? 5.24245 5.95464 4.52858 0.59234  0.16827  -1.93143 4  DT D C6    
709 P P     . DG D 10 ? 4.98400 5.05410 3.66445 0.35694  0.96204  -1.34924 5  DG D P     
710 O OP1   . DG D 10 ? 4.93752 4.90919 3.66045 0.18898  1.13262  -1.29703 5  DG D OP1   
711 O OP2   . DG D 10 ? 4.93293 4.99604 3.51536 0.31060  0.88423  -1.33957 5  DG D OP2   
712 O "O5'" . DG D 10 ? 5.15550 5.20710 3.67114 0.62174  0.94322  -1.27820 5  DG D "O5'" 
713 C "C5'" . DG D 10 ? 5.23101 5.38977 3.71535 0.82230  0.78532  -1.33439 5  DG D "C5'" 
714 C "C4'" . DG D 10 ? 5.38241 5.55413 3.83548 1.03598  0.77267  -1.31622 5  DG D "C4'" 
715 O "O4'" . DG D 10 ? 5.40291 5.72162 3.99201 1.16032  0.61989  -1.44614 5  DG D "O4'" 
716 C "C3'" . DG D 10 ? 5.52566 5.64402 3.71758 1.21254  0.76788  -1.19404 5  DG D "C3'" 
717 O "O3'" . DG D 10 ? 5.66746 5.74263 3.82421 1.35197  0.80147  -1.14295 5  DG D "O3'" 
718 C "C2'" . DG D 10 ? 5.54862 5.79776 3.71908 1.35369  0.59340  -1.27492 5  DG D "C2'" 
719 C "C1'" . DG D 10 ? 5.49988 5.86305 3.92758 1.35242  0.50378  -1.42831 5  DG D "C1'" 
720 N N9    . DG D 10 ? 5.41836 5.88960 3.93361 1.32441  0.36078  -1.54097 5  DG D N9    
721 C C8    . DG D 10 ? 5.28228 5.74289 3.85264 1.12767  0.35767  -1.57123 5  DG D C8    
722 N N7    . DG D 10 ? 5.25067 5.81066 3.89399 1.15209  0.19846  -1.67579 5  DG D N7    
723 C C5    . DG D 10 ? 5.36762 6.01567 4.00395 1.38148  0.09455  -1.71965 5  DG D C5    
724 C C6    . DG D 10 ? 5.39785 6.16815 4.09366 1.50864  -0.09313 -1.83067 5  DG D C6    
725 O O6    . DG D 10 ? 5.32863 6.15040 4.09870 1.44066  -0.21293 -1.91447 5  DG D O6    
726 N N1    . DG D 10 ? 5.53182 6.35757 4.19239 1.73548  -0.14592 -1.83852 5  DG D N1    
727 C C2    . DG D 10 ? 5.63146 6.39502 4.20854 1.82593  -0.03790 -1.74775 5  DG D C2    
728 N N2    . DG D 10 ? 5.76475 6.58843 4.31688 2.04452  -0.11967 -1.76832 5  DG D N2    
729 N N3    . DG D 10 ? 5.60957 6.25272 4.13244 1.70808  0.13194  -1.64339 5  DG D N3    
730 C C4    . DG D 10 ? 5.47262 6.06739 4.02916 1.48915  0.19223  -1.63659 5  DG D C4    
731 P P     . DT D 11 ? 4.18734 4.16275 6.19807 -1.56511 -0.38318 0.24767  6  DT D P     
732 O OP1   . DT D 11 ? 4.23492 4.18209 6.27007 -1.59021 -0.37725 0.16988  6  DT D OP1   
733 O OP2   . DT D 11 ? 4.15734 4.20261 6.15615 -1.58581 -0.31417 0.26941  6  DT D OP2   
734 O "O5'" . DT D 11 ? 4.28334 3.99895 6.19938 -1.50867 -0.44523 0.32889  6  DT D "O5'" 
735 C "C5'" . DT D 11 ? 4.32205 3.93900 6.23221 -1.47460 -0.52021 0.32544  6  DT D "C5'" 
736 C "C4'" . DT D 11 ? 4.42183 3.79471 6.22473 -1.41967 -0.56504 0.39667  6  DT D "C4'" 
737 O "O4'" . DT D 11 ? 4.36683 3.79156 6.16452 -1.39429 -0.60661 0.46132  6  DT D "O4'" 
738 C "C3'" . DT D 11 ? 4.51225 3.72229 6.21908 -1.41316 -0.51282 0.42936  6  DT D "C3'" 
739 O "O3'" . DT D 11 ? 4.64167 3.60491 6.24989 -1.36492 -0.54462 0.44314  6  DT D "O3'" 
740 C "C2'" . DT D 11 ? 4.46245 3.72536 6.14405 -1.40098 -0.50913 0.50151  6  DT D "C2'" 
741 C "C1'" . DT D 11 ? 4.42413 3.71510 6.12809 -1.36932 -0.59125 0.52696  6  DT D "C1'" 
742 N N1    . DT D 11 ? 4.33836 3.75911 6.06455 -1.36561 -0.60212 0.58423  6  DT D N1    
743 C C2    . DT D 11 ? 4.36410 3.69185 6.04035 -1.32024 -0.66527 0.64292  6  DT D C2    
744 O O2    . DT D 11 ? 4.45232 3.60133 6.06214 -1.28081 -0.71092 0.64724  6  DT D O2    
745 N N3    . DT D 11 ? 4.28649 3.74073 5.99066 -1.32020 -0.67168 0.69389  6  DT D N3    
746 C C4    . DT D 11 ? 4.18879 3.85048 5.95876 -1.35564 -0.62090 0.69243  6  DT D C4    
747 O O4    . DT D 11 ? 4.13112 3.88903 5.91752 -1.34793 -0.63123 0.74308  6  DT D O4    
748 C C5    . DT D 11 ? 4.16401 3.92238 5.97995 -1.39973 -0.55385 0.62378  6  DT D C5    
749 C C7    . DT D 11 ? 4.06310 4.05339 5.94497 -1.43463 -0.49152 0.60639  6  DT D C7    
750 C C6    . DT D 11 ? 4.23845 3.87302 6.03352 -1.40499 -0.54850 0.57351  6  DT D C6    
751 P P     . DG D 12 ? 4.03376 2.80090 5.54045 -1.35721 -0.48544 0.44181  7  DG D P     
752 O OP1   . DG D 12 ? 4.10508 2.78563 5.62089 -1.35761 -0.49293 0.38225  7  DG D OP1   
753 O OP2   . DG D 12 ? 3.99024 2.85818 5.51221 -1.40077 -0.40900 0.44806  7  DG D OP2   
754 O "O5'" . DG D 12 ? 4.12803 2.69390 5.49925 -1.28850 -0.51531 0.50651  7  DG D "O5'" 
755 C "C5'" . DG D 12 ? 4.16765 2.64032 5.50756 -1.23845 -0.59132 0.51238  7  DG D "C5'" 
756 C "C4'" . DG D 12 ? 4.19167 2.58664 5.44250 -1.18836 -0.62086 0.57671  7  DG D "C4'" 
757 O "O4'" . DG D 12 ? 4.06923 2.64333 5.39475 -1.21173 -0.63713 0.60964  7  DG D "O4'" 
758 C "C3'" . DG D 12 ? 4.28642 2.53620 5.41037 -1.16194 -0.56152 0.61006  7  DG D "C3'" 
759 O "O3'" . DG D 12 ? 4.38001 2.46635 5.39012 -1.09442 -0.59643 0.63381  7  DG D "O3'" 
760 C "C2'" . DG D 12 ? 4.19547 2.58048 5.35191 -1.18815 -0.53512 0.65201  7  DG D "C2'" 
761 C "C1'" . DG D 12 ? 4.08970 2.61829 5.33778 -1.19291 -0.60716 0.66324  7  DG D "C1'" 
762 N N9    . DG D 12 ? 3.96719 2.69801 5.30278 -1.23454 -0.58834 0.68560  7  DG D N9    
763 C C8    . DG D 12 ? 3.89380 2.78102 5.31194 -1.29198 -0.53125 0.65758  7  DG D C8    
764 N N7    . DG D 12 ? 3.79019 2.85174 5.26988 -1.31315 -0.52426 0.68669  7  DG D N7    
765 C C5    . DG D 12 ? 3.79704 2.80722 5.23659 -1.26946 -0.58289 0.74006  7  DG D C5    
766 C C6    . DG D 12 ? 3.71716 2.84884 5.19176 -1.26632 -0.60394 0.79158  7  DG D C6    
767 O O6    . DG D 12 ? 3.62179 2.93841 5.16711 -1.29903 -0.57240 0.80188  7  DG D O6    
768 N N1    . DG D 12 ? 3.76119 2.78242 5.17756 -1.21673 -0.66646 0.83064  7  DG D N1    
769 C C2    . DG D 12 ? 3.86727 2.69404 5.19685 -1.17295 -0.70123 0.81745  7  DG D C2    
770 N N2    . DG D 12 ? 3.89498 2.65069 5.17799 -1.12843 -0.75732 0.85139  7  DG D N2    
771 N N3    . DG D 12 ? 3.94354 2.65780 5.23430 -1.17137 -0.68051 0.77148  7  DG D N3    
772 C C4    . DG D 12 ? 3.90379 2.71453 5.25531 -1.22187 -0.62250 0.73667  7  DG D C4    
773 P P     . DT D 13 ? 4.51056 2.39863 5.36892 -1.04925 -0.53902 0.64905  8  DT D P     
774 O OP1   . DT D 13 ? 4.61466 2.35600 5.41006 -1.00314 -0.56610 0.62425  8  DT D OP1   
775 O OP2   . DT D 13 ? 4.51273 2.42436 5.37866 -1.09254 -0.45622 0.64304  8  DT D OP2   
776 O "O5'" . DT D 13 ? 4.50944 2.37673 5.29552 -1.00861 -0.55274 0.70255  8  DT D "O5'" 
777 C "C5'" . DT D 13 ? 4.47833 2.36728 5.27509 -0.97861 -0.63153 0.71595  8  DT D "C5'" 
778 C "C4'" . DT D 13 ? 4.43412 2.37326 5.21284 -0.96763 -0.63541 0.76407  8  DT D "C4'" 
779 O "O4'" . DT D 13 ? 4.30623 2.43336 5.20365 -1.02476 -0.63235 0.77729  8  DT D "O4'" 
780 C "C3'" . DT D 13 ? 4.51316 2.34783 5.17625 -0.93944 -0.56653 0.78961  8  DT D "C3'" 
781 O "O3'" . DT D 13 ? 4.56743 2.31513 5.14240 -0.88066 -0.59407 0.81083  8  DT D "O3'" 
782 C "C2'" . DT D 13 ? 4.42011 2.39427 5.14699 -0.98663 -0.52893 0.81656  8  DT D "C2'" 
783 C "C1'" . DT D 13 ? 4.29386 2.44078 5.15445 -1.02218 -0.59258 0.81819  8  DT D "C1'" 
784 N N1    . DT D 13 ? 4.18446 2.51058 5.15251 -1.08547 -0.55834 0.82375  8  DT D N1    
785 C C2    . DT D 13 ? 4.08167 2.55779 5.12258 -1.10154 -0.58369 0.86007  8  DT D C2    
786 O O2    . DT D 13 ? 4.07672 2.54080 5.10170 -1.06876 -0.63504 0.88818  8  DT D O2    
787 N N3    . DT D 13 ? 3.98588 2.63346 5.12079 -1.15716 -0.54413 0.86054  8  DT D N3    
788 C C4    . DT D 13 ? 3.98144 2.66653 5.14656 -1.20038 -0.48304 0.82388  8  DT D C4    
789 O O4    . DT D 13 ? 3.88987 2.74680 5.14019 -1.24800 -0.44738 0.82086  8  DT D O4    
790 C C5    . DT D 13 ? 4.09464 2.60810 5.18350 -1.18391 -0.46151 0.78697  8  DT D C5    
791 C C7    . DT D 13 ? 4.10561 2.63906 5.22279 -1.22974 -0.39586 0.74349  8  DT D C7    
792 C C6    . DT D 13 ? 4.19012 2.53415 5.18395 -1.12625 -0.49950 0.79091  8  DT D C6    
793 P P     . DG D 14 ? 4.60075 2.19186 5.08285 -0.82134 -0.61837 0.78897  9  DG D P     
794 O OP1   . DG D 14 ? 4.56293 2.19206 5.07808 -0.80369 -0.70394 0.78865  9  DG D OP1   
795 O OP2   . DG D 14 ? 4.65057 2.18671 5.13655 -0.83519 -0.59043 0.75425  9  DG D OP2   
796 O "O5'" . DG D 14 ? 4.69850 2.16589 5.04915 -0.76924 -0.56463 0.81300  9  DG D "O5'" 
797 C "C5'" . DG D 14 ? 4.72460 2.16941 5.03864 -0.78227 -0.48212 0.82761  9  DG D "C5'" 
798 C "C4'" . DG D 14 ? 4.85515 2.14255 5.06161 -0.73768 -0.42962 0.82185  9  DG D "C4'" 
799 O "O4'" . DG D 14 ? 4.87643 2.14781 5.10933 -0.77251 -0.38602 0.79885  9  DG D "O4'" 
800 C "C3'" . DG D 14 ? 4.92995 2.12125 5.08307 -0.68420 -0.47404 0.80682  9  DG D "C3'" 
801 O "O3'" . DG D 14 ? 4.95988 2.11295 5.04648 -0.63539 -0.48781 0.82903  9  DG D "O3'" 
802 C "C2'" . DG D 14 ? 5.03594 2.10960 5.13031 -0.66627 -0.41406 0.79685  9  DG D "C2'" 
803 C "C1'" . DG D 14 ? 4.98743 2.12603 5.15348 -0.73098 -0.37374 0.78367  9  DG D "C1'" 
804 N N9    . DG D 14 ? 4.97388 2.13100 5.20765 -0.75892 -0.40657 0.74543  9  DG D N9    
805 C C8    . DG D 14 ? 4.86693 2.15408 5.21578 -0.81243 -0.45102 0.72549  9  DG D C8    
806 N N7    . DG D 14 ? 4.88285 2.15589 5.27445 -0.82497 -0.47269 0.68901  9  DG D N7    
807 C C5    . DG D 14 ? 5.01083 2.13192 5.30696 -0.77667 -0.44045 0.68693  9  DG D C5    
808 C C6    . DG D 14 ? 5.08642 2.12532 5.37694 -0.76423 -0.44410 0.65624  9  DG D C6    
809 O O6    . DG D 14 ? 5.05533 2.13726 5.42449 -0.79401 -0.47828 0.62002  9  DG D O6    
810 N N1    . DG D 14 ? 5.21003 2.10754 5.39624 -0.70979 -0.40214 0.67211  9  DG D N1    
811 C C2    . DG D 14 ? 5.25080 2.09887 5.35459 -0.67255 -0.36244 0.71056  9  DG D C2    
812 N N2    . DG D 14 ? 5.36698 2.09039 5.39079 -0.62190 -0.32584 0.72405  9  DG D N2    
813 N N3    . DG D 14 ? 5.18208 2.10287 5.28832 -0.68326 -0.35925 0.73563  9  DG D N3    
814 C C4    . DG D 14 ? 5.06511 2.11867 5.26737 -0.73603 -0.39932 0.72261  9  DG D C4    
815 P P     . DG D 15 ? 4.93157 2.05547 5.00020 -0.59459 -0.56607 0.81642  10 DG D P     
816 O OP1   . DG D 15 ? 4.95037 2.05970 4.96981 -0.56124 -0.57879 0.84281  10 DG D OP1   
817 O OP2   . DG D 15 ? 4.84557 2.06577 5.01478 -0.63355 -0.63430 0.79482  10 DG D OP2   
818 O "O5'" . DG D 15 ? 5.05528 2.04631 5.05271 -0.55361 -0.55300 0.80236  10 DG D "O5'" 
819 C "C5'" . DG D 15 ? 5.16881 2.05221 5.07463 -0.51315 -0.51237 0.82714  10 DG D "C5'" 
820 C "C4'" . DG D 15 ? 5.26824 2.05104 5.13879 -0.49484 -0.48704 0.81584  10 DG D "C4'" 
821 O "O4'" . DG D 15 ? 5.21628 2.04182 5.15288 -0.54107 -0.45216 0.79225  10 DG D "O4'" 
822 C "C3'" . DG D 15 ? 5.32773 2.05408 5.17497 -0.46073 -0.55403 0.79618  10 DG D "C3'" 
823 O "O3'" . DG D 15 ? 5.43328 2.06924 5.19218 -0.40845 -0.56567 0.81750  10 DG D "O3'" 
824 C "C2'" . DG D 15 ? 5.36970 2.04933 5.23358 -0.47090 -0.52392 0.77538  10 DG D "C2'" 
825 C "C1'" . DG D 15 ? 5.28018 2.03962 5.21310 -0.52782 -0.46719 0.76806  10 DG D "C1'" 
826 N N9    . DG D 15 ? 5.19392 2.03658 5.21684 -0.57109 -0.50608 0.73317  10 DG D N9    
827 C C8    . DG D 15 ? 5.07564 2.04496 5.18060 -0.61732 -0.54246 0.72947  10 DG D C8    
828 N N7    . DG D 15 ? 5.02500 2.05283 5.21334 -0.65276 -0.58418 0.69917  10 DG D N7    
829 C C5    . DG D 15 ? 5.11996 2.04632 5.27396 -0.62800 -0.57416 0.67913  10 DG D C5    
830 C C6    . DG D 15 ? 5.12159 2.05170 5.33423 -0.64612 -0.60595 0.64196  10 DG D C6    
831 O O6    . DG D 15 ? 5.03410 2.06481 5.34667 -0.68882 -0.65056 0.61786  10 DG D O6    
832 N N1    . DG D 15 ? 5.24050 2.04513 5.39027 -0.60766 -0.58078 0.63494  10 DG D N1    
833 C C2    . DG D 15 ? 5.33969 2.03818 5.39039 -0.55907 -0.53186 0.66315  10 DG D C2    
834 N N2    . DG D 15 ? 5.44656 2.03903 5.45712 -0.52705 -0.51429 0.65637  10 DG D N2    
835 N N3    . DG D 15 ? 5.33499 2.03488 5.33540 -0.54197 -0.50257 0.69725  10 DG D N3    
836 C C4    . DG D 15 ? 5.22385 2.03748 5.27767 -0.57836 -0.52620 0.70163  10 DG D C4    
837 P P     . DC D 16 ? 5.74667 2.33810 5.46882 -0.36900 -0.64873 0.80206  11 DC D P     
838 O OP1   . DC D 16 ? 5.84233 2.35746 5.47625 -0.32307 -0.64921 0.82726  11 DC D OP1   
839 O OP2   . DC D 16 ? 5.63915 2.32923 5.43031 -0.39402 -0.71174 0.78068  11 DC D OP2   
840 O "O5'" . DC D 16 ? 5.81407 2.33906 5.53337 -0.35987 -0.64819 0.78167  11 DC D "O5'" 
841 C "C5'" . DC D 16 ? 5.92292 2.35047 5.58919 -0.33696 -0.59283 0.80020  11 DC D "C5'" 
842 C "C4'" . DC D 16 ? 5.96690 2.34962 5.65236 -0.33685 -0.59633 0.77666  11 DC D "C4'" 
843 O "O4'" . DC D 16 ? 5.85997 2.32873 5.63722 -0.38717 -0.59303 0.74709  11 DC D "O4'" 
844 C "C3'" . DC D 16 ? 6.02352 2.36240 5.67752 -0.30106 -0.67245 0.75849  11 DC D "C3'" 
845 O "O3'" . DC D 16 ? 6.12701 2.37483 5.75532 -0.27931 -0.65403 0.75780  11 DC D "O3'" 
846 C "C2'" . DC D 16 ? 5.90818 2.34466 5.64512 -0.33507 -0.72464 0.72277  11 DC D "C2'" 
847 C "C1'" . DC D 16 ? 5.84170 2.32713 5.64926 -0.38368 -0.66246 0.71452  11 DC D "C1'" 
848 N N1    . DC D 16 ? 5.69870 2.31101 5.59717 -0.43049 -0.68839 0.69225  11 DC D N1    
849 C C2    . DC D 16 ? 5.64789 2.30274 5.62074 -0.45899 -0.70480 0.65613  11 DC D C2    
850 O O2    . DC D 16 ? 5.72672 2.30718 5.68617 -0.44367 -0.69707 0.64227  11 DC D O2    
851 N N3    . DC D 16 ? 5.52760 2.30141 5.59027 -0.50529 -0.74270 0.64099  11 DC D N3    
852 C C4    . DC D 16 ? 5.45044 2.30076 5.52753 -0.51992 -0.75054 0.66076  11 DC D C4    
853 N N4    . DC D 16 ? 5.33576 2.30787 5.51089 -0.56679 -0.79301 0.65080  11 DC D N4    
854 C C5    . DC D 16 ? 5.49087 2.29875 5.48900 -0.48732 -0.71856 0.69349  11 DC D C5    
855 C C6    . DC D 16 ? 5.61964 2.30795 5.53183 -0.44515 -0.69566 0.70826  11 DC D C6    
# 
